data_9I7T
#
_entry.id   9I7T
#
_cell.length_a   1.00
_cell.length_b   1.00
_cell.length_c   1.00
_cell.angle_alpha   90.00
_cell.angle_beta   90.00
_cell.angle_gamma   90.00
#
_symmetry.space_group_name_H-M   'P 1'
#
loop_
_entity.id
_entity.type
_entity.pdbx_description
1 polymer 'Mitochondrial import receptor subunit tom22'
2 polymer 'Mitochondrial import receptor subunit Tom5'
3 polymer 'Mitochondrial import receptor subunit tom6'
4 polymer 'Import receptor subunit-like protein'
5 polymer Tom20
6 polymer 'Mitochondrial import receptor subunit (Tom40)-like protein'
7 non-polymer 1,2-DIACYL-SN-GLYCERO-3-PHOSPHOCHOLINE
8 non-polymer "2-[2-[(1~{S},2~{S},4~{S},5'~{R},6~{R},7~{S},8~{R},9~{S},12~{S},13~{R},16~{S})-5',7,9,13-tetramethylspiro[5-oxapentacyclo[10.8.0.0^{2,9}.0^{4,8}.0^{13,18}]icos-18-ene-6,2'-oxane]-16-yl]oxyethyl]propane-1,3-diol"
9 non-polymer 'DIUNDECYL PHOSPHATIDYL CHOLINE'
#
loop_
_entity_poly.entity_id
_entity_poly.type
_entity_poly.pdbx_seq_one_letter_code
_entity_poly.pdbx_strand_id
1 'polypeptide(L)'
;MVQLVEVEDEHFTQPQPGPEEDDDEYTDTDSEISTESNFDPSEETLADRLHALRDMVPPAYRGWIYHKYEQTTSAVRKAL
SFAGRAAWTVSVTALLVGVPFSLAYGEDQQYAAMEQEQRMRELGGEVLTAGAPGSQGGGLTAEQVNAALGRSEAKPALGS
DYKDHDGDYKDDDDK
;
C,D
2 'polypeptide(L)' MFGGCQPPQPSPEELRAAEAEAASTIQRAIATAAVLYLAPFIVDAVYKMF E,F
3 'polypeptide(L)'
;MPPKRVSYNSRRSLNPITGAYNALFVSENASIVRSVVAFGLAVTFLASGWAEAILSCVPSPLVSSRQQQPPLTDLQKPCV
NGLI
;
G,H
4 'polypeptide(L)' MLALSEESKVRRGPSLRTIRLGADSKQERISKLIEISRVVIHYGYLPMILYLGYTRSEPKPSIIRLLSPLS I,J
5 'polypeptide(L)'
;MSSSPSPAIVATAAVATLAAGVLAYAAYFDYQRRHNAEFRRQLRRNERRQARAEKDLAEASAKAQRQRIKQAVDEAKEEG
FPTSAEDKEAFFLEQVQAGEMMSADPSKHLEAALCFYKALKVYPTPGDLINIYDKTVSKPILDILAEMIAYDSSLRIGTA
YTGPAGVDVADLMREMGAVPGVGLD
;
K,L
6 'polypeptide(L)'
;MASSTNSPLAFLRSNPVFASLSDLYDAFQERRQKLGLSNPGLVENIAKEVQRDVLTTNLMFSGLRADLTKAFSLNPLFQV
SHQFAMGERLSPYTFAALYGTSKMFAQGNIDDQGNLSTTFNYRWTPSFTTKTRFQITPGATGQDMAQFEHEYSGADFTAT
IKALNPSFLEGGLTGIFVGQYLQSITPKLSLGLEAVWQRAGLTQGPDTAISYVGRYKTENWIASAQLQAQGALNASYWQR
LGEKVQAGVDMTLSVNPGAAMMGGPTKEGITTFGAKYDFRMSTFRAQIDTKGKLSCVLEKRVAAPVMMTFAADVDHFTQQ
AKVGVGISIEAGGEELQDQQPAPNIPF
;
A,B
#
loop_
_chem_comp.id
_chem_comp.type
_chem_comp.name
_chem_comp.formula
DU0 non-polymer 2-[2-[(1~{S},2~{S},4~{S},5'~{R},6~{R},7~{S},8~{R},9~{S},12~{S},13~{R},16~{S})-5',7,9,13-tetramethylspiro[5-oxapentacyclo[10.8.0.0^{2,9}.0^{4,8}.0^{13,18}]icos-18-ene-6,2'-oxane]-16-yl]oxyethyl]propane-1,3-diol 'C32 H52 O5'
PC1 non-polymer 1,2-DIACYL-SN-GLYCERO-3-PHOSPHOCHOLINE 'C44 H88 N O8 P'
PLC non-polymer 'DIUNDECYL PHOSPHATIDYL CHOLINE' 'C32 H65 N O8 P 1'
#
# COMPACT_ATOMS: atom_id res chain seq x y z
N ASP A 28 -2.01 -31.94 57.27
CA ASP A 28 -1.63 -33.34 57.15
C ASP A 28 -1.57 -33.99 58.53
N THR A 29 -2.74 -34.27 59.09
CA THR A 29 -2.86 -34.89 60.39
C THR A 29 -3.86 -36.04 60.31
N ASP A 30 -3.52 -37.16 60.94
CA ASP A 30 -4.39 -38.33 60.92
C ASP A 30 -5.78 -38.00 61.44
N SER A 31 -5.89 -37.08 62.40
CA SER A 31 -7.21 -36.69 62.91
C SER A 31 -7.97 -35.88 61.87
N GLU A 32 -7.27 -35.02 61.13
CA GLU A 32 -7.92 -34.24 60.08
C GLU A 32 -8.42 -35.16 58.97
N ILE A 33 -7.58 -36.10 58.55
CA ILE A 33 -7.97 -37.05 57.51
C ILE A 33 -9.06 -37.99 58.02
N SER A 34 -9.09 -38.24 59.34
CA SER A 34 -10.13 -39.08 59.93
C SER A 34 -11.52 -38.51 59.79
N THR A 35 -11.67 -37.23 59.44
CA THR A 35 -13.00 -36.65 59.29
C THR A 35 -13.81 -37.36 58.21
N GLU A 36 -13.15 -37.86 57.16
CA GLU A 36 -13.82 -38.64 56.14
C GLU A 36 -13.92 -40.11 56.60
N SER A 37 -14.51 -40.26 57.79
CA SER A 37 -14.60 -41.57 58.43
C SER A 37 -15.49 -42.52 57.64
N ASN A 38 -16.63 -42.03 57.15
CA ASN A 38 -17.61 -42.88 56.50
C ASN A 38 -17.85 -42.45 55.06
N PHE A 39 -18.10 -43.44 54.21
CA PHE A 39 -18.38 -43.27 52.79
C PHE A 39 -19.39 -44.33 52.39
N ASP A 40 -19.97 -44.16 51.21
CA ASP A 40 -21.00 -45.09 50.78
C ASP A 40 -21.01 -45.16 49.25
N PRO A 41 -21.28 -46.33 48.67
CA PRO A 41 -21.32 -46.42 47.21
C PRO A 41 -22.53 -45.74 46.59
N SER A 42 -23.69 -45.81 47.25
CA SER A 42 -24.90 -45.20 46.71
C SER A 42 -24.89 -43.70 46.89
N GLU A 43 -24.26 -43.21 47.97
CA GLU A 43 -24.22 -41.77 48.22
C GLU A 43 -23.52 -41.02 47.10
N GLU A 44 -22.57 -41.66 46.42
CA GLU A 44 -21.85 -41.00 45.34
C GLU A 44 -22.78 -40.63 44.21
N THR A 45 -22.67 -39.39 43.74
CA THR A 45 -23.44 -38.91 42.60
C THR A 45 -22.80 -39.41 41.31
N LEU A 46 -23.61 -39.45 40.24
CA LEU A 46 -23.10 -39.87 38.93
C LEU A 46 -21.86 -39.08 38.55
N ALA A 47 -21.90 -37.76 38.78
CA ALA A 47 -20.74 -36.92 38.52
C ALA A 47 -19.57 -37.31 39.41
N ASP A 48 -19.85 -37.61 40.68
CA ASP A 48 -18.79 -38.02 41.60
C ASP A 48 -18.16 -39.34 41.16
N ARG A 49 -18.99 -40.30 40.76
CA ARG A 49 -18.45 -41.57 40.28
C ARG A 49 -17.64 -41.36 39.01
N LEU A 50 -18.09 -40.46 38.14
CA LEU A 50 -17.31 -40.12 36.96
C LEU A 50 -16.04 -39.37 37.34
N HIS A 51 -16.14 -38.45 38.31
CA HIS A 51 -14.96 -37.73 38.76
C HIS A 51 -13.96 -38.66 39.42
N ALA A 52 -14.46 -39.70 40.10
CA ALA A 52 -13.59 -40.68 40.73
C ALA A 52 -12.64 -41.33 39.74
N LEU A 53 -13.07 -41.44 38.48
CA LEU A 53 -12.21 -42.02 37.45
C LEU A 53 -10.93 -41.20 37.29
N ARG A 54 -11.05 -39.87 37.32
CA ARG A 54 -9.86 -39.04 37.25
C ARG A 54 -8.99 -39.19 38.50
N ASP A 55 -9.62 -39.42 39.65
CA ASP A 55 -8.89 -39.60 40.89
C ASP A 55 -8.02 -40.85 40.86
N MET A 56 -8.36 -41.82 40.00
CA MET A 56 -7.59 -43.05 39.91
C MET A 56 -6.14 -42.76 39.53
N VAL A 57 -5.93 -41.84 38.61
CA VAL A 57 -4.57 -41.51 38.18
C VAL A 57 -3.88 -40.72 39.29
N PRO A 58 -2.64 -41.03 39.64
CA PRO A 58 -1.93 -40.26 40.66
C PRO A 58 -1.83 -38.80 40.25
N PRO A 59 -2.16 -37.87 41.14
CA PRO A 59 -2.12 -36.45 40.77
C PRO A 59 -0.74 -35.95 40.38
N ALA A 60 0.31 -36.43 41.04
CA ALA A 60 1.67 -36.00 40.69
C ALA A 60 2.03 -36.44 39.28
N TYR A 61 1.75 -37.70 38.94
CA TYR A 61 2.06 -38.20 37.61
C TYR A 61 1.17 -37.53 36.55
N ARG A 62 -0.14 -37.51 36.78
CA ARG A 62 -1.06 -36.89 35.82
C ARG A 62 -0.73 -35.43 35.60
N GLY A 63 -0.36 -34.71 36.66
CA GLY A 63 0.05 -33.32 36.50
C GLY A 63 1.32 -33.19 35.68
N TRP A 64 2.29 -34.09 35.91
CA TRP A 64 3.52 -34.06 35.14
C TRP A 64 3.31 -34.55 33.72
N ILE A 65 2.38 -35.48 33.52
CA ILE A 65 2.08 -35.94 32.17
C ILE A 65 1.34 -34.85 31.39
N TYR A 66 0.40 -34.18 32.05
CA TYR A 66 -0.33 -33.10 31.40
C TYR A 66 0.62 -31.98 30.97
N HIS A 67 1.62 -31.68 31.80
CA HIS A 67 2.60 -30.67 31.44
C HIS A 67 3.33 -31.05 30.16
N LYS A 68 3.83 -32.30 30.09
CA LYS A 68 4.48 -32.75 28.87
C LYS A 68 3.51 -32.72 27.70
N TYR A 69 2.24 -33.03 27.96
CA TYR A 69 1.25 -32.98 26.90
C TYR A 69 1.15 -31.59 26.31
N GLU A 70 1.17 -30.57 27.17
CA GLU A 70 1.12 -29.20 26.70
C GLU A 70 2.37 -28.86 25.89
N GLN A 71 3.53 -29.24 26.41
CA GLN A 71 4.78 -29.00 25.69
C GLN A 71 4.80 -29.75 24.36
N THR A 72 4.32 -31.00 24.35
CA THR A 72 4.32 -31.75 23.11
C THR A 72 3.35 -31.16 22.10
N THR A 73 2.16 -30.75 22.53
CA THR A 73 1.20 -30.19 21.59
C THR A 73 1.69 -28.86 21.03
N SER A 74 2.34 -28.04 21.86
CA SER A 74 2.87 -26.78 21.35
C SER A 74 3.99 -27.02 20.33
N ALA A 75 4.91 -27.93 20.64
CA ALA A 75 6.00 -28.21 19.71
C ALA A 75 5.49 -28.73 18.38
N VAL A 76 4.51 -29.63 18.40
CA VAL A 76 3.95 -30.16 17.16
C VAL A 76 3.28 -29.05 16.37
N ARG A 77 2.50 -28.20 17.05
CA ARG A 77 1.85 -27.09 16.34
C ARG A 77 2.88 -26.15 15.74
N LYS A 78 3.99 -25.92 16.43
CA LYS A 78 5.03 -25.09 15.84
C LYS A 78 5.61 -25.77 14.62
N ALA A 79 5.82 -27.07 14.70
CA ALA A 79 6.35 -27.80 13.55
C ALA A 79 5.39 -27.75 12.38
N LEU A 80 4.09 -27.94 12.62
CA LEU A 80 3.14 -27.88 11.52
C LEU A 80 3.09 -26.49 10.92
N SER A 81 3.16 -25.46 11.75
CA SER A 81 3.17 -24.10 11.23
C SER A 81 4.41 -23.86 10.39
N PHE A 82 5.56 -24.34 10.85
CA PHE A 82 6.77 -24.18 10.06
C PHE A 82 6.72 -24.98 8.77
N ALA A 83 6.28 -26.22 8.84
CA ALA A 83 6.16 -27.02 7.62
C ALA A 83 5.17 -26.38 6.67
N GLY A 84 4.04 -25.91 7.19
CA GLY A 84 3.08 -25.24 6.34
C GLY A 84 3.62 -23.96 5.75
N ARG A 85 4.30 -23.16 6.57
CA ARG A 85 4.87 -21.92 6.08
C ARG A 85 5.94 -22.20 5.03
N ALA A 86 6.67 -23.30 5.19
CA ALA A 86 7.69 -23.66 4.19
C ALA A 86 7.05 -24.07 2.87
N ALA A 87 6.02 -24.91 2.92
CA ALA A 87 5.38 -25.33 1.68
C ALA A 87 4.81 -24.13 0.93
N TRP A 88 4.26 -23.17 1.66
CA TRP A 88 3.76 -21.97 1.01
C TRP A 88 4.87 -21.20 0.33
N THR A 89 6.01 -21.05 1.01
CA THR A 89 7.14 -20.34 0.43
C THR A 89 7.63 -20.98 -0.85
N VAL A 90 7.80 -22.30 -0.85
CA VAL A 90 8.25 -22.98 -2.07
C VAL A 90 7.17 -22.92 -3.15
N SER A 91 5.91 -23.06 -2.76
CA SER A 91 4.83 -23.01 -3.74
C SER A 91 4.75 -21.65 -4.41
N VAL A 92 4.83 -20.57 -3.64
CA VAL A 92 4.76 -19.24 -4.23
C VAL A 92 5.99 -18.96 -5.07
N THR A 93 7.15 -19.43 -4.64
CA THR A 93 8.37 -19.22 -5.40
C THR A 93 8.29 -19.89 -6.76
N ALA A 94 7.86 -21.15 -6.80
CA ALA A 94 7.75 -21.83 -8.08
C ALA A 94 6.74 -21.15 -8.98
N LEU A 95 5.62 -20.70 -8.44
CA LEU A 95 4.64 -20.03 -9.29
C LEU A 95 5.15 -18.67 -9.76
N LEU A 96 5.63 -17.85 -8.82
CA LEU A 96 6.03 -16.49 -9.18
C LEU A 96 7.16 -16.46 -10.19
N VAL A 97 8.05 -17.45 -10.16
CA VAL A 97 9.15 -17.50 -11.10
C VAL A 97 8.83 -18.40 -12.28
N GLY A 98 8.23 -19.56 -12.02
CA GLY A 98 7.94 -20.49 -13.09
C GLY A 98 6.87 -20.04 -14.05
N VAL A 99 5.87 -19.31 -13.57
CA VAL A 99 4.76 -18.92 -14.44
C VAL A 99 5.25 -17.94 -15.50
N PRO A 100 5.82 -16.79 -15.16
CA PRO A 100 6.30 -15.92 -16.25
C PRO A 100 7.30 -16.63 -17.13
N PHE A 101 8.19 -17.41 -16.53
CA PHE A 101 9.20 -18.11 -17.31
C PHE A 101 8.59 -19.08 -18.29
N SER A 102 7.61 -19.88 -17.85
CA SER A 102 7.03 -20.85 -18.76
C SER A 102 6.38 -20.15 -19.95
N LEU A 103 5.75 -19.00 -19.73
CA LEU A 103 5.16 -18.28 -20.83
C LEU A 103 6.23 -17.68 -21.72
N ALA A 104 7.23 -17.02 -21.12
CA ALA A 104 8.28 -16.43 -21.93
C ALA A 104 9.04 -17.51 -22.68
N TYR A 105 9.40 -18.60 -22.00
CA TYR A 105 10.11 -19.66 -22.69
C TYR A 105 9.21 -20.31 -23.75
N GLY A 106 7.94 -20.51 -23.41
CA GLY A 106 7.02 -21.09 -24.37
C GLY A 106 6.84 -20.23 -25.60
N GLU A 107 6.67 -18.92 -25.41
CA GLU A 107 6.51 -18.03 -26.55
C GLU A 107 7.75 -18.04 -27.41
N ASP A 108 8.92 -18.10 -26.80
CA ASP A 108 10.16 -18.19 -27.56
C ASP A 108 10.17 -19.42 -28.45
N GLN A 109 9.69 -20.56 -27.93
CA GLN A 109 9.68 -21.78 -28.71
C GLN A 109 8.80 -21.68 -29.94
N GLN A 110 7.70 -20.93 -29.88
CA GLN A 110 6.85 -20.79 -31.06
C GLN A 110 7.59 -20.09 -32.18
N TYR A 111 8.31 -19.02 -31.87
CA TYR A 111 9.10 -18.33 -32.89
C TYR A 111 10.15 -19.27 -33.46
N ALA A 112 10.77 -20.10 -32.62
CA ALA A 112 11.73 -21.07 -33.11
C ALA A 112 11.07 -22.06 -34.07
N ALA A 113 9.84 -22.47 -33.76
CA ALA A 113 9.13 -23.39 -34.64
C ALA A 113 8.75 -22.72 -35.94
N MET A 114 8.17 -21.51 -35.87
CA MET A 114 7.79 -20.80 -37.08
C MET A 114 9.01 -20.45 -37.94
N GLU A 115 10.10 -20.05 -37.31
CA GLU A 115 11.31 -19.75 -38.07
C GLU A 115 11.89 -21.01 -38.72
N GLN A 116 11.77 -22.16 -38.05
CA GLN A 116 12.31 -23.39 -38.60
C GLN A 116 11.52 -23.85 -39.82
N GLU A 117 10.24 -23.49 -39.90
CA GLU A 117 9.45 -23.90 -41.05
C GLU A 117 9.83 -23.16 -42.33
N GLN A 118 10.64 -22.12 -42.23
CA GLN A 118 11.06 -21.38 -43.41
C GLN A 118 12.13 -22.16 -44.18
N PRO B 8 29.04 17.69 20.88
CA PRO B 8 29.44 19.08 21.13
C PRO B 8 30.26 19.71 20.02
N GLN B 9 30.37 21.02 20.05
CA GLN B 9 31.14 21.70 19.01
C GLN B 9 32.64 21.53 19.27
N PRO B 10 33.43 21.36 18.22
CA PRO B 10 34.87 21.18 18.41
C PRO B 10 35.63 22.48 18.63
N SER B 11 36.78 22.34 19.28
CA SER B 11 37.68 23.45 19.54
C SER B 11 38.51 23.73 18.28
N PRO B 12 39.07 24.94 18.16
CA PRO B 12 39.85 25.23 16.93
C PRO B 12 41.10 24.38 16.75
N GLU B 13 41.84 24.08 17.82
CA GLU B 13 43.02 23.24 17.63
C GLU B 13 42.65 21.83 17.22
N GLU B 14 41.52 21.32 17.73
CA GLU B 14 41.09 19.99 17.29
C GLU B 14 40.73 20.01 15.81
N LEU B 15 40.13 21.12 15.36
CA LEU B 15 39.82 21.25 13.94
C LEU B 15 41.09 21.24 13.11
N ARG B 16 42.12 21.96 13.56
CA ARG B 16 43.39 21.99 12.86
C ARG B 16 44.03 20.60 12.84
N ALA B 17 43.85 19.84 13.92
CA ALA B 17 44.34 18.47 13.94
C ALA B 17 43.60 17.61 12.92
N ALA B 18 42.28 17.75 12.85
CA ALA B 18 41.50 16.99 11.88
C ALA B 18 41.86 17.39 10.46
N GLU B 19 41.98 18.69 10.20
CA GLU B 19 42.32 19.15 8.85
C GLU B 19 43.65 18.58 8.39
N ALA B 20 44.64 18.54 9.28
CA ALA B 20 45.94 17.97 8.89
C ALA B 20 45.85 16.47 8.66
N GLU B 21 45.20 15.75 9.57
CA GLU B 21 45.04 14.32 9.40
C GLU B 21 44.36 13.96 8.07
N ALA B 22 43.23 14.61 7.79
CA ALA B 22 42.51 14.33 6.55
C ALA B 22 43.37 14.58 5.32
N ALA B 23 44.08 15.70 5.30
CA ALA B 23 44.94 16.00 4.16
C ALA B 23 46.02 14.93 4.02
N SER B 24 46.61 14.52 5.13
CA SER B 24 47.64 13.49 5.09
C SER B 24 47.10 12.18 4.54
N THR B 25 45.85 11.84 4.88
CA THR B 25 45.26 10.60 4.37
C THR B 25 45.14 10.64 2.86
N ILE B 26 44.59 11.74 2.32
CA ILE B 26 44.44 11.84 0.87
C ILE B 26 45.81 11.90 0.19
N GLN B 27 46.80 12.52 0.82
CA GLN B 27 48.12 12.52 0.23
C GLN B 27 48.68 11.11 0.16
N ARG B 28 48.41 10.30 1.18
CA ARG B 28 48.82 8.90 1.12
C ARG B 28 48.05 8.16 0.04
N ALA B 29 46.81 8.56 -0.22
CA ALA B 29 46.03 7.92 -1.27
C ALA B 29 46.65 8.21 -2.63
N ILE B 30 46.94 9.46 -2.92
CA ILE B 30 47.54 9.81 -4.20
C ILE B 30 48.88 9.10 -4.35
N ALA B 31 49.59 8.89 -3.25
CA ALA B 31 50.82 8.12 -3.32
C ALA B 31 50.55 6.69 -3.76
N THR B 32 49.43 6.12 -3.30
CA THR B 32 49.06 4.78 -3.76
C THR B 32 48.64 4.82 -5.22
N ALA B 33 47.90 5.86 -5.61
CA ALA B 33 47.49 5.99 -6.99
C ALA B 33 48.68 6.04 -7.93
N ALA B 34 49.74 6.75 -7.52
CA ALA B 34 50.95 6.77 -8.33
C ALA B 34 51.54 5.38 -8.46
N VAL B 35 51.48 4.60 -7.37
CA VAL B 35 51.95 3.23 -7.43
C VAL B 35 51.13 2.42 -8.43
N LEU B 36 49.81 2.62 -8.40
CA LEU B 36 48.95 1.92 -9.36
C LEU B 36 49.31 2.30 -10.78
N TYR B 37 49.54 3.58 -11.05
CA TYR B 37 49.90 3.99 -12.40
C TYR B 37 51.20 3.34 -12.83
N LEU B 38 52.11 3.11 -11.89
CA LEU B 38 53.38 2.46 -12.13
C LEU B 38 53.32 0.95 -11.93
N ALA B 39 52.27 0.45 -11.30
CA ALA B 39 52.14 -0.99 -11.03
C ALA B 39 52.24 -1.94 -12.22
N PRO B 40 51.65 -1.70 -13.40
CA PRO B 40 51.79 -2.72 -14.47
C PRO B 40 53.23 -3.02 -14.87
N PHE B 41 54.13 -2.05 -14.88
CA PHE B 41 55.51 -2.37 -15.23
C PHE B 41 56.14 -3.29 -14.19
N ILE B 42 55.74 -3.14 -12.92
CA ILE B 42 56.25 -4.05 -11.90
C ILE B 42 55.76 -5.46 -12.15
N VAL B 43 54.48 -5.61 -12.48
CA VAL B 43 53.90 -6.92 -12.76
C VAL B 43 54.54 -7.56 -13.98
N ASP B 44 54.93 -6.73 -14.96
CA ASP B 44 55.61 -7.27 -16.13
C ASP B 44 56.92 -7.94 -15.75
N ALA B 45 57.67 -7.32 -14.83
CA ALA B 45 58.93 -7.88 -14.39
C ALA B 45 58.73 -9.28 -13.80
N VAL B 46 57.64 -9.46 -13.06
CA VAL B 46 57.39 -10.75 -12.42
C VAL B 46 57.28 -11.86 -13.45
N TYR B 47 56.56 -11.61 -14.54
CA TYR B 47 56.51 -12.62 -15.60
C TYR B 47 57.88 -12.86 -16.21
N LYS B 48 58.76 -11.85 -16.15
CA LYS B 48 60.10 -11.99 -16.69
C LYS B 48 61.11 -12.45 -15.65
N MET B 49 60.72 -12.55 -14.37
CA MET B 49 61.64 -13.01 -13.34
C MET B 49 61.90 -14.51 -13.44
N PHE B 50 60.98 -15.26 -14.02
CA PHE B 50 61.11 -16.70 -14.13
C PHE B 50 61.54 -17.11 -15.54
N PRO C 16 28.86 -31.11 17.69
CA PRO C 16 29.03 -30.67 16.30
C PRO C 16 28.12 -29.51 15.95
N ILE C 17 26.81 -29.78 15.91
CA ILE C 17 25.83 -28.75 15.57
C ILE C 17 25.92 -27.58 16.55
N THR C 18 26.12 -27.88 17.83
CA THR C 18 26.23 -26.82 18.83
C THR C 18 27.37 -25.87 18.49
N GLY C 19 28.48 -26.40 17.99
CA GLY C 19 29.58 -25.53 17.61
C GLY C 19 29.39 -24.84 16.28
N ALA C 20 28.40 -25.27 15.50
CA ALA C 20 28.05 -24.69 14.22
C ALA C 20 26.80 -23.83 14.27
N TYR C 21 25.75 -24.31 14.95
CA TYR C 21 24.50 -23.57 15.04
C TYR C 21 24.70 -22.23 15.73
N ASN C 22 25.50 -22.21 16.80
CA ASN C 22 25.73 -20.97 17.52
C ASN C 22 26.34 -19.91 16.59
N ALA C 23 27.37 -20.29 15.84
CA ALA C 23 27.99 -19.36 14.91
C ALA C 23 27.14 -19.15 13.66
N LEU C 24 26.06 -19.92 13.49
CA LEU C 24 25.23 -19.81 12.30
C LEU C 24 23.86 -19.19 12.53
N PHE C 25 23.32 -19.26 13.73
CA PHE C 25 21.98 -18.70 13.95
C PHE C 25 21.82 -17.87 15.21
N VAL C 26 22.73 -17.93 16.19
CA VAL C 26 22.53 -17.19 17.42
C VAL C 26 23.83 -16.50 17.84
N SER C 27 24.39 -15.70 16.93
CA SER C 27 25.60 -14.95 17.24
C SER C 27 25.50 -13.56 16.63
N GLU C 28 26.34 -12.66 17.15
CA GLU C 28 26.34 -11.28 16.68
C GLU C 28 26.65 -11.18 15.19
N ASN C 29 27.40 -12.16 14.66
CA ASN C 29 27.80 -12.18 13.26
C ASN C 29 27.01 -13.21 12.46
N ALA C 30 25.92 -13.74 13.01
CA ALA C 30 25.15 -14.76 12.31
C ALA C 30 24.77 -14.30 10.91
N SER C 31 24.40 -13.03 10.77
CA SER C 31 24.04 -12.52 9.45
C SER C 31 25.24 -12.47 8.51
N ILE C 32 26.43 -12.18 9.04
CA ILE C 32 27.61 -12.16 8.19
C ILE C 32 27.95 -13.57 7.72
N VAL C 33 27.93 -14.54 8.63
CA VAL C 33 28.25 -15.91 8.25
C VAL C 33 27.24 -16.45 7.26
N ARG C 34 25.95 -16.18 7.50
CA ARG C 34 24.91 -16.66 6.60
C ARG C 34 25.08 -16.07 5.21
N SER C 35 25.39 -14.78 5.14
CA SER C 35 25.60 -14.15 3.84
C SER C 35 26.85 -14.70 3.16
N VAL C 36 27.92 -14.91 3.92
CA VAL C 36 29.15 -15.43 3.34
C VAL C 36 28.96 -16.87 2.88
N VAL C 37 28.30 -17.70 3.70
CA VAL C 37 28.10 -19.08 3.31
C VAL C 37 27.26 -19.16 2.05
N ALA C 38 26.19 -18.37 1.99
CA ALA C 38 25.34 -18.38 0.80
C ALA C 38 26.15 -17.99 -0.43
N PHE C 39 27.07 -17.04 -0.27
CA PHE C 39 27.93 -16.66 -1.38
C PHE C 39 28.82 -17.82 -1.81
N GLY C 40 29.37 -18.55 -0.84
CA GLY C 40 30.21 -19.69 -1.19
C GLY C 40 29.52 -20.72 -2.05
N LEU C 41 28.27 -21.03 -1.74
CA LEU C 41 27.53 -22.00 -2.54
C LEU C 41 27.27 -21.48 -3.95
N ALA C 42 26.77 -20.25 -4.04
CA ALA C 42 26.43 -19.69 -5.34
C ALA C 42 27.62 -19.69 -6.29
N VAL C 43 28.79 -19.27 -5.81
CA VAL C 43 29.95 -19.26 -6.69
C VAL C 43 30.29 -20.67 -7.14
N THR C 44 30.24 -21.64 -6.23
CA THR C 44 30.53 -23.01 -6.63
C THR C 44 29.49 -23.50 -7.62
N PHE C 45 28.21 -23.18 -7.35
CA PHE C 45 27.14 -23.60 -8.23
C PHE C 45 27.34 -23.07 -9.65
N LEU C 46 27.83 -21.84 -9.77
CA LEU C 46 28.06 -21.29 -11.09
C LEU C 46 29.32 -21.89 -11.73
N ALA C 47 30.44 -21.80 -11.03
CA ALA C 47 31.72 -22.20 -11.59
C ALA C 47 31.77 -23.70 -11.90
N SER C 48 31.07 -24.52 -11.12
CA SER C 48 31.16 -25.96 -11.36
C SER C 48 30.47 -26.42 -12.63
N GLY C 49 29.78 -25.54 -13.34
CA GLY C 49 29.11 -25.95 -14.55
C GLY C 49 27.76 -26.55 -14.33
N TRP C 50 27.37 -26.79 -13.08
CA TRP C 50 26.05 -27.32 -12.79
C TRP C 50 24.95 -26.36 -13.24
N ALA C 51 25.17 -25.07 -13.06
CA ALA C 51 24.16 -24.10 -13.47
C ALA C 51 23.88 -24.19 -14.96
N GLU C 52 24.92 -24.32 -15.77
CA GLU C 52 24.69 -24.44 -17.21
C GLU C 52 23.93 -25.71 -17.54
N ALA C 53 24.18 -26.76 -16.77
CA ALA C 53 23.49 -28.02 -16.95
C ALA C 53 22.09 -27.99 -16.36
N ILE C 54 21.77 -26.99 -15.54
CA ILE C 54 20.49 -26.90 -14.87
C ILE C 54 19.66 -25.72 -15.39
N LEU C 55 20.26 -24.55 -15.52
CA LEU C 55 19.50 -23.38 -15.93
C LEU C 55 19.40 -23.20 -17.43
N SER C 56 19.98 -24.09 -18.23
CA SER C 56 19.89 -23.90 -19.67
C SER C 56 19.60 -25.22 -20.37
N LEU D 21 39.52 37.83 4.43
CA LEU D 21 39.18 36.78 3.48
C LEU D 21 38.24 37.30 2.40
N GLY D 22 36.95 37.17 2.64
CA GLY D 22 35.94 37.64 1.71
C GLY D 22 35.07 38.70 2.36
N ALA D 23 34.74 39.74 1.59
CA ALA D 23 33.88 40.79 2.12
C ALA D 23 32.45 40.30 2.24
N ASP D 24 31.78 40.73 3.31
CA ASP D 24 30.39 40.34 3.51
C ASP D 24 29.51 40.83 2.38
N SER D 25 29.76 42.06 1.91
CA SER D 25 28.99 42.57 0.78
C SER D 25 29.24 41.74 -0.47
N LYS D 26 30.49 41.28 -0.66
CA LYS D 26 30.78 40.44 -1.80
C LYS D 26 30.04 39.11 -1.69
N GLN D 27 30.02 38.53 -0.49
CA GLN D 27 29.32 37.27 -0.29
C GLN D 27 27.82 37.44 -0.57
N GLU D 28 27.26 38.57 -0.18
CA GLU D 28 25.85 38.84 -0.48
C GLU D 28 25.63 38.91 -1.98
N ARG D 29 26.51 39.62 -2.69
CA ARG D 29 26.36 39.72 -4.13
C ARG D 29 26.56 38.36 -4.80
N ILE D 30 27.58 37.61 -4.36
CA ILE D 30 27.83 36.30 -4.94
C ILE D 30 26.66 35.37 -4.66
N SER D 31 26.13 35.40 -3.44
CA SER D 31 24.97 34.57 -3.14
C SER D 31 23.79 34.96 -4.00
N LYS D 32 23.63 36.25 -4.26
CA LYS D 32 22.54 36.70 -5.13
C LYS D 32 22.72 36.14 -6.53
N LEU D 33 23.97 36.05 -6.99
CA LEU D 33 24.24 35.50 -8.31
C LEU D 33 23.80 34.05 -8.40
N ILE D 34 24.03 33.27 -7.33
CA ILE D 34 23.58 31.88 -7.32
C ILE D 34 22.07 31.81 -7.38
N GLU D 35 21.39 32.63 -6.59
CA GLU D 35 19.93 32.64 -6.60
C GLU D 35 19.41 32.97 -7.99
N ILE D 36 20.02 33.97 -8.64
CA ILE D 36 19.58 34.34 -9.97
C ILE D 36 19.87 33.20 -10.94
N SER D 37 21.05 32.61 -10.85
CA SER D 37 21.38 31.49 -11.73
C SER D 37 20.43 30.33 -11.50
N ARG D 38 20.06 30.11 -10.24
CA ARG D 38 19.11 29.05 -9.91
C ARG D 38 17.78 29.27 -10.61
N VAL D 39 17.26 30.49 -10.54
CA VAL D 39 15.96 30.77 -11.17
C VAL D 39 16.03 30.60 -12.67
N VAL D 40 17.10 31.10 -13.31
CA VAL D 40 17.22 30.98 -14.75
C VAL D 40 17.23 29.52 -15.18
N ILE D 41 18.04 28.70 -14.51
CA ILE D 41 18.11 27.29 -14.88
C ILE D 41 16.76 26.61 -14.66
N HIS D 42 16.06 26.98 -13.59
CA HIS D 42 14.77 26.37 -13.31
C HIS D 42 13.79 26.61 -14.44
N TYR D 43 13.73 27.85 -14.94
CA TYR D 43 12.79 28.18 -16.00
C TYR D 43 13.34 27.97 -17.39
N GLY D 44 14.62 28.26 -17.59
CA GLY D 44 15.16 28.25 -18.94
C GLY D 44 15.79 26.99 -19.46
N TYR D 45 16.11 26.03 -18.59
CA TYR D 45 16.88 24.88 -19.04
C TYR D 45 16.10 24.02 -20.02
N LEU D 46 14.86 23.67 -19.66
CA LEU D 46 14.05 22.86 -20.57
C LEU D 46 13.75 23.57 -21.87
N PRO D 47 13.26 24.81 -21.88
CA PRO D 47 13.06 25.49 -23.18
C PRO D 47 14.31 25.54 -24.02
N MET D 48 15.47 25.65 -23.39
CA MET D 48 16.72 25.66 -24.15
C MET D 48 16.92 24.35 -24.91
N ILE D 49 16.70 23.22 -24.24
CA ILE D 49 16.89 21.93 -24.91
C ILE D 49 15.95 21.80 -26.11
N LEU D 50 14.69 22.18 -25.94
CA LEU D 50 13.77 22.11 -27.06
C LEU D 50 14.20 23.03 -28.19
N TYR D 51 14.73 24.20 -27.87
CA TYR D 51 15.20 25.09 -28.93
C TYR D 51 16.36 24.48 -29.68
N LEU D 52 17.31 23.88 -28.97
CA LEU D 52 18.42 23.27 -29.68
C LEU D 52 17.92 22.17 -30.60
N GLY D 53 17.04 21.31 -30.10
CA GLY D 53 16.51 20.26 -30.93
C GLY D 53 15.71 20.81 -32.10
N TYR D 54 14.73 21.66 -31.79
CA TYR D 54 13.84 22.19 -32.83
C TYR D 54 14.62 22.86 -33.95
N THR D 55 15.69 23.57 -33.62
CA THR D 55 16.45 24.27 -34.65
C THR D 55 17.51 23.42 -35.31
N ARG D 56 17.97 22.35 -34.66
CA ARG D 56 19.03 21.53 -35.21
C ARG D 56 18.57 20.15 -35.64
N SER D 57 17.33 19.76 -35.35
CA SER D 57 16.89 18.44 -35.75
C SER D 57 16.88 18.29 -37.28
N GLU D 58 16.95 17.04 -37.72
CA GLU D 58 16.95 16.71 -39.14
C GLU D 58 15.95 15.59 -39.38
N PRO D 59 14.77 15.89 -39.93
CA PRO D 59 14.25 17.18 -40.36
C PRO D 59 13.75 18.02 -39.19
N LYS D 60 13.12 19.15 -39.48
CA LYS D 60 12.54 19.99 -38.45
C LYS D 60 11.07 19.64 -38.29
N PRO D 61 10.62 19.29 -37.09
CA PRO D 61 9.22 18.90 -36.91
C PRO D 61 8.30 20.12 -36.89
N SER D 62 7.00 19.84 -36.96
CA SER D 62 6.02 20.90 -36.85
C SER D 62 5.89 21.37 -35.41
N ILE D 63 5.59 22.65 -35.23
CA ILE D 63 5.48 23.25 -33.90
C ILE D 63 4.45 22.49 -33.07
N ILE D 64 3.37 22.04 -33.71
CA ILE D 64 2.36 21.27 -32.98
C ILE D 64 2.91 19.88 -32.68
N ARG D 65 3.56 19.27 -33.67
CA ARG D 65 4.13 17.94 -33.51
C ARG D 65 5.33 17.95 -32.57
N LEU D 66 6.05 19.08 -32.51
CA LEU D 66 7.24 19.20 -31.67
C LEU D 66 7.04 18.71 -30.23
N LEU D 67 5.83 18.82 -29.70
CA LEU D 67 5.56 18.30 -28.36
C LEU D 67 4.35 17.39 -28.34
N SER D 68 4.00 16.83 -29.45
CA SER D 68 2.90 15.87 -29.41
C SER D 68 3.42 14.53 -28.91
N PRO D 69 2.66 13.86 -28.05
CA PRO D 69 3.19 12.62 -27.48
C PRO D 69 3.24 11.50 -28.50
N LEU D 70 2.17 11.35 -29.29
CA LEU D 70 2.09 10.27 -30.28
C LEU D 70 1.41 10.65 -31.58
N SER D 71 0.85 11.85 -31.72
CA SER D 71 0.16 12.22 -32.95
C SER D 71 1.14 12.58 -34.06
N VAL E 22 -8.59 -54.24 34.04
CA VAL E 22 -8.62 -52.92 34.64
C VAL E 22 -9.94 -52.72 35.37
N LEU E 23 -11.05 -53.14 34.74
CA LEU E 23 -12.37 -52.97 35.34
C LEU E 23 -12.47 -53.74 36.65
N ALA E 24 -11.92 -54.96 36.69
CA ALA E 24 -11.93 -55.73 37.94
C ALA E 24 -11.14 -55.02 39.02
N TYR E 25 -9.98 -54.48 38.67
CA TYR E 25 -9.19 -53.71 39.64
C TYR E 25 -9.92 -52.43 40.02
N ALA E 26 -10.52 -51.76 39.04
CA ALA E 26 -11.27 -50.54 39.32
C ALA E 26 -12.45 -50.81 40.24
N ALA E 27 -13.16 -51.91 40.03
CA ALA E 27 -14.26 -52.27 40.91
C ALA E 27 -13.74 -52.54 42.33
N TYR E 28 -12.64 -53.28 42.44
CA TYR E 28 -12.05 -53.51 43.76
C TYR E 28 -11.55 -52.21 44.35
N PHE E 29 -10.91 -51.37 43.54
CA PHE E 29 -10.45 -50.07 44.00
C PHE E 29 -11.62 -49.21 44.45
N ASP E 30 -12.69 -49.19 43.65
CA ASP E 30 -13.88 -48.43 44.02
C ASP E 30 -14.54 -49.02 45.26
N TYR E 31 -14.64 -50.35 45.33
CA TYR E 31 -15.22 -50.98 46.51
C TYR E 31 -14.39 -50.68 47.75
N GLN E 32 -13.06 -50.80 47.65
CA GLN E 32 -12.20 -50.49 48.78
C GLN E 32 -12.31 -49.01 49.15
N ARG E 33 -12.27 -48.13 48.15
CA ARG E 33 -12.39 -46.71 48.43
C ARG E 33 -13.72 -46.38 49.10
N ARG E 34 -14.80 -47.04 48.66
CA ARG E 34 -16.10 -46.73 49.23
C ARG E 34 -16.26 -47.29 50.64
N HIS E 35 -15.85 -48.54 50.85
CA HIS E 35 -16.09 -49.21 52.12
C HIS E 35 -14.91 -49.18 53.09
N ASN E 36 -13.68 -48.99 52.61
CA ASN E 36 -12.51 -48.98 53.48
C ASN E 36 -12.07 -47.53 53.67
N ALA E 37 -12.26 -47.01 54.89
CA ALA E 37 -11.84 -45.65 55.19
C ALA E 37 -10.33 -45.50 55.15
N GLU E 38 -9.59 -46.53 55.56
CA GLU E 38 -8.13 -46.45 55.54
C GLU E 38 -7.62 -46.30 54.11
N PHE E 39 -8.27 -46.97 53.16
CA PHE E 39 -7.87 -46.85 51.77
C PHE E 39 -8.05 -45.42 51.29
N ARG E 40 -9.19 -44.80 51.64
CA ARG E 40 -9.39 -43.39 51.34
C ARG E 40 -8.36 -42.52 52.05
N ARG E 41 -8.11 -42.80 53.33
CA ARG E 41 -7.18 -41.99 54.11
C ARG E 41 -5.78 -42.02 53.52
N GLN E 42 -5.33 -43.19 53.08
CA GLN E 42 -4.01 -43.27 52.44
C GLN E 42 -3.99 -42.45 51.17
N LEU E 43 -5.02 -42.60 50.33
CA LEU E 43 -5.11 -41.82 49.11
C LEU E 43 -5.29 -40.34 49.43
N ARG E 44 -6.20 -40.03 50.36
CA ARG E 44 -6.45 -38.64 50.72
C ARG E 44 -5.18 -37.98 51.27
N ARG E 45 -4.40 -38.72 52.07
CA ARG E 45 -3.16 -38.18 52.58
C ARG E 45 -2.21 -37.85 51.44
N ASN E 46 -2.13 -38.72 50.44
CA ASN E 46 -1.29 -38.45 49.28
C ASN E 46 -1.85 -37.26 48.51
N GLU E 47 -3.17 -37.21 48.36
CA GLU E 47 -3.81 -36.11 47.67
C GLU E 47 -3.59 -34.80 48.43
N ARG E 48 -3.79 -34.83 49.76
CA ARG E 48 -3.55 -33.65 50.57
C ARG E 48 -2.10 -33.21 50.48
N ARG E 49 -1.17 -34.18 50.49
CA ARG E 49 0.24 -33.86 50.36
C ARG E 49 0.53 -33.19 49.02
N GLN E 50 -0.08 -33.68 47.94
CA GLN E 50 0.12 -33.05 46.65
C GLN E 50 -0.47 -31.64 46.59
N ALA E 51 -1.65 -31.46 47.19
CA ALA E 51 -2.25 -30.13 47.23
C ALA E 51 -1.33 -29.13 47.90
N ARG E 52 -0.66 -29.55 48.97
CA ARG E 52 0.31 -28.69 49.64
C ARG E 52 1.47 -28.34 48.73
N ALA E 53 2.02 -29.35 48.03
CA ALA E 53 3.15 -29.12 47.14
C ALA E 53 2.80 -28.15 46.03
N GLU E 54 1.58 -28.26 45.48
CA GLU E 54 1.18 -27.37 44.40
C GLU E 54 1.08 -25.93 44.88
N LYS E 55 0.55 -25.72 46.09
CA LYS E 55 0.50 -24.38 46.65
C LYS E 55 1.89 -23.83 46.91
N ASP E 56 2.77 -24.65 47.50
CA ASP E 56 4.14 -24.21 47.76
C ASP E 56 4.86 -23.87 46.46
N LEU E 57 4.62 -24.64 45.41
CA LEU E 57 5.24 -24.35 44.11
C LEU E 57 4.76 -23.02 43.55
N ALA E 58 3.47 -22.75 43.65
CA ALA E 58 2.92 -21.48 43.16
C ALA E 58 3.52 -20.29 43.91
N GLU E 59 3.59 -20.38 45.23
CA GLU E 59 4.14 -19.31 46.03
C GLU E 59 5.60 -19.02 45.68
N ALA E 60 6.40 -20.06 45.46
CA ALA E 60 7.79 -19.86 45.08
C ALA E 60 7.91 -19.14 43.74
N SER E 61 7.07 -19.49 42.77
CA SER E 61 7.12 -18.83 41.46
C SER E 61 6.74 -17.36 41.55
N ALA E 62 5.71 -17.03 42.33
CA ALA E 62 5.31 -15.63 42.46
C ALA E 62 6.39 -14.78 43.13
N LYS E 63 7.01 -15.31 44.19
CA LYS E 63 8.07 -14.56 44.85
C LYS E 63 9.27 -14.35 43.91
N ALA E 64 9.63 -15.37 43.14
CA ALA E 64 10.71 -15.22 42.17
C ALA E 64 10.34 -14.18 41.10
N GLN E 65 9.10 -14.23 40.62
CA GLN E 65 8.62 -13.23 39.67
C GLN E 65 8.63 -11.85 40.30
N ARG E 66 8.18 -11.75 41.55
CA ARG E 66 8.22 -10.48 42.27
C ARG E 66 9.64 -9.94 42.36
N GLN E 67 10.61 -10.81 42.58
CA GLN E 67 12.00 -10.38 42.61
C GLN E 67 12.45 -9.82 41.26
N ARG E 68 12.04 -10.47 40.16
CA ARG E 68 12.41 -9.94 38.85
C ARG E 68 11.81 -8.56 38.63
N ILE E 69 10.57 -8.36 39.04
CA ILE E 69 9.95 -7.05 38.94
C ILE E 69 10.71 -6.05 39.80
N LYS E 70 10.99 -6.43 41.04
CA LYS E 70 11.79 -5.57 41.92
C LYS E 70 13.16 -5.33 41.33
N GLN E 71 13.79 -6.39 40.80
CA GLN E 71 15.08 -6.26 40.14
C GLN E 71 15.03 -5.29 38.96
N ALA E 72 13.96 -5.37 38.16
CA ALA E 72 13.85 -4.51 36.98
C ALA E 72 13.83 -3.04 37.37
N VAL E 73 13.10 -2.69 38.43
CA VAL E 73 13.10 -1.31 38.89
C VAL E 73 14.49 -0.92 39.40
N ASP E 74 15.12 -1.84 40.15
CA ASP E 74 16.48 -1.59 40.63
C ASP E 74 17.46 -1.44 39.48
N GLU E 75 17.32 -2.28 38.45
CA GLU E 75 18.20 -2.19 37.28
C GLU E 75 18.05 -0.84 36.59
N ALA E 76 16.82 -0.36 36.48
CA ALA E 76 16.60 0.95 35.85
C ALA E 76 17.24 2.07 36.65
N LYS E 77 17.26 1.94 37.99
CA LYS E 77 17.88 2.95 38.83
C LYS E 77 19.38 3.03 38.58
N GLU E 78 20.02 1.88 38.36
CA GLU E 78 21.46 1.88 38.12
C GLU E 78 21.79 2.50 36.77
N GLU E 79 20.97 2.21 35.76
CA GLU E 79 21.19 2.78 34.43
C GLU E 79 20.94 4.28 34.43
N GLY E 80 20.09 4.77 35.33
CA GLY E 80 19.80 6.18 35.43
C GLY E 80 18.86 6.67 34.34
N PHE E 81 18.44 7.91 34.50
CA PHE E 81 17.51 8.55 33.58
C PHE E 81 18.08 9.88 33.11
N PRO E 82 17.76 10.29 31.87
CA PRO E 82 18.27 11.57 31.38
C PRO E 82 17.70 12.74 32.17
N THR E 83 18.50 13.81 32.25
CA THR E 83 18.12 15.01 32.99
C THR E 83 17.67 16.16 32.09
N SER E 84 18.22 16.28 30.89
CA SER E 84 17.85 17.37 30.00
C SER E 84 16.50 17.10 29.36
N ALA E 85 15.78 18.18 29.04
CA ALA E 85 14.46 18.04 28.42
C ALA E 85 14.54 17.33 27.08
N GLU E 86 15.53 17.67 26.26
CA GLU E 86 15.67 17.02 24.96
C GLU E 86 15.98 15.54 25.11
N ASP E 87 16.89 15.19 26.03
CA ASP E 87 17.18 13.79 26.27
C ASP E 87 16.00 13.07 26.92
N LYS E 88 15.28 13.77 27.81
CA LYS E 88 14.11 13.17 28.44
C LYS E 88 13.03 12.87 27.41
N GLU E 89 12.78 13.80 26.49
CA GLU E 89 11.80 13.58 25.44
C GLU E 89 12.22 12.43 24.53
N ALA E 90 13.48 12.44 24.09
CA ALA E 90 13.98 11.37 23.24
C ALA E 90 13.93 10.03 23.97
N PHE E 91 14.36 10.01 25.23
CA PHE E 91 14.31 8.79 26.02
C PHE E 91 12.86 8.35 26.25
N PHE E 92 11.97 9.30 26.54
CA PHE E 92 10.57 8.96 26.73
C PHE E 92 9.98 8.31 25.47
N LEU E 93 10.19 8.94 24.31
CA LEU E 93 9.71 8.38 23.06
C LEU E 93 10.32 7.01 22.79
N GLU E 94 11.63 6.89 23.02
CA GLU E 94 12.30 5.61 22.83
C GLU E 94 11.74 4.53 23.76
N GLN E 95 11.52 4.89 25.03
CA GLN E 95 10.96 3.91 25.96
C GLN E 95 9.54 3.53 25.58
N VAL E 96 8.74 4.51 25.14
CA VAL E 96 7.38 4.22 24.67
C VAL E 96 7.45 3.33 23.43
N GLN E 97 8.33 3.68 22.49
CA GLN E 97 8.50 2.85 21.30
C GLN E 97 9.00 1.46 21.68
N ALA E 98 9.95 1.38 22.60
CA ALA E 98 10.45 0.10 23.08
C ALA E 98 9.35 -0.67 23.80
N GLY E 99 8.58 0.00 24.65
CA GLY E 99 7.50 -0.66 25.36
C GLY E 99 6.46 -1.23 24.41
N GLU E 100 6.05 -0.45 23.40
CA GLU E 100 5.09 -0.95 22.44
C GLU E 100 5.66 -2.12 21.65
N MET E 101 6.91 -2.01 21.20
CA MET E 101 7.56 -3.10 20.48
C MET E 101 7.64 -4.36 21.33
N MET E 102 7.94 -4.21 22.62
CA MET E 102 8.01 -5.36 23.51
C MET E 102 6.62 -5.87 23.88
N SER E 103 5.61 -4.98 23.88
CA SER E 103 4.27 -5.37 24.24
C SER E 103 3.70 -6.44 23.31
N ALA E 104 4.20 -6.49 22.07
CA ALA E 104 3.74 -7.49 21.11
C ALA E 104 4.25 -8.88 21.43
N ASP E 105 5.32 -8.99 22.23
CA ASP E 105 5.87 -10.29 22.58
C ASP E 105 5.43 -10.65 23.98
N PRO E 106 4.66 -11.73 24.17
CA PRO E 106 4.21 -12.09 25.52
C PRO E 106 5.34 -12.45 26.47
N SER E 107 6.54 -12.72 25.95
CA SER E 107 7.70 -13.02 26.78
C SER E 107 8.38 -11.76 27.28
N LYS E 108 7.99 -10.60 26.77
CA LYS E 108 8.60 -9.32 27.13
C LYS E 108 7.69 -8.46 27.98
N HIS E 109 6.65 -9.04 28.58
CA HIS E 109 5.75 -8.25 29.42
C HIS E 109 6.52 -7.58 30.53
N LEU E 110 7.50 -8.28 31.10
CA LEU E 110 8.36 -7.69 32.11
C LEU E 110 9.21 -6.59 31.50
N GLU E 111 9.76 -6.85 30.31
CA GLU E 111 10.58 -5.86 29.63
C GLU E 111 9.73 -4.69 29.14
N ALA E 112 8.52 -4.96 28.65
CA ALA E 112 7.63 -3.89 28.23
C ALA E 112 7.28 -2.97 29.39
N ALA E 113 6.92 -3.57 30.54
CA ALA E 113 6.59 -2.76 31.72
C ALA E 113 7.78 -1.91 32.15
N LEU E 114 8.99 -2.45 32.05
CA LEU E 114 10.17 -1.65 32.39
C LEU E 114 10.32 -0.46 31.46
N CYS E 115 10.06 -0.65 30.16
CA CYS E 115 10.12 0.48 29.24
C CYS E 115 9.02 1.49 29.56
N PHE E 116 7.82 1.02 29.83
CA PHE E 116 6.75 1.93 30.25
C PHE E 116 7.10 2.57 31.58
N TYR E 117 7.74 1.82 32.48
CA TYR E 117 8.19 2.36 33.75
C TYR E 117 9.26 3.43 33.56
N LYS E 118 10.26 3.15 32.71
CA LYS E 118 11.29 4.13 32.44
C LYS E 118 10.70 5.41 31.86
N ALA E 119 9.80 5.27 30.89
CA ALA E 119 9.12 6.45 30.34
C ALA E 119 8.27 7.13 31.40
N LEU E 120 7.48 6.35 32.13
CA LEU E 120 6.62 6.89 33.18
C LEU E 120 7.42 7.65 34.23
N LYS E 121 8.62 7.16 34.56
CA LYS E 121 9.48 7.83 35.52
C LYS E 121 10.07 9.12 34.95
N VAL E 122 10.16 9.24 33.63
CA VAL E 122 10.68 10.44 33.00
C VAL E 122 9.56 11.43 32.65
N TYR E 123 8.35 10.93 32.43
CA TYR E 123 7.24 11.80 32.08
C TYR E 123 6.95 12.77 33.23
N PRO E 124 6.62 14.03 32.92
CA PRO E 124 6.41 15.00 34.01
C PRO E 124 5.16 14.74 34.83
N THR E 125 4.13 14.13 34.25
CA THR E 125 2.88 13.85 34.97
C THR E 125 2.58 12.36 34.87
N PRO E 126 3.28 11.53 35.65
CA PRO E 126 3.04 10.09 35.58
C PRO E 126 1.58 9.70 35.74
N GLY E 127 0.84 10.41 36.60
CA GLY E 127 -0.56 10.07 36.82
C GLY E 127 -1.37 10.12 35.54
N ASP E 128 -1.11 11.13 34.70
CA ASP E 128 -1.82 11.23 33.43
C ASP E 128 -1.40 10.12 32.48
N LEU E 129 -0.10 9.82 32.45
CA LEU E 129 0.41 8.74 31.59
C LEU E 129 -0.11 7.38 32.03
N ILE E 130 -0.30 7.18 33.34
CA ILE E 130 -0.87 5.91 33.82
C ILE E 130 -2.25 5.67 33.24
N ASN E 131 -3.07 6.72 33.17
CA ASN E 131 -4.40 6.58 32.58
C ASN E 131 -4.29 6.21 31.11
N ILE E 132 -3.26 6.70 30.42
CA ILE E 132 -3.03 6.31 29.03
C ILE E 132 -2.61 4.85 28.96
N TYR E 133 -1.65 4.45 29.80
CA TYR E 133 -1.23 3.05 29.82
C TYR E 133 -2.39 2.14 30.18
N ASP E 134 -3.19 2.53 31.17
CA ASP E 134 -4.34 1.75 31.59
C ASP E 134 -5.29 1.48 30.44
N LYS E 135 -5.28 2.33 29.41
CA LYS E 135 -6.14 2.16 28.25
C LYS E 135 -5.40 1.61 27.03
N THR E 136 -4.12 1.95 26.87
CA THR E 136 -3.36 1.51 25.70
C THR E 136 -2.51 0.27 25.95
N VAL E 137 -2.06 0.03 27.18
CA VAL E 137 -1.21 -1.11 27.50
C VAL E 137 -2.07 -2.28 27.99
N SER E 138 -1.65 -3.49 27.64
CA SER E 138 -2.37 -4.68 28.05
C SER E 138 -2.23 -4.92 29.55
N LYS E 139 -3.29 -5.46 30.14
CA LYS E 139 -3.30 -5.75 31.57
C LYS E 139 -2.12 -6.61 32.04
N PRO E 140 -1.71 -7.68 31.35
CA PRO E 140 -0.55 -8.46 31.84
C PRO E 140 0.69 -7.63 32.02
N ILE E 141 0.91 -6.63 31.16
CA ILE E 141 2.05 -5.75 31.33
C ILE E 141 1.75 -4.74 32.43
N LEU E 142 0.50 -4.25 32.47
CA LEU E 142 0.09 -3.33 33.51
C LEU E 142 0.23 -3.95 34.89
N ASP E 143 -0.09 -5.25 34.99
CA ASP E 143 0.04 -5.93 36.28
C ASP E 143 1.50 -5.93 36.75
N ILE E 144 2.43 -6.18 35.83
CA ILE E 144 3.84 -6.09 36.16
C ILE E 144 4.22 -4.64 36.43
N LEU E 145 3.76 -3.73 35.55
CA LEU E 145 4.04 -2.32 35.72
C LEU E 145 3.45 -1.77 37.01
N ALA E 146 2.26 -2.23 37.38
CA ALA E 146 1.66 -1.79 38.64
C ALA E 146 2.52 -2.19 39.83
N GLU E 147 3.03 -3.43 39.82
CA GLU E 147 3.92 -3.86 40.87
C GLU E 147 5.24 -3.09 40.82
N MET E 148 5.71 -2.75 39.60
CA MET E 148 6.91 -1.93 39.49
C MET E 148 6.68 -0.58 40.15
N ILE E 149 5.51 0.01 39.92
CA ILE E 149 5.16 1.28 40.54
C ILE E 149 5.10 1.13 42.06
N ALA E 150 4.50 0.04 42.54
CA ALA E 150 4.42 -0.19 43.97
C ALA E 150 5.79 -0.43 44.57
N TYR E 151 6.69 -1.07 43.83
CA TYR E 151 8.03 -1.29 44.37
C TYR E 151 8.83 0.01 44.39
N ASP E 152 8.73 0.82 43.33
CA ASP E 152 9.42 2.10 43.27
C ASP E 152 8.57 3.14 43.98
N SER E 153 8.71 3.19 45.31
CA SER E 153 7.97 4.17 46.10
C SER E 153 8.36 5.61 45.75
N SER E 154 9.42 5.81 44.98
CA SER E 154 9.87 7.13 44.56
C SER E 154 9.10 7.66 43.37
N LEU E 155 8.29 6.84 42.69
CA LEU E 155 7.54 7.32 41.54
C LEU E 155 6.46 8.29 41.98
N ARG E 156 6.46 9.47 41.37
CA ARG E 156 5.51 10.52 41.70
C ARG E 156 4.21 10.38 40.90
N LEU F 21 61.81 15.44 -19.92
CA LEU F 21 62.12 15.62 -21.34
C LEU F 21 61.33 14.64 -22.20
N SER F 22 61.07 15.04 -23.45
CA SER F 22 60.31 14.17 -24.35
C SER F 22 61.05 12.88 -24.64
N ASP F 23 62.39 12.90 -24.59
CA ASP F 23 63.17 11.69 -24.85
C ASP F 23 62.74 10.55 -23.95
N LEU F 24 62.65 10.81 -22.64
CA LEU F 24 62.17 9.79 -21.72
C LEU F 24 60.68 9.60 -21.84
N TYR F 25 59.93 10.69 -22.03
CA TYR F 25 58.48 10.60 -22.16
C TYR F 25 58.09 9.71 -23.33
N ASP F 26 58.77 9.86 -24.46
CA ASP F 26 58.48 9.01 -25.61
C ASP F 26 58.84 7.56 -25.32
N ALA F 27 60.03 7.33 -24.76
CA ALA F 27 60.43 5.98 -24.38
C ALA F 27 59.47 5.39 -23.35
N PHE F 28 59.06 6.22 -22.39
CA PHE F 28 58.09 5.78 -21.39
C PHE F 28 56.76 5.43 -22.04
N GLN F 29 56.28 6.29 -22.93
CA GLN F 29 55.02 6.01 -23.62
C GLN F 29 55.12 4.75 -24.47
N GLU F 30 56.23 4.58 -25.18
CA GLU F 30 56.42 3.39 -26.01
C GLU F 30 56.43 2.12 -25.17
N ARG F 31 57.19 2.15 -24.07
CA ARG F 31 57.22 1.01 -23.15
C ARG F 31 55.84 0.74 -22.59
N ARG F 32 55.05 1.80 -22.38
CA ARG F 32 53.68 1.65 -21.89
C ARG F 32 52.81 0.98 -22.94
N GLN F 33 52.91 1.45 -24.19
CA GLN F 33 52.08 0.94 -25.27
C GLN F 33 52.30 -0.55 -25.52
N LYS F 34 53.53 -1.02 -25.35
CA LYS F 34 53.80 -2.43 -25.63
C LYS F 34 53.14 -3.38 -24.63
N LEU F 35 52.50 -2.90 -23.57
CA LEU F 35 51.89 -3.85 -22.65
C LEU F 35 50.52 -4.33 -23.10
N GLY F 36 49.90 -3.66 -24.07
CA GLY F 36 48.62 -4.14 -24.54
C GLY F 36 47.46 -3.92 -23.59
N LEU F 37 47.57 -2.98 -22.67
CA LEU F 37 46.48 -2.70 -21.73
C LEU F 37 45.34 -1.99 -22.45
N SER F 38 44.22 -1.86 -21.73
CA SER F 38 43.04 -1.20 -22.26
C SER F 38 42.32 -0.46 -21.16
N ASN F 39 41.50 0.51 -21.56
CA ASN F 39 40.76 1.33 -20.62
C ASN F 39 39.79 0.48 -19.83
N PRO F 40 39.87 0.48 -18.50
CA PRO F 40 38.97 -0.35 -17.69
C PRO F 40 37.59 0.23 -17.48
N GLY F 41 37.35 1.49 -17.82
CA GLY F 41 36.05 2.09 -17.62
C GLY F 41 35.85 2.67 -16.24
N LEU F 42 34.69 3.32 -16.07
CA LEU F 42 34.37 4.03 -14.85
C LEU F 42 34.37 3.08 -13.65
N VAL F 43 34.78 3.61 -12.49
CA VAL F 43 34.81 2.80 -11.27
C VAL F 43 33.43 2.29 -10.92
N GLU F 44 32.40 3.12 -11.09
CA GLU F 44 31.06 2.70 -10.76
C GLU F 44 30.56 1.57 -11.63
N ASN F 45 31.29 1.21 -12.68
CA ASN F 45 30.87 0.15 -13.58
C ASN F 45 31.58 -1.18 -13.34
N ILE F 46 32.48 -1.28 -12.36
CA ILE F 46 33.18 -2.54 -12.18
C ILE F 46 32.22 -3.67 -11.82
N ALA F 47 31.01 -3.34 -11.38
CA ALA F 47 30.00 -4.34 -11.07
C ALA F 47 28.76 -4.19 -11.94
N LYS F 48 28.83 -3.39 -13.01
CA LYS F 48 27.67 -3.17 -13.85
C LYS F 48 27.05 -4.48 -14.31
N GLU F 49 27.89 -5.41 -14.77
CA GLU F 49 27.38 -6.67 -15.30
C GLU F 49 26.51 -7.40 -14.28
N VAL F 50 26.72 -7.16 -12.99
CA VAL F 50 25.91 -7.78 -11.96
C VAL F 50 24.83 -6.83 -11.49
N GLN F 51 25.22 -5.69 -10.96
CA GLN F 51 24.28 -4.80 -10.29
C GLN F 51 23.21 -4.23 -11.20
N ARG F 52 23.42 -4.22 -12.52
CA ARG F 52 22.37 -3.71 -13.41
C ARG F 52 21.91 -4.71 -14.45
N ASP F 53 22.80 -5.54 -14.99
CA ASP F 53 22.38 -6.44 -16.04
C ASP F 53 21.74 -7.72 -15.55
N VAL F 54 21.92 -8.09 -14.29
CA VAL F 54 21.39 -9.35 -13.77
C VAL F 54 20.43 -9.10 -12.62
N LEU F 55 20.85 -8.36 -11.62
CA LEU F 55 19.98 -8.09 -10.50
C LEU F 55 18.84 -7.18 -10.93
N THR F 56 17.71 -7.30 -10.25
CA THR F 56 16.53 -6.52 -10.56
C THR F 56 16.47 -5.17 -9.89
N THR F 57 17.36 -4.90 -8.93
CA THR F 57 17.36 -3.68 -8.13
C THR F 57 17.05 -2.40 -8.90
N ASN F 58 17.58 -2.26 -10.10
CA ASN F 58 17.38 -1.04 -10.87
C ASN F 58 16.08 -1.03 -11.66
N LEU F 59 15.36 -2.14 -11.75
CA LEU F 59 14.12 -2.16 -12.49
C LEU F 59 12.89 -2.26 -11.61
N MET F 60 13.04 -2.67 -10.36
CA MET F 60 11.89 -2.84 -9.48
C MET F 60 11.14 -1.53 -9.28
N PHE F 61 9.81 -1.65 -9.24
CA PHE F 61 8.93 -0.52 -8.97
C PHE F 61 7.58 -1.07 -8.57
N SER F 62 6.67 -0.17 -8.19
CA SER F 62 5.33 -0.57 -7.81
C SER F 62 4.32 0.36 -8.45
N GLY F 63 3.09 -0.11 -8.55
CA GLY F 63 2.03 0.67 -9.18
C GLY F 63 2.08 0.61 -10.68
N LEU F 64 1.48 1.61 -11.30
CA LEU F 64 1.36 1.73 -12.74
C LEU F 64 2.36 2.74 -13.28
N ARG F 65 2.88 2.50 -14.48
CA ARG F 65 3.83 3.43 -15.08
C ARG F 65 3.61 3.42 -16.59
N ALA F 66 3.76 4.58 -17.23
CA ALA F 66 3.57 4.66 -18.68
C ALA F 66 4.49 5.71 -19.28
N ASP F 67 5.32 5.32 -20.24
CA ASP F 67 6.26 6.24 -20.89
C ASP F 67 5.86 6.44 -22.34
N LEU F 68 5.59 7.68 -22.71
CA LEU F 68 5.27 8.01 -24.09
C LEU F 68 6.46 8.77 -24.65
N THR F 69 7.26 8.09 -25.46
CA THR F 69 8.49 8.65 -26.00
C THR F 69 8.32 8.93 -27.48
N LYS F 70 8.69 10.13 -27.89
CA LYS F 70 8.67 10.55 -29.28
C LYS F 70 10.10 10.85 -29.68
N ALA F 71 10.62 10.12 -30.66
CA ALA F 71 11.95 10.37 -31.17
C ALA F 71 11.87 11.21 -32.44
N PHE F 72 12.57 12.34 -32.45
CA PHE F 72 12.55 13.21 -33.62
C PHE F 72 13.76 13.08 -34.53
N SER F 73 14.88 12.58 -34.03
CA SER F 73 16.05 12.41 -34.88
C SER F 73 17.01 11.44 -34.20
N LEU F 74 17.91 10.90 -35.00
CA LEU F 74 18.93 10.02 -34.46
C LEU F 74 20.33 10.60 -34.57
N ASN F 75 20.53 11.59 -35.43
CA ASN F 75 21.83 12.25 -35.56
C ASN F 75 21.55 13.67 -36.04
N PRO F 76 21.50 14.64 -35.14
CA PRO F 76 21.65 14.54 -33.68
C PRO F 76 20.47 13.86 -33.00
N LEU F 77 20.73 13.18 -31.88
CA LEU F 77 19.66 12.54 -31.14
C LEU F 77 18.82 13.60 -30.46
N PHE F 78 17.50 13.47 -30.58
CA PHE F 78 16.60 14.42 -29.95
C PHE F 78 15.30 13.69 -29.71
N GLN F 79 14.87 13.58 -28.46
CA GLN F 79 13.62 12.92 -28.18
C GLN F 79 12.95 13.55 -26.97
N VAL F 80 11.63 13.47 -26.95
CA VAL F 80 10.81 14.06 -25.91
C VAL F 80 10.03 12.93 -25.26
N SER F 81 9.92 12.95 -23.94
CA SER F 81 9.32 11.82 -23.25
C SER F 81 8.37 12.26 -22.16
N HIS F 82 7.22 11.62 -22.10
CA HIS F 82 6.20 11.83 -21.08
C HIS F 82 6.06 10.58 -20.24
N GLN F 83 6.27 10.70 -18.93
CA GLN F 83 6.09 9.58 -18.03
C GLN F 83 4.92 9.84 -17.10
N PHE F 84 3.95 8.94 -17.08
CA PHE F 84 2.83 9.00 -16.15
C PHE F 84 2.98 7.87 -15.15
N ALA F 85 2.79 8.16 -13.87
CA ALA F 85 2.96 7.11 -12.89
C ALA F 85 2.05 7.36 -11.70
N MET F 86 1.71 6.28 -11.01
CA MET F 86 0.84 6.34 -9.83
C MET F 86 1.28 5.22 -8.89
N GLY F 87 2.17 5.55 -7.97
CA GLY F 87 2.66 4.53 -7.07
C GLY F 87 3.54 5.11 -5.99
N GLU F 88 4.16 4.22 -5.24
CA GLU F 88 5.04 4.63 -4.15
C GLU F 88 6.18 5.49 -4.68
N ARG F 89 6.28 6.71 -4.15
CA ARG F 89 7.32 7.69 -4.48
C ARG F 89 7.49 7.87 -5.99
N LEU F 90 6.41 7.68 -6.74
CA LEU F 90 6.39 7.95 -8.18
C LEU F 90 5.64 9.24 -8.41
N SER F 91 6.26 10.16 -9.13
CA SER F 91 5.61 11.42 -9.42
C SER F 91 4.46 11.21 -10.40
N PRO F 92 3.29 11.79 -10.15
CA PRO F 92 2.17 11.62 -11.08
C PRO F 92 2.50 11.91 -12.52
N TYR F 93 3.42 12.83 -12.79
CA TYR F 93 3.78 13.16 -14.16
C TYR F 93 5.22 13.63 -14.18
N THR F 94 5.90 13.32 -15.29
CA THR F 94 7.29 13.75 -15.46
C THR F 94 7.52 13.99 -16.94
N PHE F 95 7.90 15.20 -17.31
CA PHE F 95 8.21 15.54 -18.68
C PHE F 95 9.72 15.58 -18.85
N ALA F 96 10.23 14.87 -19.85
CA ALA F 96 11.66 14.82 -20.06
C ALA F 96 11.99 14.99 -21.54
N ALA F 97 13.05 15.73 -21.81
CA ALA F 97 13.51 15.98 -23.16
C ALA F 97 15.02 15.87 -23.14
N LEU F 98 15.60 15.41 -24.23
CA LEU F 98 17.04 15.29 -24.25
C LEU F 98 17.56 15.54 -25.65
N TYR F 99 18.77 16.06 -25.72
CA TYR F 99 19.45 16.35 -26.97
C TYR F 99 20.87 15.83 -26.85
N GLY F 100 21.35 15.18 -27.91
CA GLY F 100 22.66 14.58 -27.87
C GLY F 100 23.38 14.77 -29.18
N THR F 101 24.70 14.77 -29.11
CA THR F 101 25.55 14.95 -30.26
C THR F 101 26.86 14.24 -29.96
N SER F 102 27.62 13.93 -31.01
CA SER F 102 28.89 13.24 -30.79
C SER F 102 29.81 14.02 -29.86
N LYS F 103 29.59 15.32 -29.70
CA LYS F 103 30.40 16.12 -28.80
C LYS F 103 29.69 16.54 -27.52
N MET F 104 28.38 16.37 -27.41
CA MET F 104 27.69 16.86 -26.22
C MET F 104 26.38 16.13 -26.00
N PHE F 105 25.85 16.26 -24.78
CA PHE F 105 24.58 15.66 -24.42
C PHE F 105 23.93 16.47 -23.31
N ALA F 106 22.71 16.93 -23.54
CA ALA F 106 21.95 17.72 -22.58
C ALA F 106 20.62 17.04 -22.34
N GLN F 107 20.24 16.87 -21.07
CA GLN F 107 18.98 16.23 -20.72
C GLN F 107 18.33 16.99 -19.58
N GLY F 108 17.01 17.06 -19.62
CA GLY F 108 16.27 17.66 -18.53
C GLY F 108 14.97 16.93 -18.28
N ASN F 109 14.63 16.78 -17.01
CA ASN F 109 13.37 16.16 -16.63
C ASN F 109 12.79 16.94 -15.47
N ILE F 110 11.49 17.18 -15.51
CA ILE F 110 10.80 18.00 -14.52
C ILE F 110 9.57 17.27 -14.01
N ASP F 111 9.38 17.27 -12.70
CA ASP F 111 8.22 16.64 -12.09
C ASP F 111 7.04 17.59 -12.14
N ASP F 112 5.85 17.05 -11.84
CA ASP F 112 4.68 17.92 -11.76
C ASP F 112 4.85 18.97 -10.69
N GLN F 113 5.66 18.70 -9.67
CA GLN F 113 5.92 19.65 -8.59
C GLN F 113 7.05 20.61 -8.90
N GLY F 114 7.58 20.57 -10.12
CA GLY F 114 8.64 21.47 -10.51
C GLY F 114 10.04 21.03 -10.16
N ASN F 115 10.21 19.88 -9.50
CA ASN F 115 11.55 19.39 -9.23
C ASN F 115 12.22 19.09 -10.55
N LEU F 116 13.28 19.82 -10.85
CA LEU F 116 13.97 19.70 -12.13
C LEU F 116 15.34 19.08 -11.95
N SER F 117 15.57 17.96 -12.62
CA SER F 117 16.87 17.30 -12.65
C SER F 117 17.44 17.45 -14.05
N THR F 118 18.72 17.79 -14.14
CA THR F 118 19.33 18.07 -15.43
C THR F 118 20.70 17.41 -15.51
N THR F 119 21.19 17.26 -16.74
CA THR F 119 22.50 16.71 -17.01
C THR F 119 23.13 17.43 -18.18
N PHE F 120 24.44 17.67 -18.11
CA PHE F 120 25.14 18.29 -19.22
C PHE F 120 26.56 17.79 -19.32
N ASN F 121 26.84 16.92 -20.29
CA ASN F 121 28.15 16.35 -20.52
C ASN F 121 28.72 16.88 -21.81
N TYR F 122 29.97 17.30 -21.79
CA TYR F 122 30.62 17.86 -22.98
C TYR F 122 32.00 17.26 -23.13
N ARG F 123 32.35 16.92 -24.36
CA ARG F 123 33.64 16.33 -24.68
C ARG F 123 34.61 17.43 -25.11
N TRP F 124 35.44 17.90 -24.19
CA TRP F 124 36.46 18.85 -24.59
C TRP F 124 37.54 18.18 -25.42
N THR F 125 37.70 16.88 -25.23
CA THR F 125 38.68 16.05 -25.92
C THR F 125 38.12 14.64 -25.90
N PRO F 126 38.41 13.81 -26.90
CA PRO F 126 37.88 12.44 -26.86
C PRO F 126 38.28 11.68 -25.61
N SER F 127 39.35 12.10 -24.95
CA SER F 127 39.81 11.48 -23.71
C SER F 127 39.43 12.28 -22.47
N PHE F 128 38.74 13.40 -22.63
CA PHE F 128 38.35 14.25 -21.51
C PHE F 128 36.89 14.63 -21.58
N THR F 129 36.18 14.45 -20.47
CA THR F 129 34.75 14.72 -20.43
C THR F 129 34.40 15.48 -19.16
N THR F 130 33.52 16.47 -19.31
CA THR F 130 32.99 17.25 -18.20
C THR F 130 31.52 16.93 -18.03
N LYS F 131 31.11 16.56 -16.82
CA LYS F 131 29.73 16.23 -16.55
C LYS F 131 29.15 17.18 -15.51
N THR F 132 28.05 17.84 -15.86
CA THR F 132 27.36 18.77 -14.97
C THR F 132 25.93 18.31 -14.75
N ARG F 133 25.50 18.29 -13.49
CA ARG F 133 24.14 17.90 -13.13
C ARG F 133 23.55 18.91 -12.16
N PHE F 134 22.24 19.16 -12.29
CA PHE F 134 21.53 20.06 -11.40
C PHE F 134 20.24 19.42 -10.91
N GLN F 135 19.78 19.87 -9.75
CA GLN F 135 18.51 19.42 -9.19
C GLN F 135 17.89 20.59 -8.43
N ILE F 136 16.90 21.23 -9.05
CA ILE F 136 16.27 22.43 -8.52
C ILE F 136 14.93 22.08 -7.89
N THR F 137 14.69 22.59 -6.69
CA THR F 137 13.45 22.37 -5.96
C THR F 137 12.82 23.72 -5.63
N PRO F 138 11.54 23.93 -6.00
CA PRO F 138 10.94 25.29 -5.92
C PRO F 138 10.75 25.90 -4.55
N GLY F 139 9.52 26.37 -4.28
CA GLY F 139 9.26 27.05 -3.01
C GLY F 139 9.46 26.17 -1.81
N ALA F 140 8.98 24.93 -1.88
CA ALA F 140 9.26 23.98 -0.81
C ALA F 140 10.76 23.73 -0.80
N THR F 141 11.36 23.63 0.38
CA THR F 141 12.81 23.53 0.43
C THR F 141 13.20 22.07 0.52
N GLY F 142 13.79 21.58 -0.56
CA GLY F 142 14.43 20.29 -0.65
C GLY F 142 15.80 20.76 -1.10
N GLN F 143 16.90 20.28 -0.52
CA GLN F 143 18.16 20.90 -0.86
C GLN F 143 18.45 20.75 -2.35
N ASP F 144 18.77 21.86 -2.99
CA ASP F 144 19.13 21.84 -4.40
C ASP F 144 20.63 21.62 -4.52
N MET F 145 21.05 20.88 -5.53
CA MET F 145 22.44 20.50 -5.60
C MET F 145 23.01 20.78 -6.98
N ALA F 146 24.32 20.87 -7.01
CA ALA F 146 25.08 21.04 -8.24
C ALA F 146 26.24 20.06 -8.19
N GLN F 147 26.43 19.29 -9.24
CA GLN F 147 27.49 18.29 -9.26
C GLN F 147 28.31 18.48 -10.52
N PHE F 148 29.59 18.76 -10.35
CA PHE F 148 30.54 18.92 -11.44
C PHE F 148 31.49 17.72 -11.48
N GLU F 149 31.66 17.15 -12.66
CA GLU F 149 32.46 15.94 -12.80
C GLU F 149 33.40 16.06 -13.98
N HIS F 150 34.62 15.57 -13.79
CA HIS F 150 35.65 15.60 -14.80
C HIS F 150 36.20 14.19 -14.91
N GLU F 151 36.29 13.67 -16.13
CA GLU F 151 36.78 12.32 -16.33
C GLU F 151 37.89 12.33 -17.36
N TYR F 152 38.90 11.50 -17.13
CA TYR F 152 39.95 11.29 -18.10
C TYR F 152 40.04 9.80 -18.37
N SER F 153 40.21 9.44 -19.64
CA SER F 153 40.25 8.05 -20.05
C SER F 153 41.52 7.85 -20.88
N GLY F 154 42.58 7.41 -20.21
CA GLY F 154 43.81 7.13 -20.88
C GLY F 154 43.74 5.80 -21.59
N ALA F 155 44.85 5.43 -22.23
CA ALA F 155 44.86 4.17 -22.95
C ALA F 155 44.78 2.99 -22.00
N ASP F 156 45.17 3.15 -20.74
CA ASP F 156 45.17 2.03 -19.82
C ASP F 156 44.64 2.37 -18.44
N PHE F 157 44.06 3.56 -18.25
CA PHE F 157 43.62 3.97 -16.93
C PHE F 157 42.49 4.97 -17.07
N THR F 158 41.79 5.21 -15.97
CA THR F 158 40.78 6.25 -15.91
C THR F 158 40.90 7.02 -14.60
N ALA F 159 40.76 8.33 -14.69
CA ALA F 159 40.81 9.20 -13.53
C ALA F 159 39.53 10.02 -13.49
N THR F 160 39.05 10.30 -12.29
CA THR F 160 37.80 11.02 -12.16
C THR F 160 37.85 11.87 -10.91
N ILE F 161 37.23 13.05 -10.99
CA ILE F 161 37.09 13.93 -9.84
C ILE F 161 35.71 14.57 -9.86
N LYS F 162 35.05 14.59 -8.72
CA LYS F 162 33.72 15.17 -8.61
C LYS F 162 33.73 16.25 -7.55
N ALA F 163 32.86 17.24 -7.72
CA ALA F 163 32.69 18.31 -6.75
C ALA F 163 31.21 18.56 -6.60
N LEU F 164 30.64 18.14 -5.49
CA LEU F 164 29.22 18.31 -5.21
C LEU F 164 29.02 19.49 -4.28
N ASN F 165 28.24 20.47 -4.72
CA ASN F 165 28.03 21.71 -3.99
C ASN F 165 29.31 22.40 -3.53
N PRO F 166 30.32 22.52 -4.40
CA PRO F 166 31.57 23.14 -3.97
C PRO F 166 31.34 24.62 -3.71
N SER F 167 31.80 25.09 -2.54
CA SER F 167 31.61 26.49 -2.21
C SER F 167 32.78 26.98 -1.37
N PHE F 168 33.12 28.25 -1.58
CA PHE F 168 34.15 28.95 -0.83
C PHE F 168 33.57 30.23 -0.23
N LEU F 169 32.25 30.38 -0.28
CA LEU F 169 31.59 31.58 0.19
C LEU F 169 31.91 31.89 1.64
N GLU F 170 32.09 30.86 2.46
CA GLU F 170 32.42 31.04 3.87
C GLU F 170 33.90 31.36 4.08
N GLY F 171 34.67 31.56 3.02
CA GLY F 171 36.08 31.84 3.16
C GLY F 171 36.93 30.60 3.26
N GLY F 172 36.33 29.42 3.05
CA GLY F 172 37.06 28.17 3.08
C GLY F 172 36.35 27.19 2.19
N LEU F 173 37.09 26.20 1.71
CA LEU F 173 36.53 25.23 0.78
C LEU F 173 35.46 24.39 1.47
N THR F 174 34.31 24.27 0.83
CA THR F 174 33.18 23.53 1.38
C THR F 174 32.49 22.74 0.29
N GLY F 175 31.68 21.78 0.71
CA GLY F 175 30.98 20.90 -0.22
C GLY F 175 31.45 19.47 -0.14
N ILE F 176 31.28 18.71 -1.21
CA ILE F 176 31.69 17.31 -1.27
C ILE F 176 32.60 17.12 -2.46
N PHE F 177 33.71 16.43 -2.24
CA PHE F 177 34.69 16.15 -3.29
C PHE F 177 35.01 14.67 -3.32
N VAL F 178 35.14 14.13 -4.52
CA VAL F 178 35.40 12.72 -4.74
C VAL F 178 36.49 12.57 -5.78
N GLY F 179 37.44 11.70 -5.51
CA GLY F 179 38.48 11.39 -6.47
C GLY F 179 38.46 9.90 -6.73
N GLN F 180 38.49 9.50 -7.99
CA GLN F 180 38.42 8.09 -8.34
C GLN F 180 39.52 7.75 -9.33
N TYR F 181 40.11 6.57 -9.15
CA TYR F 181 41.16 6.10 -10.04
C TYR F 181 41.01 4.61 -10.24
N LEU F 182 41.12 4.15 -11.48
CA LEU F 182 41.04 2.75 -11.82
C LEU F 182 42.11 2.44 -12.86
N GLN F 183 42.89 1.39 -12.62
CA GLN F 183 44.03 1.09 -13.48
C GLN F 183 43.99 -0.36 -13.93
N SER F 184 44.19 -0.57 -15.22
CA SER F 184 44.28 -1.92 -15.78
C SER F 184 45.69 -2.46 -15.52
N ILE F 185 45.78 -3.55 -14.76
CA ILE F 185 47.08 -4.13 -14.44
C ILE F 185 47.56 -5.09 -15.51
N THR F 186 46.65 -5.85 -16.09
CA THR F 186 46.92 -6.83 -17.14
C THR F 186 45.73 -6.77 -18.08
N PRO F 187 45.77 -7.44 -19.24
CA PRO F 187 44.60 -7.39 -20.13
C PRO F 187 43.32 -7.85 -19.48
N LYS F 188 43.39 -8.49 -18.32
CA LYS F 188 42.20 -8.96 -17.63
C LYS F 188 42.00 -8.40 -16.24
N LEU F 189 43.05 -7.99 -15.55
CA LEU F 189 42.95 -7.54 -14.17
C LEU F 189 42.95 -6.03 -14.09
N SER F 190 42.02 -5.49 -13.30
CA SER F 190 41.91 -4.05 -13.08
C SER F 190 41.91 -3.78 -11.59
N LEU F 191 42.70 -2.79 -11.18
CA LEU F 191 42.81 -2.37 -9.79
C LEU F 191 42.53 -0.89 -9.71
N GLY F 192 41.92 -0.48 -8.60
CA GLY F 192 41.52 0.90 -8.50
C GLY F 192 41.60 1.45 -7.09
N LEU F 193 41.22 2.71 -6.96
CA LEU F 193 41.31 3.45 -5.71
C LEU F 193 40.18 4.47 -5.70
N GLU F 194 39.72 4.81 -4.50
CA GLU F 194 38.71 5.85 -4.36
C GLU F 194 39.03 6.67 -3.13
N ALA F 195 38.86 7.99 -3.24
CA ALA F 195 39.13 8.90 -2.15
C ALA F 195 38.00 9.90 -2.03
N VAL F 196 37.61 10.19 -0.80
CA VAL F 196 36.51 11.11 -0.51
C VAL F 196 37.01 12.19 0.43
N TRP F 197 36.55 13.42 0.21
CA TRP F 197 36.85 14.53 1.11
C TRP F 197 35.56 15.29 1.34
N GLN F 198 35.24 15.59 2.59
CA GLN F 198 33.97 16.22 2.90
C GLN F 198 34.14 17.26 3.99
N ARG F 199 33.33 18.31 3.91
CA ARG F 199 33.28 19.33 4.97
C ARG F 199 31.93 20.04 4.85
N ALA F 200 30.93 19.53 5.57
CA ALA F 200 29.60 20.13 5.47
C ALA F 200 29.59 21.55 6.01
N GLY F 201 30.45 21.85 6.97
CA GLY F 201 30.53 23.18 7.53
C GLY F 201 31.92 23.53 8.01
N LEU F 202 32.35 24.76 7.77
CA LEU F 202 33.70 25.17 8.17
C LEU F 202 33.90 25.10 9.67
N THR F 203 32.82 25.20 10.45
CA THR F 203 32.93 25.11 11.90
C THR F 203 33.30 23.72 12.38
N GLN F 204 33.20 22.70 11.53
CA GLN F 204 33.53 21.34 11.89
C GLN F 204 34.61 20.82 10.97
N GLY F 205 35.39 19.85 11.47
CA GLY F 205 36.51 19.33 10.74
C GLY F 205 36.11 18.53 9.52
N PRO F 206 36.99 18.51 8.51
CA PRO F 206 36.70 17.75 7.30
C PRO F 206 36.81 16.26 7.54
N ASP F 207 35.95 15.52 6.86
CA ASP F 207 35.92 14.06 6.95
C ASP F 207 36.37 13.47 5.62
N THR F 208 37.25 12.46 5.69
CA THR F 208 37.77 11.80 4.50
C THR F 208 37.66 10.30 4.64
N ALA F 209 37.27 9.64 3.54
CA ALA F 209 37.14 8.19 3.48
C ALA F 209 37.76 7.68 2.20
N ILE F 210 38.39 6.51 2.27
CA ILE F 210 39.04 5.89 1.13
C ILE F 210 38.42 4.51 0.92
N SER F 211 38.29 4.12 -0.34
CA SER F 211 37.74 2.82 -0.71
C SER F 211 38.59 2.16 -1.77
N TYR F 212 38.86 0.87 -1.62
CA TYR F 212 39.63 0.12 -2.59
C TYR F 212 38.74 -0.83 -3.36
N VAL F 213 38.98 -0.91 -4.66
CA VAL F 213 38.20 -1.72 -5.59
C VAL F 213 39.14 -2.45 -6.51
N GLY F 214 38.63 -3.48 -7.16
CA GLY F 214 39.42 -4.24 -8.10
C GLY F 214 38.53 -5.15 -8.91
N ARG F 215 39.05 -5.55 -10.07
CA ARG F 215 38.27 -6.42 -10.92
C ARG F 215 39.18 -7.28 -11.77
N TYR F 216 38.76 -8.52 -11.98
CA TYR F 216 39.40 -9.47 -12.88
C TYR F 216 38.36 -9.82 -13.91
N LYS F 217 38.64 -9.56 -15.18
CA LYS F 217 37.64 -9.70 -16.22
C LYS F 217 38.10 -10.67 -17.30
N THR F 218 37.21 -11.58 -17.68
CA THR F 218 37.46 -12.53 -18.76
C THR F 218 36.21 -12.59 -19.61
N GLU F 219 36.32 -13.25 -20.77
CA GLU F 219 35.18 -13.32 -21.68
C GLU F 219 33.99 -13.99 -21.04
N ASN F 220 34.21 -15.08 -20.31
CA ASN F 220 33.09 -15.82 -19.75
C ASN F 220 32.64 -15.29 -18.39
N TRP F 221 33.55 -14.76 -17.58
CA TRP F 221 33.15 -14.35 -16.25
C TRP F 221 33.96 -13.17 -15.76
N ILE F 222 33.34 -12.42 -14.85
CA ILE F 222 33.93 -11.22 -14.26
C ILE F 222 33.65 -11.22 -12.77
N ALA F 223 34.67 -10.93 -11.98
CA ALA F 223 34.56 -10.85 -10.53
C ALA F 223 35.07 -9.49 -10.07
N SER F 224 34.35 -8.85 -9.16
CA SER F 224 34.71 -7.52 -8.73
C SER F 224 34.49 -7.39 -7.23
N ALA F 225 35.21 -6.47 -6.63
CA ALA F 225 35.07 -6.22 -5.21
C ALA F 225 35.29 -4.75 -4.92
N GLN F 226 34.65 -4.28 -3.85
CA GLN F 226 34.75 -2.89 -3.43
C GLN F 226 34.82 -2.90 -1.92
N LEU F 227 35.99 -2.58 -1.38
CA LEU F 227 36.23 -2.63 0.05
C LEU F 227 36.38 -1.22 0.59
N GLN F 228 35.52 -0.84 1.52
CA GLN F 228 35.65 0.45 2.17
C GLN F 228 36.58 0.31 3.36
N ALA F 229 37.33 1.36 3.64
CA ALA F 229 38.17 1.36 4.83
C ALA F 229 37.33 1.28 6.09
N GLN F 230 36.06 1.68 6.01
CA GLN F 230 35.15 1.60 7.13
C GLN F 230 34.84 0.16 7.51
N GLY F 231 35.12 -0.78 6.62
CA GLY F 231 34.86 -2.19 6.84
C GLY F 231 33.83 -2.80 5.92
N ALA F 232 33.01 -1.98 5.27
CA ALA F 232 32.03 -2.51 4.33
C ALA F 232 32.73 -3.14 3.13
N LEU F 233 32.16 -4.23 2.64
CA LEU F 233 32.74 -4.95 1.50
C LEU F 233 31.62 -5.31 0.55
N ASN F 234 31.80 -5.00 -0.73
CA ASN F 234 30.85 -5.37 -1.76
C ASN F 234 31.57 -6.18 -2.83
N ALA F 235 31.12 -7.41 -3.04
CA ALA F 235 31.74 -8.29 -4.02
C ALA F 235 30.65 -8.91 -4.88
N SER F 236 30.97 -9.16 -6.14
CA SER F 236 29.99 -9.73 -7.04
C SER F 236 30.71 -10.60 -8.06
N TYR F 237 29.98 -11.54 -8.63
CA TYR F 237 30.54 -12.45 -9.60
C TYR F 237 29.52 -12.63 -10.71
N TRP F 238 29.98 -12.61 -11.96
CA TRP F 238 29.10 -12.74 -13.11
C TRP F 238 29.63 -13.82 -14.02
N GLN F 239 28.74 -14.67 -14.53
CA GLN F 239 29.15 -15.71 -15.46
C GLN F 239 28.09 -15.95 -16.51
N ARG F 240 28.53 -16.13 -17.75
CA ARG F 240 27.63 -16.42 -18.85
C ARG F 240 27.31 -17.91 -18.91
N LEU F 241 26.03 -18.23 -19.00
CA LEU F 241 25.52 -19.59 -19.06
C LEU F 241 24.98 -19.95 -20.44
N GLY F 242 25.68 -19.55 -21.49
CA GLY F 242 25.22 -19.79 -22.84
C GLY F 242 24.86 -18.49 -23.53
N GLU F 243 24.36 -18.61 -24.75
CA GLU F 243 24.08 -17.41 -25.53
C GLU F 243 22.88 -16.63 -25.02
N LYS F 244 21.93 -17.30 -24.37
CA LYS F 244 20.71 -16.64 -23.95
C LYS F 244 20.54 -16.49 -22.44
N VAL F 245 21.43 -17.03 -21.62
CA VAL F 245 21.24 -16.99 -20.18
C VAL F 245 22.51 -16.56 -19.50
N GLN F 246 22.36 -15.70 -18.50
CA GLN F 246 23.47 -15.27 -17.68
C GLN F 246 22.96 -14.99 -16.28
N ALA F 247 23.84 -15.19 -15.30
CA ALA F 247 23.47 -15.06 -13.92
C ALA F 247 24.64 -14.52 -13.13
N GLY F 248 24.35 -13.97 -11.97
CA GLY F 248 25.40 -13.42 -11.15
C GLY F 248 24.96 -13.40 -9.71
N VAL F 249 25.94 -13.26 -8.82
CA VAL F 249 25.68 -13.24 -7.39
C VAL F 249 26.41 -12.06 -6.78
N ASP F 250 25.75 -11.37 -5.85
CA ASP F 250 26.30 -10.18 -5.21
C ASP F 250 26.22 -10.29 -3.70
N MET F 251 27.32 -9.97 -3.04
CA MET F 251 27.41 -10.02 -1.59
C MET F 251 27.80 -8.64 -1.09
N THR F 252 27.15 -8.20 -0.02
CA THR F 252 27.42 -6.91 0.60
C THR F 252 27.57 -7.11 2.09
N LEU F 253 28.64 -6.57 2.66
CA LEU F 253 28.88 -6.66 4.10
C LEU F 253 29.03 -5.27 4.68
N SER F 254 28.47 -5.05 5.86
CA SER F 254 28.53 -3.76 6.53
C SER F 254 28.88 -3.96 8.00
N VAL F 255 29.70 -3.07 8.53
CA VAL F 255 30.14 -3.15 9.92
C VAL F 255 30.05 -1.75 10.54
N ASN F 256 28.90 -1.11 10.39
CA ASN F 256 28.71 0.24 10.91
C ASN F 256 28.54 0.24 12.42
N THR F 266 26.99 -2.19 14.33
CA THR F 266 26.39 -3.48 14.02
C THR F 266 27.04 -4.13 12.82
N LYS F 267 26.89 -5.45 12.71
CA LYS F 267 27.42 -6.22 11.60
C LYS F 267 26.24 -6.72 10.79
N GLU F 268 26.26 -6.41 9.49
CA GLU F 268 25.16 -6.79 8.61
C GLU F 268 25.71 -7.22 7.26
N GLY F 269 25.04 -8.18 6.65
CA GLY F 269 25.43 -8.69 5.36
C GLY F 269 24.28 -9.32 4.63
N ILE F 270 24.25 -9.17 3.31
CA ILE F 270 23.18 -9.70 2.49
C ILE F 270 23.82 -10.26 1.23
N THR F 271 23.31 -11.39 0.76
CA THR F 271 23.83 -12.02 -0.45
C THR F 271 22.69 -12.22 -1.42
N THR F 272 22.87 -11.76 -2.66
CA THR F 272 21.83 -11.81 -3.67
C THR F 272 22.29 -12.68 -4.83
N PHE F 273 21.45 -13.65 -5.22
CA PHE F 273 21.72 -14.53 -6.35
C PHE F 273 20.63 -14.30 -7.38
N GLY F 274 21.00 -14.16 -8.65
CA GLY F 274 19.97 -13.93 -9.66
C GLY F 274 20.42 -14.35 -11.04
N ALA F 275 19.44 -14.48 -11.93
CA ALA F 275 19.70 -14.88 -13.31
C ALA F 275 18.82 -14.09 -14.28
N LYS F 276 19.27 -14.01 -15.52
CA LYS F 276 18.60 -13.28 -16.58
C LYS F 276 18.47 -14.14 -17.82
N TYR F 277 17.28 -14.15 -18.44
CA TYR F 277 17.02 -14.90 -19.65
C TYR F 277 16.70 -13.98 -20.81
N ASP F 278 17.35 -14.21 -21.95
CA ASP F 278 17.18 -13.39 -23.13
C ASP F 278 16.47 -14.18 -24.22
N PHE F 279 15.15 -14.15 -24.20
CA PHE F 279 14.39 -14.75 -25.28
C PHE F 279 14.30 -13.76 -26.43
N ARG F 280 13.70 -14.18 -27.54
CA ARG F 280 13.62 -13.29 -28.69
C ARG F 280 12.80 -12.05 -28.39
N MET F 281 11.58 -12.24 -27.89
CA MET F 281 10.69 -11.12 -27.63
C MET F 281 10.56 -10.73 -26.17
N SER F 282 11.36 -11.32 -25.27
CA SER F 282 11.20 -10.93 -23.88
C SER F 282 12.48 -11.22 -23.12
N THR F 283 12.67 -10.48 -22.03
CA THR F 283 13.80 -10.65 -21.13
C THR F 283 13.25 -10.84 -19.74
N PHE F 284 13.63 -11.93 -19.09
CA PHE F 284 13.15 -12.28 -17.76
C PHE F 284 14.30 -12.25 -16.76
N ARG F 285 14.10 -11.55 -15.65
CA ARG F 285 15.07 -11.44 -14.59
C ARG F 285 14.47 -11.94 -13.29
N ALA F 286 15.25 -12.68 -12.52
CA ALA F 286 14.77 -13.16 -11.23
C ALA F 286 15.93 -13.21 -10.27
N GLN F 287 15.64 -12.97 -9.00
CA GLN F 287 16.68 -12.99 -7.99
C GLN F 287 16.07 -13.35 -6.66
N ILE F 288 16.93 -13.81 -5.75
CA ILE F 288 16.53 -14.11 -4.39
C ILE F 288 17.72 -13.74 -3.52
N ASP F 289 17.46 -13.32 -2.29
CA ASP F 289 18.55 -12.92 -1.43
C ASP F 289 18.38 -13.51 -0.04
N THR F 290 19.47 -13.48 0.73
CA THR F 290 19.49 -14.10 2.04
C THR F 290 18.51 -13.47 3.01
N LYS F 291 17.92 -12.33 2.68
CA LYS F 291 16.89 -11.76 3.54
C LYS F 291 15.52 -12.30 3.20
N GLY F 292 15.44 -13.29 2.33
CA GLY F 292 14.17 -13.91 2.00
C GLY F 292 13.37 -13.20 0.93
N LYS F 293 13.90 -12.15 0.33
CA LYS F 293 13.18 -11.46 -0.73
C LYS F 293 13.34 -12.16 -2.06
N LEU F 294 12.24 -12.21 -2.81
CA LEU F 294 12.20 -12.78 -4.15
C LEU F 294 11.61 -11.73 -5.06
N SER F 295 12.22 -11.54 -6.22
CA SER F 295 11.68 -10.57 -7.16
C SER F 295 11.92 -11.05 -8.58
N CYS F 296 11.02 -10.65 -9.46
CA CYS F 296 11.15 -11.00 -10.86
C CYS F 296 10.63 -9.83 -11.68
N VAL F 297 11.18 -9.69 -12.87
CA VAL F 297 10.80 -8.62 -13.78
C VAL F 297 10.67 -9.24 -15.16
N LEU F 298 9.53 -9.02 -15.81
CA LEU F 298 9.30 -9.55 -17.14
C LEU F 298 9.03 -8.40 -18.10
N GLU F 299 9.91 -8.26 -19.09
CA GLU F 299 9.74 -7.26 -20.14
C GLU F 299 9.38 -7.97 -21.43
N LYS F 300 8.26 -7.60 -22.02
CA LYS F 300 7.76 -8.32 -23.18
C LYS F 300 7.35 -7.33 -24.26
N ARG F 301 7.81 -7.57 -25.49
CA ARG F 301 7.50 -6.72 -26.64
C ARG F 301 6.17 -7.15 -27.24
N VAL F 302 5.08 -6.67 -26.64
CA VAL F 302 3.76 -7.05 -27.14
C VAL F 302 3.48 -6.44 -28.51
N ALA F 303 4.28 -5.47 -28.93
CA ALA F 303 4.14 -4.89 -30.26
C ALA F 303 5.47 -4.25 -30.63
N ALA F 304 5.57 -3.82 -31.88
CA ALA F 304 6.80 -3.17 -32.31
C ALA F 304 7.15 -1.93 -31.52
N PRO F 305 6.21 -1.01 -31.20
CA PRO F 305 6.60 0.16 -30.42
C PRO F 305 6.36 0.02 -28.93
N VAL F 306 5.64 -1.02 -28.51
CA VAL F 306 5.19 -1.17 -27.13
C VAL F 306 6.01 -2.24 -26.45
N MET F 307 6.45 -1.96 -25.23
CA MET F 307 7.12 -2.94 -24.40
C MET F 307 6.45 -2.95 -23.04
N MET F 308 6.05 -4.11 -22.57
CA MET F 308 5.41 -4.25 -21.27
C MET F 308 6.44 -4.62 -20.22
N THR F 309 6.16 -4.24 -18.99
CA THR F 309 7.00 -4.61 -17.86
C THR F 309 6.09 -5.00 -16.71
N PHE F 310 6.35 -6.17 -16.14
CA PHE F 310 5.64 -6.63 -14.95
C PHE F 310 6.70 -6.91 -13.90
N ALA F 311 6.56 -6.31 -12.73
CA ALA F 311 7.54 -6.50 -11.68
C ALA F 311 6.82 -6.90 -10.39
N ALA F 312 7.38 -7.90 -9.71
CA ALA F 312 6.80 -8.39 -8.47
C ALA F 312 7.90 -8.66 -7.48
N ASP F 313 7.70 -8.22 -6.25
CA ASP F 313 8.66 -8.41 -5.17
C ASP F 313 7.92 -9.01 -3.99
N VAL F 314 8.34 -10.20 -3.57
CA VAL F 314 7.67 -10.93 -2.50
C VAL F 314 8.63 -11.00 -1.33
N ASP F 315 8.17 -10.55 -0.17
CA ASP F 315 8.95 -10.63 1.07
C ASP F 315 8.40 -11.81 1.87
N HIS F 316 9.12 -12.93 1.82
CA HIS F 316 8.64 -14.13 2.49
C HIS F 316 8.52 -14.00 4.01
N PHE F 317 9.24 -13.08 4.63
CA PHE F 317 9.08 -12.94 6.07
C PHE F 317 7.82 -12.19 6.44
N THR F 318 7.28 -11.36 5.56
CA THR F 318 6.04 -10.66 5.83
C THR F 318 4.91 -11.06 4.90
N GLN F 319 5.18 -11.84 3.86
CA GLN F 319 4.16 -12.32 2.93
C GLN F 319 3.44 -11.16 2.22
N GLN F 320 4.15 -10.07 1.96
CA GLN F 320 3.62 -8.92 1.24
C GLN F 320 4.29 -8.81 -0.12
N ALA F 321 3.53 -8.40 -1.13
CA ALA F 321 4.06 -8.30 -2.48
C ALA F 321 3.74 -6.95 -3.08
N LYS F 322 4.71 -6.40 -3.81
CA LYS F 322 4.57 -5.15 -4.54
C LYS F 322 4.53 -5.46 -6.03
N VAL F 323 3.46 -5.03 -6.70
CA VAL F 323 3.26 -5.31 -8.11
C VAL F 323 3.42 -4.04 -8.91
N GLY F 324 4.19 -4.12 -9.99
CA GLY F 324 4.39 -3.00 -10.89
C GLY F 324 4.07 -3.38 -12.31
N VAL F 325 3.27 -2.58 -13.00
CA VAL F 325 2.92 -2.84 -14.39
C VAL F 325 3.21 -1.56 -15.16
N GLY F 326 3.89 -1.69 -16.30
CA GLY F 326 4.25 -0.51 -17.05
C GLY F 326 4.32 -0.73 -18.54
N ILE F 327 4.48 0.37 -19.26
CA ILE F 327 4.47 0.37 -20.71
C ILE F 327 5.41 1.47 -21.20
N SER F 328 6.02 1.24 -22.36
CA SER F 328 6.87 2.22 -23.01
C SER F 328 6.45 2.30 -24.48
N ILE F 329 6.25 3.51 -24.98
CA ILE F 329 5.80 3.65 -26.36
C ILE F 329 6.72 4.60 -27.11
N GLU F 330 7.23 4.14 -28.25
CA GLU F 330 8.08 4.95 -29.14
C GLU F 330 7.39 5.05 -30.49
N ALA F 331 7.10 6.27 -30.93
CA ALA F 331 6.31 6.43 -32.14
C ALA F 331 7.00 7.18 -33.28
N GLY F 332 8.27 7.55 -33.13
CA GLY F 332 8.93 8.37 -34.13
C GLY F 332 9.77 7.63 -35.16
N GLY F 333 9.77 6.30 -35.13
CA GLY F 333 10.70 5.53 -35.95
C GLY F 333 10.53 5.67 -37.45
N GLU F 334 9.29 5.83 -37.93
CA GLU F 334 9.04 5.76 -39.37
C GLU F 334 9.87 6.75 -40.17
N GLU F 335 9.79 8.04 -39.84
CA GLU F 335 10.69 9.01 -40.46
C GLU F 335 12.14 8.73 -40.11
N LEU F 336 12.38 8.29 -38.87
CA LEU F 336 13.72 8.10 -38.33
C LEU F 336 14.47 6.93 -38.93
N GLN F 337 13.80 6.06 -39.70
CA GLN F 337 14.43 4.82 -40.14
C GLN F 337 15.69 5.08 -40.96
N ASP F 338 15.66 6.11 -41.81
CA ASP F 338 16.81 6.38 -42.67
C ASP F 338 18.06 6.74 -41.87
N GLN F 339 17.91 7.52 -40.81
CA GLN F 339 19.06 8.01 -40.07
C GLN F 339 19.70 6.90 -39.25
N GLN F 340 20.79 7.25 -38.56
CA GLN F 340 21.51 6.33 -37.71
C GLN F 340 21.98 7.09 -36.47
N PRO F 341 21.94 6.48 -35.30
CA PRO F 341 22.36 7.16 -34.07
C PRO F 341 23.79 7.69 -34.18
N ALA F 342 23.98 8.93 -33.74
CA ALA F 342 25.31 9.51 -33.76
C ALA F 342 26.24 8.68 -32.89
N PRO F 343 27.49 8.47 -33.30
CA PRO F 343 28.39 7.60 -32.53
C PRO F 343 28.96 8.26 -31.29
N ASN F 344 29.18 7.42 -30.27
CA ASN F 344 29.85 7.79 -29.03
C ASN F 344 29.21 8.99 -28.34
N ILE F 345 27.89 9.09 -28.42
CA ILE F 345 27.20 10.15 -27.67
C ILE F 345 27.57 10.01 -26.19
N PRO F 346 28.02 11.05 -25.53
CA PRO F 346 28.43 10.90 -24.12
C PRO F 346 27.24 10.83 -23.16
N PHE F 347 26.53 9.70 -23.21
CA PHE F 347 25.40 9.48 -22.31
C PHE F 347 25.87 9.49 -20.87
N ASP G 28 0.53 64.86 9.81
CA ASP G 28 0.17 65.62 8.62
C ASP G 28 0.07 67.11 8.94
N THR G 29 1.23 67.74 9.10
CA THR G 29 1.32 69.16 9.41
C THR G 29 2.34 69.81 8.49
N ASP G 30 1.99 70.99 7.98
CA ASP G 30 2.89 71.70 7.07
C ASP G 30 4.25 71.94 7.70
N SER G 31 4.32 72.13 9.02
CA SER G 31 5.60 72.32 9.68
C SER G 31 6.39 71.02 9.73
N GLU G 32 5.70 69.90 9.92
CA GLU G 32 6.37 68.60 9.92
C GLU G 32 6.92 68.29 8.54
N ILE G 33 6.12 68.52 7.50
CA ILE G 33 6.56 68.29 6.13
C ILE G 33 7.65 69.28 5.74
N SER G 34 7.63 70.48 6.34
CA SER G 34 8.67 71.48 6.07
C SER G 34 10.05 71.05 6.49
N THR G 35 10.20 69.98 7.30
CA THR G 35 11.52 69.54 7.71
C THR G 35 12.38 69.13 6.52
N GLU G 36 11.76 68.59 5.46
CA GLU G 36 12.49 68.28 4.24
C GLU G 36 12.59 69.54 3.37
N SER G 37 13.14 70.59 3.99
CA SER G 37 13.24 71.89 3.35
C SER G 37 14.17 71.87 2.15
N ASN G 38 15.31 71.20 2.28
CA ASN G 38 16.33 71.22 1.25
C ASN G 38 16.62 69.82 0.71
N PHE G 39 16.91 69.77 -0.58
CA PHE G 39 17.24 68.54 -1.30
C PHE G 39 18.27 68.89 -2.35
N ASP G 40 18.91 67.86 -2.91
CA ASP G 40 19.96 68.11 -3.88
C ASP G 40 20.02 66.94 -4.86
N PRO G 41 20.34 67.21 -6.14
CA PRO G 41 20.43 66.11 -7.10
C PRO G 41 21.65 65.23 -6.89
N SER G 42 22.79 65.81 -6.51
CA SER G 42 24.00 65.04 -6.32
C SER G 42 23.96 64.25 -5.02
N GLU G 43 23.30 64.79 -3.99
CA GLU G 43 23.21 64.12 -2.70
C GLU G 43 22.54 62.76 -2.82
N GLU G 44 21.63 62.59 -3.77
CA GLU G 44 20.93 61.32 -3.93
C GLU G 44 21.89 60.22 -4.31
N THR G 45 21.78 59.09 -3.61
CA THR G 45 22.58 57.91 -3.90
C THR G 45 22.00 57.18 -5.11
N LEU G 46 22.85 56.37 -5.76
CA LEU G 46 22.39 55.59 -6.92
C LEU G 46 21.16 54.78 -6.57
N ALA G 47 21.16 54.15 -5.38
CA ALA G 47 19.99 53.41 -4.92
C ALA G 47 18.80 54.34 -4.72
N ASP G 48 19.04 55.53 -4.18
CA ASP G 48 17.96 56.48 -3.98
C ASP G 48 17.37 56.94 -5.30
N ARG G 49 18.23 57.22 -6.28
CA ARG G 49 17.72 57.61 -7.60
C ARG G 49 16.96 56.46 -8.23
N LEU G 50 17.42 55.23 -8.04
CA LEU G 50 16.68 54.07 -8.53
C LEU G 50 15.38 53.89 -7.74
N HIS G 51 15.43 54.11 -6.42
CA HIS G 51 14.22 54.00 -5.61
C HIS G 51 13.22 55.08 -5.99
N ALA G 52 13.72 56.25 -6.37
CA ALA G 52 12.84 57.34 -6.79
C ALA G 52 11.94 56.93 -7.95
N LEU G 53 12.41 56.01 -8.79
CA LEU G 53 11.60 55.54 -9.90
C LEU G 53 10.32 54.88 -9.40
N ARG G 54 10.41 54.10 -8.33
CA ARG G 54 9.20 53.51 -7.76
C ARG G 54 8.30 54.58 -7.14
N ASP G 55 8.89 55.64 -6.60
CA ASP G 55 8.12 56.72 -6.01
C ASP G 55 7.27 57.45 -7.05
N MET G 56 7.66 57.37 -8.33
CA MET G 56 6.91 58.04 -9.38
C MET G 56 5.48 57.53 -9.44
N VAL G 57 5.28 56.24 -9.28
CA VAL G 57 3.93 55.67 -9.33
C VAL G 57 3.19 56.05 -8.06
N PRO G 58 1.94 56.50 -8.13
CA PRO G 58 1.19 56.82 -6.92
C PRO G 58 1.07 55.60 -6.02
N PRO G 59 1.36 55.74 -4.73
CA PRO G 59 1.30 54.58 -3.83
C PRO G 59 -0.07 53.94 -3.73
N ALA G 60 -1.14 54.74 -3.74
CA ALA G 60 -2.49 54.18 -3.66
C ALA G 60 -2.79 53.32 -4.89
N TYR G 61 -2.47 53.83 -6.08
CA TYR G 61 -2.73 53.08 -7.30
C TYR G 61 -1.82 51.85 -7.39
N ARG G 62 -0.52 52.03 -7.18
CA ARG G 62 0.43 50.92 -7.25
C ARG G 62 0.08 49.84 -6.24
N GLY G 63 -0.34 50.23 -5.03
CA GLY G 63 -0.77 49.25 -4.05
C GLY G 63 -2.01 48.51 -4.49
N TRP G 64 -2.97 49.22 -5.09
CA TRP G 64 -4.17 48.57 -5.58
C TRP G 64 -3.91 47.75 -6.84
N ILE G 65 -2.96 48.18 -7.66
CA ILE G 65 -2.59 47.39 -8.84
C ILE G 65 -1.86 46.13 -8.43
N TYR G 66 -0.95 46.25 -7.46
CA TYR G 66 -0.21 45.09 -6.97
C TYR G 66 -1.16 44.05 -6.38
N HIS G 67 -2.19 44.51 -5.67
CA HIS G 67 -3.19 43.59 -5.14
C HIS G 67 -3.86 42.79 -6.24
N LYS G 68 -4.33 43.48 -7.28
CA LYS G 68 -4.94 42.79 -8.41
C LYS G 68 -3.92 41.87 -9.07
N TYR G 69 -2.65 42.28 -9.12
CA TYR G 69 -1.63 41.42 -9.69
C TYR G 69 -1.53 40.11 -8.94
N GLU G 70 -1.60 40.17 -7.61
CA GLU G 70 -1.56 38.96 -6.81
C GLU G 70 -2.78 38.09 -7.08
N GLN G 71 -3.96 38.71 -7.11
CA GLN G 71 -5.17 37.97 -7.40
C GLN G 71 -5.15 37.38 -8.81
N THR G 72 -4.64 38.15 -9.78
CA THR G 72 -4.59 37.62 -11.14
C THR G 72 -3.59 36.48 -11.26
N THR G 73 -2.43 36.59 -10.62
CA THR G 73 -1.44 35.53 -10.72
C THR G 73 -1.94 34.26 -10.03
N SER G 74 -2.63 34.40 -8.90
CA SER G 74 -3.16 33.22 -8.23
C SER G 74 -4.24 32.53 -9.08
N ALA G 75 -5.15 33.32 -9.65
CA ALA G 75 -6.20 32.74 -10.48
C ALA G 75 -5.64 32.01 -11.68
N VAL G 76 -4.64 32.61 -12.36
CA VAL G 76 -4.02 31.95 -13.50
C VAL G 76 -3.35 30.65 -13.08
N ARG G 77 -2.62 30.69 -11.97
CA ARG G 77 -1.96 29.47 -11.50
C ARG G 77 -2.98 28.40 -11.17
N LYS G 78 -4.11 28.78 -10.60
CA LYS G 78 -5.15 27.79 -10.34
C LYS G 78 -5.68 27.23 -11.64
N ALA G 79 -5.87 28.08 -12.64
CA ALA G 79 -6.35 27.62 -13.94
C ALA G 79 -5.34 26.67 -14.57
N LEU G 80 -4.05 27.01 -14.53
CA LEU G 80 -3.06 26.12 -15.12
C LEU G 80 -3.01 24.79 -14.39
N SER G 81 -3.13 24.82 -13.07
CA SER G 81 -3.14 23.57 -12.31
C SER G 81 -4.36 22.73 -12.67
N PHE G 82 -5.51 23.38 -12.81
CA PHE G 82 -6.71 22.63 -13.21
C PHE G 82 -6.59 22.10 -14.63
N ALA G 83 -6.13 22.92 -15.56
CA ALA G 83 -5.96 22.45 -16.92
C ALA G 83 -4.94 21.32 -16.97
N GLY G 84 -3.84 21.46 -16.24
CA GLY G 84 -2.86 20.40 -16.20
C GLY G 84 -3.40 19.14 -15.56
N ARG G 85 -4.13 19.29 -14.46
CA ARG G 85 -4.71 18.13 -13.80
C ARG G 85 -5.73 17.46 -14.69
N ALA G 86 -6.44 18.24 -15.49
CA ALA G 86 -7.42 17.66 -16.42
C ALA G 86 -6.72 16.87 -17.53
N ALA G 87 -5.68 17.45 -18.13
CA ALA G 87 -4.99 16.73 -19.19
C ALA G 87 -4.42 15.42 -18.69
N TRP G 88 -3.91 15.42 -17.46
CA TRP G 88 -3.40 14.18 -16.89
C TRP G 88 -4.51 13.15 -16.74
N THR G 89 -5.68 13.58 -16.24
CA THR G 89 -6.79 12.66 -16.07
C THR G 89 -7.23 12.03 -17.39
N VAL G 90 -7.37 12.83 -18.43
CA VAL G 90 -7.76 12.28 -19.73
C VAL G 90 -6.65 11.41 -20.30
N SER G 91 -5.40 11.83 -20.13
CA SER G 91 -4.29 11.04 -20.66
C SER G 91 -4.21 9.68 -19.99
N VAL G 92 -4.34 9.63 -18.66
CA VAL G 92 -4.27 8.35 -17.97
C VAL G 92 -5.47 7.48 -18.30
N THR G 93 -6.64 8.10 -18.45
CA THR G 93 -7.84 7.34 -18.80
C THR G 93 -7.69 6.68 -20.15
N ALA G 94 -7.24 7.43 -21.16
CA ALA G 94 -7.08 6.83 -22.47
C ALA G 94 -6.05 5.72 -22.45
N LEU G 95 -4.95 5.90 -21.72
CA LEU G 95 -3.96 4.82 -21.68
C LEU G 95 -4.47 3.62 -20.91
N LEU G 96 -5.00 3.84 -19.70
CA LEU G 96 -5.41 2.73 -18.86
C LEU G 96 -6.51 1.89 -19.50
N VAL G 97 -7.38 2.50 -20.29
CA VAL G 97 -8.44 1.77 -20.95
C VAL G 97 -8.07 1.39 -22.37
N GLY G 98 -7.45 2.32 -23.10
CA GLY G 98 -7.11 2.05 -24.49
C GLY G 98 -6.01 1.03 -24.67
N VAL G 99 -5.03 0.99 -23.77
CA VAL G 99 -3.91 0.07 -23.96
C VAL G 99 -4.38 -1.37 -23.85
N PRO G 100 -4.97 -1.83 -22.75
CA PRO G 100 -5.43 -3.22 -22.74
C PRO G 100 -6.40 -3.50 -23.87
N PHE G 101 -7.29 -2.56 -24.16
CA PHE G 101 -8.26 -2.77 -25.22
C PHE G 101 -7.60 -2.94 -26.57
N SER G 102 -6.62 -2.09 -26.90
CA SER G 102 -5.99 -2.21 -28.20
C SER G 102 -5.32 -3.56 -28.36
N LEU G 103 -4.71 -4.07 -27.29
CA LEU G 103 -4.09 -5.38 -27.37
C LEU G 103 -5.14 -6.47 -27.48
N ALA G 104 -6.17 -6.42 -26.63
CA ALA G 104 -7.21 -7.42 -26.69
C ALA G 104 -7.92 -7.38 -28.03
N TYR G 105 -8.29 -6.18 -28.49
CA TYR G 105 -8.95 -6.09 -29.78
C TYR G 105 -8.00 -6.52 -30.90
N GLY G 106 -6.74 -6.10 -30.81
CA GLY G 106 -5.77 -6.49 -31.82
C GLY G 106 -5.57 -7.99 -31.88
N GLU G 107 -5.42 -8.63 -30.73
CA GLU G 107 -5.24 -10.08 -30.72
C GLU G 107 -6.45 -10.78 -31.29
N ASP G 108 -7.64 -10.27 -31.01
CA ASP G 108 -8.85 -10.85 -31.59
C ASP G 108 -8.81 -10.79 -33.11
N GLN G 109 -8.32 -9.68 -33.67
CA GLN G 109 -8.26 -9.54 -35.11
C GLN G 109 -7.35 -10.56 -35.76
N GLN G 110 -6.26 -10.96 -35.09
CA GLN G 110 -5.38 -11.96 -35.66
C GLN G 110 -6.09 -13.29 -35.82
N TYR G 111 -6.84 -13.71 -34.81
CA TYR G 111 -7.60 -14.95 -34.92
C TYR G 111 -8.62 -14.85 -36.05
N ALA G 112 -9.23 -13.68 -36.21
CA ALA G 112 -10.17 -13.50 -37.31
C ALA G 112 -9.46 -13.63 -38.66
N ALA G 113 -8.24 -13.11 -38.75
CA ALA G 113 -7.47 -13.24 -39.99
C ALA G 113 -7.07 -14.68 -40.24
N MET G 114 -6.51 -15.35 -39.22
CA MET G 114 -6.10 -16.73 -39.39
C MET G 114 -7.29 -17.65 -39.68
N GLU G 115 -8.41 -17.42 -39.01
CA GLU G 115 -9.60 -18.21 -39.29
C GLU G 115 -10.13 -17.97 -40.70
N GLN G 116 -10.02 -16.73 -41.19
CA GLN G 116 -10.52 -16.43 -42.52
C GLN G 116 -9.67 -17.09 -43.60
N GLU G 117 -8.40 -17.36 -43.32
CA GLU G 117 -7.56 -18.01 -44.32
C GLU G 117 -7.91 -19.48 -44.53
N GLN G 118 -8.74 -20.05 -43.68
CA GLN G 118 -9.13 -21.44 -43.83
C GLN G 118 -10.15 -21.58 -44.95
N PRO H 8 -30.07 5.18 25.71
CA PRO H 8 -30.50 4.52 26.95
C PRO H 8 -31.29 3.24 26.74
N GLN H 9 -31.43 2.46 27.80
CA GLN H 9 -32.17 1.22 27.67
C GLN H 9 -33.68 1.49 27.63
N PRO H 10 -34.42 0.75 26.83
CA PRO H 10 -35.87 0.99 26.75
C PRO H 10 -36.66 0.36 27.89
N SER H 11 -37.83 0.94 28.14
CA SER H 11 -38.76 0.45 29.14
C SER H 11 -39.55 -0.73 28.56
N PRO H 12 -40.14 -1.59 29.43
CA PRO H 12 -40.87 -2.74 28.87
C PRO H 12 -42.09 -2.39 28.05
N GLU H 13 -42.86 -1.37 28.44
CA GLU H 13 -44.03 -1.03 27.62
C GLU H 13 -43.61 -0.48 26.27
N GLU H 14 -42.49 0.25 26.21
CA GLU H 14 -42.02 0.72 24.91
C GLU H 14 -41.61 -0.45 24.03
N LEU H 15 -41.01 -1.48 24.65
CA LEU H 15 -40.66 -2.68 23.90
C LEU H 15 -41.90 -3.34 23.34
N ARG H 16 -42.95 -3.45 24.15
CA ARG H 16 -44.20 -4.04 23.70
C ARG H 16 -44.81 -3.22 22.57
N ALA H 17 -44.66 -1.90 22.63
CA ALA H 17 -45.13 -1.05 21.54
C ALA H 17 -44.34 -1.32 20.27
N ALA H 18 -43.01 -1.44 20.39
CA ALA H 18 -42.19 -1.73 19.22
C ALA H 18 -42.50 -3.10 18.65
N GLU H 19 -42.64 -4.11 19.52
CA GLU H 19 -42.94 -5.46 19.04
C GLU H 19 -44.24 -5.50 18.26
N ALA H 20 -45.26 -4.79 18.74
CA ALA H 20 -46.53 -4.77 18.01
C ALA H 20 -46.42 -4.04 16.68
N GLU H 21 -45.78 -2.86 16.69
CA GLU H 21 -45.59 -2.12 15.46
C GLU H 21 -44.86 -2.94 14.39
N ALA H 22 -43.73 -3.54 14.77
CA ALA H 22 -42.96 -4.33 13.82
C ALA H 22 -43.78 -5.47 13.23
N ALA H 23 -44.51 -6.19 14.08
CA ALA H 23 -45.33 -7.29 13.59
C ALA H 23 -46.38 -6.77 12.62
N SER H 24 -47.01 -5.64 12.96
CA SER H 24 -48.02 -5.06 12.08
C SER H 24 -47.44 -4.68 10.73
N THR H 25 -46.20 -4.18 10.71
CA THR H 25 -45.56 -3.82 9.44
C THR H 25 -45.39 -5.03 8.55
N ILE H 26 -44.84 -6.13 9.11
CA ILE H 26 -44.65 -7.33 8.31
C ILE H 26 -45.98 -7.93 7.90
N GLN H 27 -47.01 -7.83 8.74
CA GLN H 27 -48.31 -8.33 8.33
C GLN H 27 -48.84 -7.52 7.14
N ARG H 28 -48.60 -6.21 7.14
CA ARG H 28 -48.98 -5.42 5.98
C ARG H 28 -48.16 -5.80 4.76
N ALA H 29 -46.91 -6.23 4.97
CA ALA H 29 -46.09 -6.65 3.85
C ALA H 29 -46.66 -7.92 3.22
N ILE H 30 -46.97 -8.92 4.03
CA ILE H 30 -47.52 -10.16 3.50
C ILE H 30 -48.84 -9.86 2.80
N ALA H 31 -49.59 -8.87 3.28
CA ALA H 31 -50.80 -8.48 2.58
C ALA H 31 -50.49 -7.95 1.19
N THR H 32 -49.38 -7.22 1.06
CA THR H 32 -48.97 -6.76 -0.27
C THR H 32 -48.50 -7.93 -1.12
N ALA H 33 -47.76 -8.86 -0.50
CA ALA H 33 -47.29 -10.02 -1.23
C ALA H 33 -48.47 -10.82 -1.80
N ALA H 34 -49.55 -10.94 -1.03
CA ALA H 34 -50.73 -11.62 -1.55
C ALA H 34 -51.29 -10.88 -2.75
N VAL H 35 -51.25 -9.55 -2.70
CA VAL H 35 -51.70 -8.76 -3.84
C VAL H 35 -50.83 -9.04 -5.06
N LEU H 36 -49.51 -9.12 -4.83
CA LEU H 36 -48.61 -9.43 -5.94
C LEU H 36 -48.93 -10.80 -6.53
N TYR H 37 -49.17 -11.79 -5.69
CA TYR H 37 -49.48 -13.12 -6.20
C TYR H 37 -50.76 -13.08 -7.03
N LEU H 38 -51.69 -12.21 -6.66
CA LEU H 38 -52.95 -12.03 -7.37
C LEU H 38 -52.87 -10.95 -8.44
N ALA H 39 -51.83 -10.12 -8.42
CA ALA H 39 -51.68 -9.03 -9.38
C ALA H 39 -51.73 -9.38 -10.87
N PRO H 40 -51.10 -10.46 -11.38
CA PRO H 40 -51.19 -10.69 -12.84
C PRO H 40 -52.60 -10.84 -13.37
N PHE H 41 -53.52 -11.46 -12.64
CA PHE H 41 -54.88 -11.56 -13.16
C PHE H 41 -55.53 -10.19 -13.28
N ILE H 42 -55.18 -9.27 -12.37
CA ILE H 42 -55.71 -7.92 -12.48
C ILE H 42 -55.19 -7.24 -13.73
N VAL H 43 -53.89 -7.39 -14.00
CA VAL H 43 -53.28 -6.80 -15.19
C VAL H 43 -53.87 -7.39 -16.46
N ASP H 44 -54.24 -8.67 -16.42
CA ASP H 44 -54.86 -9.29 -17.58
C ASP H 44 -56.17 -8.59 -17.93
N ALA H 45 -56.97 -8.26 -16.91
CA ALA H 45 -58.23 -7.59 -17.13
C ALA H 45 -58.02 -6.26 -17.87
N VAL H 46 -56.96 -5.54 -17.52
CA VAL H 46 -56.72 -4.24 -18.14
C VAL H 46 -56.54 -4.38 -19.64
N TYR H 47 -55.79 -5.39 -20.09
CA TYR H 47 -55.68 -5.61 -21.53
C TYR H 47 -57.03 -5.96 -22.14
N LYS H 48 -57.93 -6.55 -21.33
CA LYS H 48 -59.25 -6.91 -21.82
C LYS H 48 -60.29 -5.82 -21.59
N MET H 49 -59.94 -4.75 -20.87
CA MET H 49 -60.89 -3.67 -20.64
C MET H 49 -61.11 -2.83 -21.89
N PHE H 50 -60.16 -2.82 -22.81
CA PHE H 50 -60.26 -2.02 -24.02
C PHE H 50 -60.64 -2.90 -25.22
N PRO I 16 -28.93 32.52 -14.82
CA PRO I 16 -29.05 31.15 -15.32
C PRO I 16 -28.15 30.17 -14.59
N ILE I 17 -26.83 30.33 -14.78
CA ILE I 17 -25.87 29.45 -14.14
C ILE I 17 -26.01 29.51 -12.62
N THR I 18 -26.25 30.70 -12.09
CA THR I 18 -26.41 30.85 -10.64
C THR I 18 -27.56 29.98 -10.13
N GLY I 19 -28.64 29.88 -10.90
CA GLY I 19 -29.74 29.03 -10.48
C GLY I 19 -29.51 27.56 -10.74
N ALA I 20 -28.49 27.23 -11.52
CA ALA I 20 -28.10 25.86 -11.83
C ALA I 20 -26.87 25.39 -11.08
N TYR I 21 -25.84 26.24 -11.01
CA TYR I 21 -24.61 25.88 -10.32
C TYR I 21 -24.85 25.61 -8.84
N ASN I 22 -25.69 26.42 -8.20
CA ASN I 22 -25.97 26.24 -6.79
C ASN I 22 -26.56 24.85 -6.55
N ALA I 23 -27.55 24.46 -7.34
CA ALA I 23 -28.15 23.14 -7.19
C ALA I 23 -27.27 22.04 -7.76
N LEU I 24 -26.17 22.40 -8.43
CA LEU I 24 -25.30 21.41 -9.05
C LEU I 24 -23.95 21.24 -8.37
N PHE I 25 -23.45 22.24 -7.67
CA PHE I 25 -22.14 22.09 -7.05
C PHE I 25 -22.03 22.58 -5.61
N VAL I 26 -22.97 23.38 -5.10
CA VAL I 26 -22.84 23.90 -3.75
C VAL I 26 -24.16 23.78 -3.00
N SER I 27 -24.70 22.57 -2.94
CA SER I 27 -25.93 22.33 -2.20
C SER I 27 -25.83 21.00 -1.47
N GLU I 28 -26.71 20.85 -0.47
CA GLU I 28 -26.71 19.63 0.33
C GLU I 28 -26.98 18.39 -0.51
N ASN I 29 -27.69 18.55 -1.63
CA ASN I 29 -28.04 17.45 -2.51
C ASN I 29 -27.21 17.46 -3.79
N ALA I 30 -26.13 18.24 -3.84
CA ALA I 30 -25.31 18.32 -5.04
C ALA I 30 -24.89 16.94 -5.53
N SER I 31 -24.54 16.06 -4.60
CA SER I 31 -24.14 14.71 -4.98
C SER I 31 -25.31 13.92 -5.56
N ILE I 32 -26.52 14.14 -5.04
CA ILE I 32 -27.67 13.44 -5.60
C ILE I 32 -27.96 13.92 -7.01
N VAL I 33 -27.96 15.23 -7.22
CA VAL I 33 -28.25 15.76 -8.54
C VAL I 33 -27.19 15.33 -9.54
N ARG I 34 -25.92 15.38 -9.14
CA ARG I 34 -24.84 14.98 -10.03
C ARG I 34 -24.96 13.51 -10.42
N SER I 35 -25.29 12.66 -9.45
CA SER I 35 -25.47 11.25 -9.75
C SER I 35 -26.68 11.03 -10.65
N VAL I 36 -27.77 11.74 -10.39
CA VAL I 36 -28.98 11.57 -11.20
C VAL I 36 -28.74 12.10 -12.61
N VAL I 37 -28.10 13.26 -12.75
CA VAL I 37 -27.86 13.80 -14.07
C VAL I 37 -26.97 12.87 -14.87
N ALA I 38 -25.91 12.35 -14.25
CA ALA I 38 -25.03 11.44 -14.95
C ALA I 38 -25.80 10.21 -15.42
N PHE I 39 -26.74 9.74 -14.61
CA PHE I 39 -27.57 8.61 -15.01
C PHE I 39 -28.42 8.97 -16.22
N GLY I 40 -29.00 10.17 -16.23
CA GLY I 40 -29.80 10.57 -17.37
C GLY I 40 -29.06 10.55 -18.69
N LEU I 41 -27.81 11.00 -18.71
CA LEU I 41 -27.04 10.97 -19.94
C LEU I 41 -26.73 9.54 -20.38
N ALA I 42 -26.25 8.73 -19.44
CA ALA I 42 -25.87 7.36 -19.78
C ALA I 42 -27.03 6.59 -20.40
N VAL I 43 -28.22 6.70 -19.81
CA VAL I 43 -29.35 5.98 -20.39
C VAL I 43 -29.65 6.47 -21.79
N THR I 44 -29.62 7.79 -22.00
CA THR I 44 -29.86 8.30 -23.33
C THR I 44 -28.78 7.84 -24.29
N PHE I 45 -27.52 7.88 -23.83
CA PHE I 45 -26.41 7.46 -24.66
C PHE I 45 -26.57 6.01 -25.11
N LEU I 46 -27.07 5.15 -24.23
CA LEU I 46 -27.27 3.76 -24.61
C LEU I 46 -28.49 3.60 -25.52
N ALA I 47 -29.64 4.09 -25.06
CA ALA I 47 -30.89 3.86 -25.77
C ALA I 47 -30.91 4.54 -27.15
N SER I 48 -30.22 5.66 -27.30
CA SER I 48 -30.27 6.36 -28.59
C SER I 48 -29.53 5.64 -29.70
N GLY I 49 -28.84 4.56 -29.41
CA GLY I 49 -28.12 3.86 -30.45
C GLY I 49 -26.76 4.43 -30.75
N TRP I 50 -26.41 5.57 -30.15
CA TRP I 50 -25.10 6.14 -30.35
C TRP I 50 -24.00 5.22 -29.83
N ALA I 51 -24.25 4.57 -28.70
CA ALA I 51 -23.24 3.67 -28.15
C ALA I 51 -22.90 2.56 -29.12
N GLU I 52 -23.91 1.97 -29.76
CA GLU I 52 -23.63 0.91 -30.72
C GLU I 52 -22.84 1.45 -31.90
N ALA I 53 -23.10 2.69 -32.27
CA ALA I 53 -22.37 3.33 -33.35
C ALA I 53 -20.99 3.80 -32.92
N ILE I 54 -20.73 3.84 -31.61
CA ILE I 54 -19.47 4.34 -31.09
C ILE I 54 -18.65 3.23 -30.45
N LEU I 55 -19.26 2.39 -29.62
CA LEU I 55 -18.51 1.36 -28.91
C LEU I 55 -18.35 0.07 -29.69
N SER I 56 -18.89 -0.03 -30.90
CA SER I 56 -18.75 -1.28 -31.63
C SER I 56 -18.42 -1.02 -33.09
N LEU J 21 -40.31 -20.34 31.21
CA LEU J 21 -39.92 -20.44 29.81
C LEU J 21 -38.95 -21.60 29.60
N GLY J 22 -37.66 -21.30 29.69
CA GLY J 22 -36.63 -22.32 29.54
C GLY J 22 -35.80 -22.43 30.79
N ALA J 23 -35.46 -23.66 31.16
CA ALA J 23 -34.65 -23.89 32.35
C ALA J 23 -33.21 -23.47 32.08
N ASP J 24 -32.58 -22.86 33.10
CA ASP J 24 -31.20 -22.43 32.96
C ASP J 24 -30.29 -23.62 32.69
N SER J 25 -30.54 -24.75 33.36
CA SER J 25 -29.74 -25.94 33.11
C SER J 25 -29.93 -26.42 31.68
N LYS J 26 -31.16 -26.32 31.16
CA LYS J 26 -31.40 -26.70 29.78
C LYS J 26 -30.64 -25.79 28.82
N GLN J 27 -30.65 -24.49 29.10
CA GLN J 27 -29.93 -23.55 28.25
C GLN J 27 -28.44 -23.85 28.27
N GLU J 28 -27.90 -24.22 29.42
CA GLU J 28 -26.50 -24.60 29.50
C GLU J 28 -26.22 -25.82 28.65
N ARG J 29 -27.09 -26.83 28.74
CA ARG J 29 -26.89 -28.03 27.95
C ARG J 29 -27.04 -27.73 26.46
N ILE J 30 -28.06 -26.95 26.10
CA ILE J 30 -28.27 -26.60 24.70
C ILE J 30 -27.09 -25.80 24.17
N SER J 31 -26.61 -24.84 24.96
CA SER J 31 -25.44 -24.07 24.53
C SER J 31 -24.24 -24.97 24.35
N LYS J 32 -24.09 -25.97 25.22
CA LYS J 32 -22.98 -26.90 25.08
C LYS J 32 -23.10 -27.67 23.78
N LEU J 33 -24.33 -28.00 23.39
CA LEU J 33 -24.55 -28.71 22.13
C LEU J 33 -24.08 -27.89 20.94
N ILE J 34 -24.32 -26.57 20.97
CA ILE J 34 -23.86 -25.71 19.90
C ILE J 34 -22.35 -25.69 19.85
N GLU J 35 -21.70 -25.55 21.01
CA GLU J 35 -20.25 -25.54 21.06
C GLU J 35 -19.69 -26.83 20.50
N ILE J 36 -20.29 -27.97 20.87
CA ILE J 36 -19.81 -29.24 20.36
C ILE J 36 -20.04 -29.32 18.86
N SER J 37 -21.22 -28.90 18.40
CA SER J 37 -21.50 -28.92 16.97
C SER J 37 -20.54 -28.00 16.23
N ARG J 38 -20.20 -26.87 16.84
CA ARG J 38 -19.25 -25.94 16.24
C ARG J 38 -17.90 -26.61 16.03
N VAL J 39 -17.40 -27.30 17.06
CA VAL J 39 -16.09 -27.94 16.94
C VAL J 39 -16.10 -29.03 15.88
N VAL J 40 -17.15 -29.85 15.85
CA VAL J 40 -17.22 -30.92 14.87
C VAL J 40 -17.20 -30.37 13.45
N ILE J 41 -18.01 -29.35 13.18
CA ILE J 41 -18.04 -28.78 11.84
C ILE J 41 -16.69 -28.17 11.48
N HIS J 42 -16.03 -27.53 12.46
CA HIS J 42 -14.75 -26.92 12.19
C HIS J 42 -13.73 -27.94 11.73
N TYR J 43 -13.67 -29.09 12.40
CA TYR J 43 -12.70 -30.12 12.05
C TYR J 43 -13.20 -31.10 11.02
N GLY J 44 -14.48 -31.46 11.07
CA GLY J 44 -14.97 -32.52 10.23
C GLY J 44 -15.56 -32.18 8.88
N TYR J 45 -15.89 -30.91 8.64
CA TYR J 45 -16.62 -30.57 7.44
C TYR J 45 -15.78 -30.80 6.19
N LEU J 46 -14.56 -30.29 6.18
CA LEU J 46 -13.71 -30.50 5.00
C LEU J 46 -13.37 -31.96 4.78
N PRO J 47 -12.90 -32.72 5.78
CA PRO J 47 -12.67 -34.15 5.53
C PRO J 47 -13.89 -34.87 5.01
N MET J 48 -15.08 -34.46 5.44
CA MET J 48 -16.29 -35.09 4.94
C MET J 48 -16.45 -34.89 3.43
N ILE J 49 -16.23 -33.67 2.95
CA ILE J 49 -16.37 -33.42 1.52
C ILE J 49 -15.39 -34.26 0.72
N LEU J 50 -14.14 -34.34 1.17
CA LEU J 50 -13.18 -35.17 0.46
C LEU J 50 -13.59 -36.63 0.47
N TYR J 51 -14.15 -37.10 1.58
CA TYR J 51 -14.59 -38.49 1.62
C TYR J 51 -15.71 -38.73 0.63
N LEU J 52 -16.68 -37.83 0.57
CA LEU J 52 -17.76 -38.03 -0.39
C LEU J 52 -17.20 -38.08 -1.81
N GLY J 53 -16.33 -37.14 -2.15
CA GLY J 53 -15.74 -37.14 -3.47
C GLY J 53 -14.91 -38.39 -3.72
N TYR J 54 -13.96 -38.65 -2.82
CA TYR J 54 -13.05 -39.78 -3.01
C TYR J 54 -13.80 -41.10 -3.19
N THR J 55 -14.89 -41.28 -2.47
CA THR J 55 -15.62 -42.54 -2.57
C THR J 55 -16.65 -42.56 -3.68
N ARG J 56 -17.11 -41.40 -4.15
CA ARG J 56 -18.13 -41.35 -5.17
C ARG J 56 -17.65 -40.84 -6.51
N SER J 57 -16.41 -40.35 -6.60
CA SER J 57 -15.93 -39.85 -7.87
C SER J 57 -15.86 -40.96 -8.92
N GLU J 58 -15.89 -40.55 -10.18
CA GLU J 58 -15.83 -41.47 -11.31
C GLU J 58 -14.81 -40.95 -12.31
N PRO J 59 -13.61 -41.55 -12.36
CA PRO J 59 -13.10 -42.68 -11.58
C PRO J 59 -12.65 -42.26 -10.19
N LYS J 60 -12.03 -43.17 -9.45
CA LYS J 60 -11.51 -42.86 -8.13
C LYS J 60 -10.05 -42.49 -8.26
N PRO J 61 -9.63 -41.32 -7.79
CA PRO J 61 -8.22 -40.91 -7.94
C PRO J 61 -7.33 -41.63 -6.93
N SER J 62 -6.03 -41.49 -7.15
CA SER J 62 -5.07 -42.03 -6.20
C SER J 62 -5.00 -41.18 -4.95
N ILE J 63 -4.73 -41.83 -3.81
CA ILE J 63 -4.67 -41.13 -2.53
C ILE J 63 -3.66 -39.99 -2.58
N ILE J 64 -2.55 -40.20 -3.29
CA ILE J 64 -1.56 -39.14 -3.42
C ILE J 64 -2.09 -38.06 -4.35
N ARG J 65 -2.70 -38.48 -5.46
CA ARG J 65 -3.24 -37.55 -6.44
C ARG J 65 -4.48 -36.83 -5.90
N LEU J 66 -5.22 -37.48 -5.00
CA LEU J 66 -6.45 -36.91 -4.43
C LEU J 66 -6.29 -35.48 -3.93
N LEU J 67 -5.10 -35.10 -3.48
CA LEU J 67 -4.87 -33.72 -3.06
C LEU J 67 -3.64 -33.12 -3.72
N SER J 68 -3.24 -33.66 -4.84
CA SER J 68 -2.13 -33.02 -5.52
C SER J 68 -2.64 -31.81 -6.30
N PRO J 69 -1.90 -30.71 -6.28
CA PRO J 69 -2.43 -29.51 -6.93
C PRO J 69 -2.42 -29.63 -8.43
N LEU J 70 -1.33 -30.15 -9.00
CA LEU J 70 -1.19 -30.27 -10.45
C LEU J 70 -0.47 -31.52 -10.93
N SER J 71 0.08 -32.35 -10.04
CA SER J 71 0.80 -33.54 -10.48
C SER J 71 -0.14 -34.65 -10.91
N VAL K 22 8.32 60.26 -21.79
CA VAL K 22 8.31 59.92 -20.37
C VAL K 22 9.60 60.40 -19.72
N LEU K 23 10.73 60.18 -20.40
CA LEU K 23 12.02 60.58 -19.85
C LEU K 23 12.09 62.08 -19.66
N ALA K 24 11.56 62.85 -20.61
CA ALA K 24 11.54 64.31 -20.46
C ALA K 24 10.70 64.72 -19.27
N TYR K 25 9.54 64.09 -19.09
CA TYR K 25 8.71 64.37 -17.92
C TYR K 25 9.41 63.90 -16.65
N ALA K 26 10.02 62.72 -16.70
CA ALA K 26 10.74 62.20 -15.53
C ALA K 26 11.89 63.12 -15.15
N ALA K 27 12.63 63.65 -16.12
CA ALA K 27 13.70 64.58 -15.82
C ALA K 27 13.14 65.85 -15.19
N TYR K 28 12.04 66.38 -15.75
CA TYR K 28 11.42 67.56 -15.15
C TYR K 28 10.88 67.22 -13.77
N PHE K 29 10.25 66.06 -13.63
CA PHE K 29 9.75 65.61 -12.34
C PHE K 29 10.89 65.47 -11.34
N ASP K 30 11.98 64.83 -11.77
CA ASP K 30 13.15 64.69 -10.90
C ASP K 30 13.77 66.04 -10.59
N TYR K 31 13.89 66.91 -11.59
CA TYR K 31 14.44 68.24 -11.35
C TYR K 31 13.57 69.02 -10.38
N GLN K 32 12.25 69.00 -10.59
CA GLN K 32 11.33 69.68 -9.69
C GLN K 32 11.40 69.07 -8.28
N ARG K 33 11.39 67.74 -8.20
CA ARG K 33 11.47 67.09 -6.90
C ARG K 33 12.77 67.44 -6.18
N ARG K 34 13.87 67.52 -6.93
CA ARG K 34 15.15 67.80 -6.30
C ARG K 34 15.27 69.26 -5.87
N HIS K 35 14.87 70.18 -6.75
CA HIS K 35 15.08 71.60 -6.49
C HIS K 35 13.87 72.33 -5.92
N ASN K 36 12.65 71.82 -6.11
CA ASN K 36 11.45 72.48 -5.61
C ASN K 36 10.99 71.73 -4.36
N ALA K 37 11.11 72.39 -3.20
CA ALA K 37 10.66 71.78 -1.95
C ALA K 37 9.15 71.63 -1.91
N GLU K 38 8.41 72.57 -2.50
CA GLU K 38 6.96 72.48 -2.50
C GLU K 38 6.50 71.25 -3.28
N PHE K 39 7.19 70.93 -4.36
CA PHE K 39 6.84 69.74 -5.14
C PHE K 39 7.01 68.49 -4.28
N ARG K 40 8.12 68.41 -3.54
CA ARG K 40 8.31 67.31 -2.61
C ARG K 40 7.24 67.32 -1.52
N ARG K 41 6.95 68.50 -0.97
CA ARG K 41 5.98 68.61 0.11
C ARG K 41 4.60 68.13 -0.32
N GLN K 42 4.18 68.49 -1.53
CA GLN K 42 2.89 68.02 -2.03
C GLN K 42 2.90 66.51 -2.15
N LEU K 43 3.97 65.96 -2.75
CA LEU K 43 4.09 64.51 -2.88
C LEU K 43 4.23 63.86 -1.51
N ARG K 44 5.10 64.42 -0.66
CA ARG K 44 5.31 63.86 0.67
C ARG K 44 4.01 63.88 1.48
N ARG K 45 3.22 64.94 1.35
CA ARG K 45 1.95 65.00 2.05
C ARG K 45 1.04 63.87 1.58
N ASN K 46 1.01 63.62 0.28
CA ASN K 46 0.21 62.52 -0.25
C ASN K 46 0.77 61.19 0.24
N GLU K 47 2.10 61.06 0.24
CA GLU K 47 2.74 59.86 0.72
C GLU K 47 2.47 59.65 2.20
N ARG K 48 2.62 60.72 3.00
CA ARG K 48 2.34 60.64 4.42
C ARG K 48 0.88 60.28 4.66
N ARG K 49 -0.02 60.86 3.87
CA ARG K 49 -1.44 60.53 3.99
C ARG K 49 -1.69 59.05 3.70
N GLN K 50 -1.04 58.52 2.67
CA GLN K 50 -1.20 57.11 2.37
C GLN K 50 -0.64 56.21 3.47
N ALA K 51 0.52 56.59 4.02
CA ALA K 51 1.10 55.82 5.11
C ALA K 51 0.13 55.73 6.28
N ARG K 52 -0.57 56.82 6.58
CA ARG K 52 -1.58 56.81 7.63
C ARG K 52 -2.71 55.85 7.31
N ALA K 53 -3.21 55.91 6.07
CA ALA K 53 -4.32 55.04 5.67
C ALA K 53 -3.95 53.58 5.77
N GLU K 54 -2.72 53.23 5.39
CA GLU K 54 -2.28 51.83 5.45
C GLU K 54 -2.22 51.34 6.88
N LYS K 55 -1.75 52.18 7.81
CA LYS K 55 -1.73 51.80 9.21
C LYS K 55 -3.15 51.64 9.76
N ASP K 56 -4.03 52.59 9.44
CA ASP K 56 -5.41 52.51 9.89
C ASP K 56 -6.09 51.26 9.34
N LEU K 57 -5.80 50.90 8.10
CA LEU K 57 -6.38 49.69 7.51
C LEU K 57 -5.91 48.44 8.24
N ALA K 58 -4.62 48.37 8.56
CA ALA K 58 -4.08 47.23 9.28
C ALA K 58 -4.73 47.07 10.66
N GLU K 59 -4.84 48.18 11.40
CA GLU K 59 -5.44 48.14 12.72
C GLU K 59 -6.89 47.66 12.67
N ALA K 60 -7.66 48.12 11.69
CA ALA K 60 -9.04 47.66 11.57
C ALA K 60 -9.13 46.16 11.31
N SER K 61 -8.25 45.63 10.47
CA SER K 61 -8.26 44.19 10.19
C SER K 61 -7.91 43.36 11.42
N ALA K 62 -6.92 43.80 12.20
CA ALA K 62 -6.54 43.05 13.40
C ALA K 62 -7.67 43.04 14.44
N LYS K 63 -8.31 44.19 14.65
CA LYS K 63 -9.41 44.23 15.60
C LYS K 63 -10.57 43.34 15.16
N ALA K 64 -10.89 43.35 13.87
CA ALA K 64 -11.93 42.46 13.35
C ALA K 64 -11.55 41.00 13.53
N GLN K 65 -10.29 40.67 13.24
CA GLN K 65 -9.80 39.32 13.47
C GLN K 65 -9.85 38.96 14.95
N ARG K 66 -9.45 39.91 15.81
CA ARG K 66 -9.54 39.70 17.25
C ARG K 66 -10.97 39.41 17.68
N GLN K 67 -11.93 40.10 17.09
CA GLN K 67 -13.33 39.84 17.40
C GLN K 67 -13.74 38.42 17.00
N ARG K 68 -13.28 37.95 15.84
CA ARG K 68 -13.61 36.58 15.43
C ARG K 68 -13.03 35.58 16.42
N ILE K 69 -11.80 35.81 16.87
CA ILE K 69 -11.21 34.93 17.87
C ILE K 69 -12.01 34.99 19.15
N LYS K 70 -12.33 36.19 19.61
CA LYS K 70 -13.17 36.35 20.79
C LYS K 70 -14.53 35.71 20.58
N GLN K 71 -15.12 35.93 19.39
CA GLN K 71 -16.39 35.30 19.04
C GLN K 71 -16.31 33.79 19.09
N ALA K 72 -15.21 33.22 18.58
CA ALA K 72 -15.08 31.76 18.54
C ALA K 72 -15.10 31.17 19.94
N VAL K 73 -14.42 31.81 20.89
CA VAL K 73 -14.46 31.32 22.27
C VAL K 73 -15.87 31.47 22.83
N ASP K 74 -16.51 32.61 22.54
CA ASP K 74 -17.89 32.81 22.98
C ASP K 74 -18.82 31.79 22.36
N GLU K 75 -18.64 31.50 21.07
CA GLU K 75 -19.48 30.50 20.40
C GLU K 75 -19.33 29.13 21.05
N ALA K 76 -18.10 28.77 21.41
CA ALA K 76 -17.88 27.48 22.07
C ALA K 76 -18.57 27.41 23.42
N LYS K 77 -18.63 28.55 24.13
CA LYS K 77 -19.31 28.59 25.43
C LYS K 77 -20.79 28.31 25.28
N GLU K 78 -21.41 28.83 24.21
CA GLU K 78 -22.84 28.62 24.02
C GLU K 78 -23.13 27.17 23.67
N GLU K 79 -22.26 26.55 22.85
CA GLU K 79 -22.45 25.16 22.48
C GLU K 79 -22.23 24.24 23.67
N GLY K 80 -21.42 24.66 24.64
CA GLY K 80 -21.17 23.89 25.83
C GLY K 80 -20.19 22.75 25.59
N PHE K 81 -19.80 22.12 26.69
CA PHE K 81 -18.84 21.01 26.66
C PHE K 81 -19.42 19.82 27.40
N PRO K 82 -19.06 18.60 26.98
CA PRO K 82 -19.58 17.41 27.67
C PRO K 82 -19.06 17.33 29.11
N THR K 83 -19.88 16.73 29.97
CA THR K 83 -19.55 16.58 31.38
C THR K 83 -19.08 15.18 31.76
N SER K 84 -19.59 14.15 31.10
CA SER K 84 -19.21 12.78 31.44
C SER K 84 -17.83 12.47 30.88
N ALA K 85 -17.12 11.57 31.56
CA ALA K 85 -15.78 11.18 31.12
C ALA K 85 -15.80 10.56 29.73
N GLU K 86 -16.77 9.68 29.47
CA GLU K 86 -16.84 9.05 28.15
C GLU K 86 -17.14 10.07 27.06
N ASP K 87 -18.07 10.99 27.32
CA ASP K 87 -18.35 12.04 26.34
C ASP K 87 -17.18 13.01 26.21
N LYS K 88 -16.50 13.30 27.33
CA LYS K 88 -15.35 14.18 27.29
C LYS K 88 -14.22 13.57 26.46
N GLU K 89 -13.96 12.28 26.64
CA GLU K 89 -12.93 11.60 25.86
C GLU K 89 -13.30 11.57 24.38
N ALA K 90 -14.55 11.20 24.08
CA ALA K 90 -15.00 11.18 22.69
C ALA K 90 -14.95 12.57 22.08
N PHE K 91 -15.43 13.57 22.82
CA PHE K 91 -15.38 14.95 22.34
C PHE K 91 -13.93 15.42 22.18
N PHE K 92 -13.07 15.09 23.14
CA PHE K 92 -11.67 15.47 23.04
C PHE K 92 -11.03 14.88 21.79
N LEU K 93 -11.21 13.57 21.57
CA LEU K 93 -10.67 12.94 20.37
C LEU K 93 -11.25 13.55 19.10
N GLU K 94 -12.57 13.79 19.10
CA GLU K 94 -13.20 14.41 17.95
C GLU K 94 -12.66 15.81 17.68
N GLN K 95 -12.49 16.60 18.75
CA GLN K 95 -11.94 17.95 18.57
C GLN K 95 -10.50 17.90 18.09
N VAL K 96 -9.71 16.96 18.62
CA VAL K 96 -8.34 16.79 18.15
C VAL K 96 -8.34 16.36 16.68
N GLN K 97 -9.19 15.38 16.35
CA GLN K 97 -9.31 14.95 14.97
C GLN K 97 -9.79 16.09 14.08
N ALA K 98 -10.78 16.86 14.55
CA ALA K 98 -11.26 18.00 13.81
C ALA K 98 -10.18 19.07 13.68
N GLY K 99 -9.46 19.34 14.76
CA GLY K 99 -8.39 20.33 14.70
C GLY K 99 -7.31 19.94 13.71
N GLU K 100 -6.87 18.68 13.73
CA GLU K 100 -5.87 18.23 12.78
C GLU K 100 -6.39 18.32 11.35
N MET K 101 -7.63 17.88 11.12
CA MET K 101 -8.23 17.96 9.80
C MET K 101 -8.32 19.40 9.31
N MET K 102 -8.66 20.32 10.21
CA MET K 102 -8.75 21.73 9.84
C MET K 102 -7.36 22.36 9.72
N SER K 103 -6.37 21.83 10.46
CA SER K 103 -5.02 22.39 10.41
C SER K 103 -4.42 22.31 9.02
N ALA K 104 -4.87 21.35 8.21
CA ALA K 104 -4.36 21.21 6.85
C ALA K 104 -4.86 22.31 5.92
N ASP K 105 -5.95 22.99 6.29
CA ASP K 105 -6.49 24.04 5.46
C ASP K 105 -6.09 25.39 6.04
N PRO K 106 -5.31 26.21 5.33
CA PRO K 106 -4.91 27.51 5.88
C PRO K 106 -6.06 28.46 6.14
N SER K 107 -7.24 28.19 5.57
CA SER K 107 -8.42 29.01 5.80
C SER K 107 -9.14 28.62 7.07
N LYS K 108 -8.75 27.51 7.69
CA LYS K 108 -9.40 27.00 8.90
C LYS K 108 -8.53 27.17 10.14
N HIS K 109 -7.50 28.02 10.08
CA HIS K 109 -6.65 28.21 11.25
C HIS K 109 -7.48 28.67 12.43
N LEU K 110 -8.46 29.53 12.19
CA LEU K 110 -9.37 29.95 13.24
C LEU K 110 -10.21 28.78 13.71
N GLU K 111 -10.72 27.99 12.75
CA GLU K 111 -11.53 26.82 13.10
C GLU K 111 -10.68 25.74 13.75
N ALA K 112 -9.45 25.54 13.28
CA ALA K 112 -8.56 24.57 13.90
C ALA K 112 -8.27 24.93 15.35
N ALA K 113 -7.94 26.21 15.59
CA ALA K 113 -7.67 26.65 16.96
C ALA K 113 -8.88 26.45 17.86
N LEU K 114 -10.09 26.68 17.33
CA LEU K 114 -11.29 26.44 18.12
C LEU K 114 -11.42 24.98 18.49
N CYS K 115 -11.12 24.07 17.56
CA CYS K 115 -11.16 22.66 17.89
C CYS K 115 -10.10 22.30 18.92
N PHE K 116 -8.89 22.83 18.76
CA PHE K 116 -7.86 22.63 19.77
C PHE K 116 -8.27 23.28 21.08
N TYR K 117 -8.93 24.43 21.01
CA TYR K 117 -9.42 25.10 22.20
C TYR K 117 -10.52 24.29 22.89
N LYS K 118 -11.47 23.76 22.11
CA LYS K 118 -12.51 22.92 22.68
C LYS K 118 -11.93 21.70 23.37
N ALA K 119 -10.99 21.03 22.70
CA ALA K 119 -10.30 19.89 23.31
C ALA K 119 -9.50 20.32 24.53
N LEU K 120 -8.73 21.39 24.39
CA LEU K 120 -7.92 21.91 25.49
C LEU K 120 -8.77 22.26 26.70
N LYS K 121 -9.97 22.80 26.47
CA LYS K 121 -10.87 23.13 27.56
C LYS K 121 -11.46 21.88 28.21
N VAL K 122 -11.51 20.76 27.49
CA VAL K 122 -12.03 19.52 28.04
C VAL K 122 -10.92 18.66 28.65
N TYR K 123 -9.69 18.82 28.16
CA TYR K 123 -8.59 18.02 28.68
C TYR K 123 -8.35 18.34 30.15
N PRO K 124 -8.04 17.34 30.97
CA PRO K 124 -7.88 17.61 32.42
C PRO K 124 -6.65 18.43 32.75
N THR K 125 -5.59 18.37 31.96
CA THR K 125 -4.37 19.13 32.22
C THR K 125 -4.04 19.96 30.99
N PRO K 126 -4.76 21.07 30.78
CA PRO K 126 -4.49 21.91 29.61
C PRO K 126 -3.02 22.30 29.45
N GLY K 127 -2.33 22.56 30.57
CA GLY K 127 -0.93 22.96 30.48
C GLY K 127 -0.07 21.93 29.78
N ASP K 128 -0.32 20.65 30.04
CA ASP K 128 0.43 19.59 29.37
C ASP K 128 0.06 19.52 27.90
N LEU K 129 -1.23 19.65 27.59
CA LEU K 129 -1.69 19.62 26.20
C LEU K 129 -1.16 20.81 25.41
N ILE K 130 -1.01 21.97 26.06
CA ILE K 130 -0.44 23.14 25.37
C ILE K 130 0.96 22.85 24.88
N ASN K 131 1.77 22.16 25.70
CA ASN K 131 3.12 21.82 25.27
C ASN K 131 3.07 20.87 24.07
N ILE K 132 2.05 20.01 24.00
CA ILE K 132 1.88 19.15 22.84
C ILE K 132 1.49 19.98 21.62
N TYR K 133 0.51 20.87 21.78
CA TYR K 133 0.11 21.74 20.68
C TYR K 133 1.27 22.60 20.22
N ASP K 134 2.03 23.16 21.17
CA ASP K 134 3.18 23.99 20.84
C ASP K 134 4.18 23.26 19.96
N LYS K 135 4.19 21.93 20.00
CA LYS K 135 5.09 21.13 19.19
C LYS K 135 4.40 20.48 17.98
N THR K 136 3.13 20.13 18.11
CA THR K 136 2.41 19.46 17.02
C THR K 136 1.58 20.39 16.16
N VAL K 137 1.10 21.51 16.70
CA VAL K 137 0.25 22.45 15.97
C VAL K 137 1.11 23.56 15.38
N SER K 138 0.73 24.02 14.18
CA SER K 138 1.45 25.08 13.52
C SER K 138 1.26 26.41 14.25
N LYS K 139 2.31 27.23 14.21
CA LYS K 139 2.27 28.54 14.86
C LYS K 139 1.09 29.42 14.43
N PRO K 140 0.72 29.52 13.14
CA PRO K 140 -0.44 30.37 12.79
C PRO K 140 -1.70 29.98 13.51
N ILE K 141 -1.91 28.68 13.76
CA ILE K 141 -3.07 28.26 14.53
C ILE K 141 -2.82 28.52 16.01
N LEU K 142 -1.58 28.27 16.46
CA LEU K 142 -1.22 28.53 17.84
C LEU K 142 -1.41 30.00 18.19
N ASP K 143 -1.07 30.89 17.24
CA ASP K 143 -1.23 32.32 17.48
C ASP K 143 -2.70 32.65 17.71
N ILE K 144 -3.60 32.06 16.93
CA ILE K 144 -5.02 32.26 17.14
C ILE K 144 -5.43 31.57 18.44
N LEU K 145 -4.96 30.33 18.64
CA LEU K 145 -5.28 29.59 19.85
C LEU K 145 -4.74 30.29 21.09
N ALA K 146 -3.55 30.88 20.99
CA ALA K 146 -3.00 31.62 22.14
C ALA K 146 -3.90 32.79 22.51
N GLU K 147 -4.38 33.53 21.51
CA GLU K 147 -5.31 34.61 21.79
C GLU K 147 -6.65 34.07 22.31
N MET K 148 -7.07 32.90 21.82
CA MET K 148 -8.28 32.29 22.36
C MET K 148 -8.10 31.99 23.84
N ILE K 149 -6.93 31.46 24.21
CA ILE K 149 -6.63 31.18 25.60
C ILE K 149 -6.61 32.48 26.42
N ALA K 150 -6.01 33.53 25.87
CA ALA K 150 -5.97 34.81 26.57
C ALA K 150 -7.36 35.41 26.69
N TYR K 151 -8.23 35.20 25.70
CA TYR K 151 -9.58 35.74 25.81
C TYR K 151 -10.41 34.94 26.82
N ASP K 152 -10.28 33.61 26.81
CA ASP K 152 -11.00 32.77 27.77
C ASP K 152 -10.18 32.71 29.05
N SER K 153 -10.38 33.72 29.90
CA SER K 153 -9.69 33.76 31.19
C SER K 153 -10.08 32.60 32.09
N SER K 154 -11.12 31.85 31.74
CA SER K 154 -11.57 30.70 32.52
C SER K 154 -10.77 29.44 32.24
N LEU K 155 -9.92 29.43 31.20
CA LEU K 155 -9.14 28.24 30.90
C LEU K 155 -8.10 28.01 31.97
N ARG K 156 -8.10 26.81 32.54
CA ARG K 156 -7.17 26.43 33.60
C ARG K 156 -5.85 25.92 33.05
N LEU L 21 -61.32 -26.28 -2.16
CA LEU L 21 -61.58 -27.52 -2.90
C LEU L 21 -60.75 -27.59 -4.17
N SER L 22 -60.45 -28.81 -4.61
CA SER L 22 -59.64 -28.99 -5.82
C SER L 22 -60.35 -28.43 -7.05
N ASP L 23 -61.69 -28.43 -7.05
CA ASP L 23 -62.44 -27.91 -8.19
C ASP L 23 -62.02 -26.49 -8.53
N LEU L 24 -61.98 -25.62 -7.52
CA LEU L 24 -61.52 -24.25 -7.75
C LEU L 24 -60.02 -24.21 -7.92
N TYR L 25 -59.29 -25.01 -7.14
CA TYR L 25 -57.83 -25.04 -7.24
C TYR L 25 -57.38 -25.40 -8.65
N ASP L 26 -58.02 -26.41 -9.25
CA ASP L 26 -57.68 -26.79 -10.61
C ASP L 26 -58.02 -25.68 -11.59
N ALA L 27 -59.23 -25.11 -11.47
CA ALA L 27 -59.61 -24.00 -12.33
C ALA L 27 -58.69 -22.81 -12.12
N PHE L 28 -58.32 -22.55 -10.87
CA PHE L 28 -57.38 -21.47 -10.57
C PHE L 28 -56.02 -21.74 -11.20
N GLN L 29 -55.53 -22.97 -11.05
CA GLN L 29 -54.24 -23.32 -11.64
C GLN L 29 -54.29 -23.22 -13.16
N GLU L 30 -55.37 -23.70 -13.77
CA GLU L 30 -55.50 -23.63 -15.23
C GLU L 30 -55.52 -22.19 -15.71
N ARG L 31 -56.32 -21.35 -15.05
CA ARG L 31 -56.37 -19.93 -15.39
C ARG L 31 -55.00 -19.30 -15.21
N ARG L 32 -54.24 -19.76 -14.22
CA ARG L 32 -52.90 -19.26 -13.98
C ARG L 32 -51.97 -19.66 -15.12
N GLN L 33 -52.03 -20.94 -15.52
CA GLN L 33 -51.15 -21.47 -16.56
C GLN L 33 -51.34 -20.76 -17.89
N LYS L 34 -52.57 -20.35 -18.21
CA LYS L 34 -52.80 -19.72 -19.50
C LYS L 34 -52.16 -18.34 -19.62
N LEU L 35 -51.57 -17.78 -18.57
CA LEU L 35 -50.98 -16.46 -18.73
C LEU L 35 -49.58 -16.50 -19.34
N GLY L 36 -48.94 -17.67 -19.38
CA GLY L 36 -47.63 -17.72 -20.00
C GLY L 36 -46.52 -17.09 -19.21
N LEU L 37 -46.67 -16.94 -17.90
CA LEU L 37 -45.62 -16.35 -17.08
C LEU L 37 -44.46 -17.32 -16.91
N SER L 38 -43.38 -16.82 -16.33
CA SER L 38 -42.19 -17.62 -16.09
C SER L 38 -41.52 -17.19 -14.80
N ASN L 39 -40.71 -18.09 -14.25
CA ASN L 39 -40.01 -17.84 -13.00
C ASN L 39 -39.06 -16.67 -13.15
N PRO L 40 -39.19 -15.62 -12.35
CA PRO L 40 -38.31 -14.45 -12.47
C PRO L 40 -36.94 -14.62 -11.84
N GLY L 41 -36.71 -15.66 -11.05
CA GLY L 41 -35.43 -15.85 -10.40
C GLY L 41 -35.29 -15.11 -9.09
N LEU L 42 -34.15 -15.35 -8.43
CA LEU L 42 -33.89 -14.81 -7.11
C LEU L 42 -33.90 -13.28 -7.13
N VAL L 43 -34.37 -12.69 -6.02
CA VAL L 43 -34.43 -11.24 -5.91
C VAL L 43 -33.05 -10.62 -6.05
N GLU L 44 -32.04 -11.25 -5.46
CA GLU L 44 -30.70 -10.70 -5.55
C GLU L 44 -30.15 -10.69 -6.96
N ASN L 45 -30.83 -11.32 -7.91
CA ASN L 45 -30.36 -11.37 -9.28
C ASN L 45 -31.06 -10.39 -10.21
N ILE L 46 -31.99 -9.56 -9.72
CA ILE L 46 -32.67 -8.66 -10.64
C ILE L 46 -31.71 -7.66 -11.27
N ALA L 47 -30.52 -7.50 -10.70
CA ALA L 47 -29.51 -6.63 -11.26
C ALA L 47 -28.24 -7.38 -11.63
N LYS L 48 -28.29 -8.71 -11.66
CA LYS L 48 -27.10 -9.50 -11.95
C LYS L 48 -26.44 -9.04 -13.25
N GLU L 49 -27.25 -8.85 -14.30
CA GLU L 49 -26.70 -8.49 -15.60
C GLU L 49 -25.85 -7.23 -15.52
N VAL L 50 -26.11 -6.36 -14.55
CA VAL L 50 -25.33 -5.15 -14.38
C VAL L 50 -24.28 -5.34 -13.31
N GLN L 51 -24.71 -5.63 -12.09
CA GLN L 51 -23.81 -5.62 -10.95
C GLN L 51 -22.71 -6.68 -11.02
N ARG L 52 -22.88 -7.73 -11.83
CA ARG L 52 -21.81 -8.72 -11.93
C ARG L 52 -21.29 -8.93 -13.34
N ASP L 53 -22.15 -8.87 -14.34
CA ASP L 53 -21.68 -9.14 -15.70
C ASP L 53 -21.03 -7.96 -16.38
N VAL L 54 -21.25 -6.73 -15.91
CA VAL L 54 -20.71 -5.54 -16.57
C VAL L 54 -19.80 -4.77 -15.64
N LEU L 55 -20.29 -4.44 -14.45
CA LEU L 55 -19.45 -3.70 -13.52
C LEU L 55 -18.32 -4.58 -13.02
N THR L 56 -17.20 -3.95 -12.67
CA THR L 56 -16.02 -4.65 -12.20
C THR L 56 -16.01 -4.95 -10.72
N THR L 57 -16.95 -4.37 -9.96
CA THR L 57 -16.99 -4.48 -8.50
C THR L 57 -16.68 -5.87 -7.94
N ASN L 58 -17.17 -6.91 -8.59
CA ASN L 58 -16.96 -8.26 -8.09
C ASN L 58 -15.64 -8.87 -8.52
N LEU L 59 -14.89 -8.25 -9.42
CA LEU L 59 -13.62 -8.81 -9.84
C LEU L 59 -12.42 -8.02 -9.34
N MET L 60 -12.61 -6.79 -8.91
CA MET L 60 -11.49 -5.96 -8.46
C MET L 60 -10.77 -6.59 -7.28
N PHE L 61 -9.44 -6.47 -7.30
CA PHE L 61 -8.60 -6.93 -6.22
C PHE L 61 -7.25 -6.25 -6.35
N SER L 62 -6.37 -6.49 -5.38
CA SER L 62 -5.04 -5.92 -5.41
C SER L 62 -4.02 -6.98 -5.03
N GLY L 63 -2.78 -6.75 -5.42
CA GLY L 63 -1.72 -7.69 -5.16
C GLY L 63 -1.71 -8.86 -6.12
N LEU L 64 -1.11 -9.95 -5.68
CA LEU L 64 -0.94 -11.16 -6.47
C LEU L 64 -1.93 -12.22 -6.03
N ARG L 65 -2.41 -13.03 -6.98
CA ARG L 65 -3.34 -14.10 -6.64
C ARG L 65 -3.08 -15.27 -7.56
N ALA L 66 -3.22 -16.49 -7.04
CA ALA L 66 -2.99 -17.69 -7.86
C ALA L 66 -3.90 -18.82 -7.42
N ASP L 67 -4.69 -19.35 -8.35
CA ASP L 67 -5.61 -20.44 -8.05
C ASP L 67 -5.17 -21.71 -8.77
N LEU L 68 -4.91 -22.75 -8.01
CA LEU L 68 -4.55 -24.04 -8.58
C LEU L 68 -5.73 -24.97 -8.36
N THR L 69 -6.49 -25.22 -9.42
CA THR L 69 -7.71 -26.00 -9.35
C THR L 69 -7.49 -27.34 -10.02
N LYS L 70 -7.87 -28.41 -9.34
CA LYS L 70 -7.80 -29.76 -9.86
C LYS L 70 -9.22 -30.28 -9.92
N ALA L 71 -9.69 -30.63 -11.11
CA ALA L 71 -11.01 -31.20 -11.27
C ALA L 71 -10.90 -32.72 -11.38
N PHE L 72 -11.62 -33.43 -10.52
CA PHE L 72 -11.57 -34.89 -10.54
C PHE L 72 -12.75 -35.55 -11.25
N SER L 73 -13.87 -34.87 -11.37
CA SER L 73 -15.01 -35.46 -12.07
C SER L 73 -15.97 -34.34 -12.46
N LEU L 74 -16.84 -34.66 -13.40
CA LEU L 74 -17.86 -33.71 -13.81
C LEU L 74 -19.27 -34.18 -13.47
N ASN L 75 -19.46 -35.47 -13.22
CA ASN L 75 -20.76 -36.00 -12.82
C ASN L 75 -20.49 -37.24 -11.98
N PRO L 76 -20.49 -37.12 -10.66
CA PRO L 76 -20.68 -35.91 -9.85
C PRO L 76 -19.52 -34.92 -9.94
N LEU L 77 -19.81 -33.64 -9.80
CA LEU L 77 -18.75 -32.64 -9.81
C LEU L 77 -17.96 -32.74 -8.53
N PHE L 78 -16.64 -32.75 -8.65
CA PHE L 78 -15.77 -32.80 -7.48
C PHE L 78 -14.47 -32.14 -7.88
N GLN L 79 -14.08 -31.08 -7.18
CA GLN L 79 -12.83 -30.42 -7.49
C GLN L 79 -12.21 -29.84 -6.23
N VAL L 80 -10.90 -29.76 -6.23
CA VAL L 80 -10.12 -29.28 -5.10
C VAL L 80 -9.35 -28.06 -5.57
N SER L 81 -9.29 -27.03 -4.75
CA SER L 81 -8.69 -25.78 -5.19
C SER L 81 -7.78 -25.17 -4.14
N HIS L 82 -6.62 -24.71 -4.58
CA HIS L 82 -5.65 -24.02 -3.75
C HIS L 82 -5.52 -22.58 -4.21
N GLN L 83 -5.77 -21.63 -3.33
CA GLN L 83 -5.61 -20.22 -3.66
C GLN L 83 -4.48 -19.63 -2.84
N PHE L 84 -3.50 -19.05 -3.51
CA PHE L 84 -2.41 -18.33 -2.86
C PHE L 84 -2.57 -16.85 -3.14
N ALA L 85 -2.44 -16.01 -2.12
CA ALA L 85 -2.62 -14.59 -2.36
C ALA L 85 -1.76 -13.79 -1.41
N MET L 86 -1.42 -12.58 -1.83
CA MET L 86 -0.60 -11.67 -1.02
C MET L 86 -1.05 -10.25 -1.35
N GLY L 87 -1.98 -9.74 -0.56
CA GLY L 87 -2.48 -8.41 -0.83
C GLY L 87 -3.41 -7.92 0.26
N GLU L 88 -4.04 -6.79 -0.01
CA GLU L 88 -4.97 -6.20 0.95
C GLU L 88 -6.11 -7.17 1.26
N ARG L 89 -6.24 -7.50 2.55
CA ARG L 89 -7.29 -8.38 3.08
C ARG L 89 -7.41 -9.68 2.29
N LEU L 90 -6.30 -10.14 1.73
CA LEU L 90 -6.24 -11.44 1.06
C LEU L 90 -5.50 -12.41 1.97
N SER L 91 -6.10 -13.54 2.23
CA SER L 91 -5.47 -14.53 3.08
C SER L 91 -4.28 -15.16 2.35
N PRO L 92 -3.13 -15.30 3.00
CA PRO L 92 -1.96 -15.91 2.35
C PRO L 92 -2.26 -17.23 1.68
N TYR L 93 -3.19 -18.02 2.21
CA TYR L 93 -3.50 -19.31 1.62
C TYR L 93 -4.95 -19.65 1.92
N THR L 94 -5.59 -20.34 0.98
CA THR L 94 -6.97 -20.77 1.17
C THR L 94 -7.16 -22.09 0.44
N PHE L 95 -7.54 -23.12 1.16
CA PHE L 95 -7.81 -24.42 0.58
C PHE L 95 -9.31 -24.61 0.45
N ALA L 96 -9.78 -24.98 -0.74
CA ALA L 96 -11.19 -25.13 -0.96
C ALA L 96 -11.46 -26.41 -1.73
N ALA L 97 -12.54 -27.09 -1.35
CA ALA L 97 -12.96 -28.33 -2.00
C ALA L 97 -14.46 -28.27 -2.12
N LEU L 98 -15.00 -28.86 -3.18
CA LEU L 98 -16.43 -28.83 -3.34
C LEU L 98 -16.91 -30.10 -4.01
N TYR L 99 -18.12 -30.49 -3.69
CA TYR L 99 -18.76 -31.67 -4.25
C TYR L 99 -20.17 -31.29 -4.64
N GLY L 100 -20.60 -31.73 -5.81
CA GLY L 100 -21.90 -31.36 -6.31
C GLY L 100 -22.58 -32.52 -6.99
N THR L 101 -23.90 -32.49 -6.99
CA THR L 101 -24.71 -33.53 -7.58
C THR L 101 -26.02 -32.87 -8.01
N SER L 102 -26.74 -33.52 -8.92
CA SER L 102 -28.00 -32.95 -9.37
C SER L 102 -28.96 -32.71 -8.22
N LYS L 103 -28.78 -33.38 -7.09
CA LYS L 103 -29.64 -33.17 -5.94
C LYS L 103 -28.98 -32.40 -4.80
N MET L 104 -27.66 -32.19 -4.82
CA MET L 104 -27.03 -31.54 -3.67
C MET L 104 -25.72 -30.89 -4.07
N PHE L 105 -25.23 -30.00 -3.21
CA PHE L 105 -23.96 -29.32 -3.41
C PHE L 105 -23.37 -28.93 -2.08
N ALA L 106 -22.15 -29.37 -1.81
CA ALA L 106 -21.44 -29.08 -0.57
C ALA L 106 -20.11 -28.45 -0.91
N GLN L 107 -19.77 -27.34 -0.26
CA GLN L 107 -18.51 -26.66 -0.50
C GLN L 107 -17.91 -26.21 0.82
N GLY L 108 -16.59 -26.26 0.90
CA GLY L 108 -15.91 -25.74 2.06
C GLY L 108 -14.60 -25.08 1.69
N ASN L 109 -14.31 -23.97 2.35
CA ASN L 109 -13.05 -23.28 2.14
C ASN L 109 -12.52 -22.82 3.49
N ILE L 110 -11.23 -22.98 3.70
CA ILE L 110 -10.59 -22.68 4.98
C ILE L 110 -9.36 -21.81 4.76
N ASP L 111 -9.22 -20.77 5.56
CA ASP L 111 -8.08 -19.89 5.48
C ASP L 111 -6.91 -20.48 6.24
N ASP L 112 -5.72 -19.90 6.04
CA ASP L 112 -4.57 -20.34 6.82
C ASP L 112 -4.80 -20.15 8.30
N GLN L 113 -5.64 -19.19 8.68
CA GLN L 113 -5.96 -18.92 10.08
C GLN L 113 -7.09 -19.77 10.60
N GLY L 114 -7.57 -20.73 9.81
CA GLY L 114 -8.64 -21.60 10.25
C GLY L 114 -10.04 -21.07 10.06
N ASN L 115 -10.20 -19.85 9.55
CA ASN L 115 -11.55 -19.36 9.28
C ASN L 115 -12.17 -20.24 8.22
N LEU L 116 -13.23 -20.94 8.57
CA LEU L 116 -13.87 -21.89 7.67
C LEU L 116 -15.23 -21.39 7.24
N SER L 117 -15.42 -21.24 5.94
CA SER L 117 -16.71 -20.88 5.35
C SER L 117 -17.23 -22.09 4.59
N THR L 118 -18.51 -22.39 4.76
CA THR L 118 -19.08 -23.59 4.17
C THR L 118 -20.43 -23.28 3.55
N THR L 119 -20.88 -24.18 2.67
CA THR L 119 -22.17 -24.07 2.02
C THR L 119 -22.77 -25.44 1.85
N PHE L 120 -24.08 -25.56 2.04
CA PHE L 120 -24.75 -26.83 1.82
C PHE L 120 -26.16 -26.62 1.31
N ASN L 121 -26.39 -26.87 0.02
CA ASN L 121 -27.68 -26.72 -0.62
C ASN L 121 -28.21 -28.08 -1.00
N TYR L 122 -29.47 -28.35 -0.70
CA TYR L 122 -30.09 -29.63 -1.01
C TYR L 122 -31.45 -29.41 -1.63
N ARG L 123 -31.75 -30.18 -2.66
CA ARG L 123 -33.02 -30.10 -3.37
C ARG L 123 -33.99 -31.13 -2.80
N TRP L 124 -34.86 -30.70 -1.89
CA TRP L 124 -35.89 -31.62 -1.42
C TRP L 124 -36.92 -31.88 -2.50
N THR L 125 -37.07 -30.94 -3.42
CA THR L 125 -38.00 -30.99 -4.53
C THR L 125 -37.42 -30.11 -5.61
N PRO L 126 -37.66 -30.39 -6.89
CA PRO L 126 -37.11 -29.51 -7.93
C PRO L 126 -37.54 -28.07 -7.78
N SER L 127 -38.65 -27.82 -7.08
CA SER L 127 -39.14 -26.47 -6.83
C SER L 127 -38.82 -25.97 -5.43
N PHE L 128 -38.13 -26.77 -4.61
CA PHE L 128 -37.81 -26.40 -3.25
C PHE L 128 -36.35 -26.66 -2.93
N THR L 129 -35.67 -25.66 -2.37
CA THR L 129 -34.25 -25.77 -2.09
C THR L 129 -33.96 -25.23 -0.70
N THR L 130 -33.10 -25.93 0.03
CA THR L 130 -32.62 -25.52 1.34
C THR L 130 -31.15 -25.17 1.25
N LYS L 131 -30.78 -23.98 1.71
CA LYS L 131 -29.39 -23.53 1.66
C LYS L 131 -28.87 -23.28 3.07
N THR L 132 -27.78 -23.95 3.42
CA THR L 132 -27.13 -23.80 4.72
C THR L 132 -25.70 -23.32 4.55
N ARG L 133 -25.32 -22.30 5.31
CA ARG L 133 -23.96 -21.76 5.27
C ARG L 133 -23.42 -21.60 6.68
N PHE L 134 -22.12 -21.83 6.85
CA PHE L 134 -21.46 -21.67 8.13
C PHE L 134 -20.17 -20.86 7.96
N GLN L 135 -19.76 -20.22 9.05
CA GLN L 135 -18.51 -19.47 9.08
C GLN L 135 -17.94 -19.57 10.49
N ILE L 136 -16.94 -20.44 10.66
CA ILE L 136 -16.34 -20.75 11.95
C ILE L 136 -15.02 -20.01 12.10
N THR L 137 -14.84 -19.36 13.25
CA THR L 137 -13.62 -18.64 13.57
C THR L 137 -13.02 -19.19 14.86
N PRO L 138 -11.73 -19.59 14.85
CA PRO L 138 -11.16 -20.35 15.99
C PRO L 138 -11.03 -19.63 17.32
N GLY L 139 -9.82 -19.69 17.90
CA GLY L 139 -9.62 -19.10 19.22
C GLY L 139 -9.84 -17.61 19.25
N ALA L 140 -9.34 -16.89 18.24
CA ALA L 140 -9.64 -15.47 18.14
C ALA L 140 -11.14 -15.34 17.90
N THR L 141 -11.78 -14.36 18.52
CA THR L 141 -13.22 -14.28 18.41
C THR L 141 -13.60 -13.32 17.30
N GLY L 142 -14.14 -13.89 16.23
CA GLY L 142 -14.76 -13.18 15.13
C GLY L 142 -16.12 -13.85 15.18
N GLN L 143 -17.22 -13.12 15.11
CA GLN L 143 -18.48 -13.78 15.36
C GLN L 143 -18.71 -14.87 14.31
N ASP L 144 -19.03 -16.07 14.78
CA ASP L 144 -19.34 -17.18 13.89
C ASP L 144 -20.83 -17.16 13.60
N MET L 145 -21.20 -17.51 12.38
CA MET L 145 -22.58 -17.36 11.99
C MET L 145 -23.11 -18.63 11.35
N ALA L 146 -24.42 -18.74 11.35
CA ALA L 146 -25.13 -19.83 10.71
C ALA L 146 -26.28 -19.21 9.92
N GLN L 147 -26.41 -19.57 8.66
CA GLN L 147 -27.45 -18.99 7.82
C GLN L 147 -28.23 -20.12 7.18
N PHE L 148 -29.53 -20.18 7.45
CA PHE L 148 -30.44 -21.15 6.88
C PHE L 148 -31.36 -20.48 5.88
N GLU L 149 -31.49 -21.06 4.70
CA GLU L 149 -32.25 -20.44 3.62
C GLU L 149 -33.16 -21.47 2.97
N HIS L 150 -34.37 -21.03 2.65
CA HIS L 150 -35.37 -21.87 2.02
C HIS L 150 -35.89 -21.10 0.82
N GLU L 151 -35.93 -21.75 -0.34
CA GLU L 151 -36.39 -21.10 -1.55
C GLU L 151 -37.46 -21.94 -2.21
N TYR L 152 -38.45 -21.27 -2.76
CA TYR L 152 -39.47 -21.92 -3.56
C TYR L 152 -39.53 -21.22 -4.90
N SER L 153 -39.64 -22.01 -5.97
CA SER L 153 -39.65 -21.49 -7.33
C SER L 153 -40.88 -22.04 -8.03
N GLY L 154 -41.95 -21.26 -8.01
CA GLY L 154 -43.16 -21.64 -8.69
C GLY L 154 -43.03 -21.39 -10.17
N ALA L 155 -44.11 -21.69 -10.89
CA ALA L 155 -44.08 -21.49 -12.32
C ALA L 155 -44.01 -20.01 -12.68
N ASP L 156 -44.45 -19.12 -11.79
CA ASP L 156 -44.46 -17.70 -12.12
C ASP L 156 -43.98 -16.82 -10.98
N PHE L 157 -43.44 -17.38 -9.90
CA PHE L 157 -43.05 -16.58 -8.76
C PHE L 157 -41.93 -17.28 -8.01
N THR L 158 -41.28 -16.55 -7.13
CA THR L 158 -40.29 -17.12 -6.23
C THR L 158 -40.47 -16.56 -4.83
N ALA L 159 -40.35 -17.43 -3.84
CA ALA L 159 -40.46 -17.04 -2.45
C ALA L 159 -39.19 -17.49 -1.73
N THR L 160 -38.76 -16.70 -0.76
CA THR L 160 -37.53 -17.02 -0.06
C THR L 160 -37.63 -16.55 1.37
N ILE L 161 -37.04 -17.32 2.28
CA ILE L 161 -36.96 -16.95 3.68
C ILE L 161 -35.59 -17.34 4.22
N LYS L 162 -34.97 -16.44 4.96
CA LYS L 162 -33.65 -16.68 5.53
C LYS L 162 -33.72 -16.50 7.04
N ALA L 163 -32.86 -17.23 7.74
CA ALA L 163 -32.75 -17.11 9.19
C ALA L 163 -31.27 -17.12 9.54
N LEU L 164 -30.74 -15.97 9.90
CA LEU L 164 -29.33 -15.84 10.25
C LEU L 164 -29.19 -15.81 11.76
N ASN L 165 -28.41 -16.75 12.29
CA ASN L 165 -28.24 -16.93 13.73
C ASN L 165 -29.56 -17.01 14.51
N PRO L 166 -30.53 -17.79 14.04
CA PRO L 166 -31.81 -17.86 14.76
C PRO L 166 -31.61 -18.54 16.09
N SER L 167 -32.13 -17.92 17.15
CA SER L 167 -31.97 -18.51 18.47
C SER L 167 -33.18 -18.17 19.33
N PHE L 168 -33.52 -19.12 20.19
CA PHE L 168 -34.60 -18.97 21.17
C PHE L 168 -34.07 -19.27 22.56
N LEU L 169 -32.74 -19.37 22.70
CA LEU L 169 -32.12 -19.73 23.97
C LEU L 169 -32.51 -18.77 25.08
N GLU L 170 -32.69 -17.49 24.76
CA GLU L 170 -33.08 -16.50 25.75
C GLU L 170 -34.56 -16.55 26.09
N GLY L 171 -35.30 -17.53 25.57
CA GLY L 171 -36.72 -17.61 25.82
C GLY L 171 -37.55 -16.79 24.87
N GLY L 172 -36.93 -16.23 23.83
CA GLY L 172 -37.64 -15.45 22.84
C GLY L 172 -36.87 -15.54 21.54
N LEU L 173 -37.58 -15.33 20.44
CA LEU L 173 -36.97 -15.46 19.12
C LEU L 173 -35.91 -14.39 18.92
N THR L 174 -34.73 -14.79 18.48
CA THR L 174 -33.61 -13.89 18.27
C THR L 174 -32.87 -14.26 17.00
N GLY L 175 -32.06 -13.32 16.52
CA GLY L 175 -31.31 -13.50 15.29
C GLY L 175 -31.76 -12.57 14.19
N ILE L 176 -31.54 -12.95 12.94
CA ILE L 176 -31.92 -12.15 11.78
C ILE L 176 -32.78 -12.98 10.87
N PHE L 177 -33.89 -12.42 10.42
CA PHE L 177 -34.83 -13.09 9.53
C PHE L 177 -35.12 -12.21 8.32
N VAL L 178 -35.19 -12.84 7.16
CA VAL L 178 -35.42 -12.15 5.90
C VAL L 178 -36.47 -12.90 5.11
N GLY L 179 -37.42 -12.17 4.55
CA GLY L 179 -38.42 -12.76 3.68
C GLY L 179 -38.36 -12.05 2.34
N GLN L 180 -38.34 -12.80 1.25
CA GLN L 180 -38.24 -12.21 -0.07
C GLN L 180 -39.29 -12.81 -0.98
N TYR L 181 -39.86 -11.96 -1.82
CA TYR L 181 -40.87 -12.39 -2.78
C TYR L 181 -40.69 -11.63 -4.07
N LEU L 182 -40.75 -12.35 -5.20
CA LEU L 182 -40.63 -11.74 -6.51
C LEU L 182 -41.66 -12.40 -7.43
N GLN L 183 -42.43 -11.58 -8.14
CA GLN L 183 -43.53 -12.09 -8.95
C GLN L 183 -43.44 -11.57 -10.36
N SER L 184 -43.61 -12.46 -11.33
CA SER L 184 -43.65 -12.08 -12.73
C SER L 184 -45.05 -11.57 -13.06
N ILE L 185 -45.16 -10.31 -13.46
CA ILE L 185 -46.46 -9.72 -13.77
C ILE L 185 -46.89 -9.99 -15.20
N THR L 186 -45.94 -9.96 -16.12
CA THR L 186 -46.15 -10.20 -17.55
C THR L 186 -44.93 -10.96 -18.04
N PRO L 187 -44.92 -11.46 -19.27
CA PRO L 187 -43.72 -12.18 -19.74
C PRO L 187 -42.46 -11.36 -19.66
N LYS L 188 -42.55 -10.05 -19.45
CA LYS L 188 -41.38 -9.20 -19.37
C LYS L 188 -41.24 -8.44 -18.06
N LEU L 189 -42.33 -8.16 -17.36
CA LEU L 189 -42.28 -7.34 -16.15
C LEU L 189 -42.31 -8.20 -14.91
N SER L 190 -41.42 -7.91 -13.96
CA SER L 190 -41.34 -8.60 -12.70
C SER L 190 -41.40 -7.59 -11.57
N LEU L 191 -42.22 -7.88 -10.56
CA LEU L 191 -42.39 -7.03 -9.39
C LEU L 191 -42.14 -7.88 -8.15
N GLY L 192 -41.57 -7.24 -7.13
CA GLY L 192 -41.19 -8.00 -5.96
C GLY L 192 -41.34 -7.22 -4.67
N LEU L 193 -40.99 -7.88 -3.58
CA LEU L 193 -41.13 -7.35 -2.23
C LEU L 193 -40.03 -7.95 -1.38
N GLU L 194 -39.61 -7.20 -0.37
CA GLU L 194 -38.63 -7.70 0.58
C GLU L 194 -39.00 -7.24 1.97
N ALA L 195 -38.86 -8.13 2.95
CA ALA L 195 -39.18 -7.83 4.33
C ALA L 195 -38.07 -8.33 5.24
N VAL L 196 -37.73 -7.52 6.23
CA VAL L 196 -36.66 -7.84 7.17
C VAL L 196 -37.21 -7.77 8.58
N TRP L 197 -36.77 -8.68 9.44
CA TRP L 197 -37.12 -8.66 10.86
C TRP L 197 -35.85 -8.92 11.64
N GLN L 198 -35.58 -8.11 12.65
CA GLN L 198 -34.33 -8.23 13.38
C GLN L 198 -34.56 -8.00 14.87
N ARG L 199 -33.76 -8.69 15.68
CA ARG L 199 -33.77 -8.48 17.14
C ARG L 199 -32.43 -8.99 17.67
N ALA L 200 -31.44 -8.09 17.75
CA ALA L 200 -30.12 -8.51 18.20
C ALA L 200 -30.16 -8.95 19.66
N GLY L 201 -31.05 -8.39 20.45
CA GLY L 201 -31.18 -8.76 21.85
C GLY L 201 -32.59 -8.62 22.36
N LEU L 202 -33.04 -9.58 23.18
CA LEU L 202 -34.41 -9.53 23.69
C LEU L 202 -34.65 -8.30 24.55
N THR L 203 -33.61 -7.73 25.14
CA THR L 203 -33.77 -6.53 25.95
C THR L 203 -34.13 -5.30 25.13
N GLN L 204 -33.98 -5.35 23.81
CA GLN L 204 -34.30 -4.24 22.94
C GLN L 204 -35.34 -4.67 21.93
N GLY L 205 -36.12 -3.70 21.45
CA GLY L 205 -37.20 -3.97 20.54
C GLY L 205 -36.74 -4.46 19.19
N PRO L 206 -37.59 -5.24 18.52
CA PRO L 206 -37.24 -5.73 17.18
C PRO L 206 -37.34 -4.63 16.15
N ASP L 207 -36.43 -4.69 15.17
CA ASP L 207 -36.39 -3.74 14.08
C ASP L 207 -36.78 -4.43 12.79
N THR L 208 -37.63 -3.78 12.00
CA THR L 208 -38.10 -4.32 10.73
C THR L 208 -37.97 -3.29 9.63
N ALA L 209 -37.54 -3.76 8.46
CA ALA L 209 -37.38 -2.91 7.28
C ALA L 209 -37.94 -3.62 6.07
N ILE L 210 -38.55 -2.86 5.17
CA ILE L 210 -39.15 -3.39 3.95
C ILE L 210 -38.50 -2.71 2.76
N SER L 211 -38.31 -3.46 1.68
CA SER L 211 -37.73 -2.94 0.45
C SER L 211 -38.54 -3.40 -0.75
N TYR L 212 -38.78 -2.50 -1.69
CA TYR L 212 -39.51 -2.82 -2.90
C TYR L 212 -38.57 -2.83 -4.09
N VAL L 213 -38.77 -3.81 -4.96
CA VAL L 213 -37.94 -4.03 -6.14
C VAL L 213 -38.84 -4.34 -7.31
N GLY L 214 -38.28 -4.21 -8.50
CA GLY L 214 -39.02 -4.50 -9.71
C GLY L 214 -38.09 -4.57 -10.89
N ARG L 215 -38.56 -5.26 -11.94
CA ARG L 215 -37.72 -5.38 -13.12
C ARG L 215 -38.60 -5.54 -14.35
N TYR L 216 -38.16 -4.93 -15.44
CA TYR L 216 -38.74 -5.08 -16.76
C TYR L 216 -37.66 -5.66 -17.64
N LYS L 217 -37.90 -6.83 -18.21
CA LYS L 217 -36.85 -7.55 -18.93
C LYS L 217 -37.26 -7.82 -20.37
N THR L 218 -36.34 -7.55 -21.29
CA THR L 218 -36.54 -7.83 -22.71
C THR L 218 -35.26 -8.44 -23.24
N GLU L 219 -35.31 -8.96 -24.47
CA GLU L 219 -34.15 -9.61 -25.03
C GLU L 219 -32.96 -8.67 -25.13
N ASN L 220 -33.19 -7.44 -25.55
CA ASN L 220 -32.08 -6.52 -25.76
C ASN L 220 -31.69 -5.76 -24.49
N TRP L 221 -32.64 -5.46 -23.62
CA TRP L 221 -32.29 -4.64 -22.46
C TRP L 221 -33.14 -5.00 -21.26
N ILE L 222 -32.57 -4.73 -20.08
CA ILE L 222 -33.20 -5.00 -18.80
C ILE L 222 -32.97 -3.82 -17.88
N ALA L 223 -34.03 -3.39 -17.20
CA ALA L 223 -33.96 -2.29 -16.24
C ALA L 223 -34.52 -2.76 -14.91
N SER L 224 -33.83 -2.43 -13.82
CA SER L 224 -34.24 -2.91 -12.51
C SER L 224 -34.07 -1.80 -11.50
N ALA L 225 -34.83 -1.90 -10.42
CA ALA L 225 -34.75 -0.93 -9.35
C ALA L 225 -35.01 -1.61 -8.02
N GLN L 226 -34.41 -1.04 -6.97
CA GLN L 226 -34.55 -1.56 -5.62
C GLN L 226 -34.68 -0.35 -4.71
N LEU L 227 -35.87 -0.14 -4.17
CA LEU L 227 -36.16 1.02 -3.34
C LEU L 227 -36.35 0.57 -1.90
N GLN L 228 -35.53 1.09 -1.00
CA GLN L 228 -35.70 0.82 0.41
C GLN L 228 -36.67 1.83 0.99
N ALA L 229 -37.45 1.39 1.97
CA ALA L 229 -38.34 2.32 2.67
C ALA L 229 -37.55 3.38 3.40
N GLN L 230 -36.28 3.09 3.71
CA GLN L 230 -35.41 4.04 4.37
C GLN L 230 -35.09 5.23 3.47
N GLY L 231 -35.32 5.10 2.17
CA GLY L 231 -35.04 6.14 1.20
C GLY L 231 -33.97 5.80 0.20
N ALA L 232 -33.13 4.80 0.47
CA ALA L 232 -32.12 4.40 -0.48
C ALA L 232 -32.76 3.82 -1.73
N LEU L 233 -32.16 4.11 -2.88
CA LEU L 233 -32.68 3.64 -4.16
C LEU L 233 -31.52 3.13 -4.99
N ASN L 234 -31.67 1.93 -5.54
CA ASN L 234 -30.67 1.35 -6.43
C ASN L 234 -31.33 0.99 -7.74
N ALA L 235 -30.86 1.58 -8.83
CA ALA L 235 -31.42 1.34 -10.15
C ALA L 235 -30.30 1.06 -11.12
N SER L 236 -30.57 0.20 -12.10
CA SER L 236 -29.55 -0.14 -13.07
C SER L 236 -30.21 -0.43 -14.40
N TYR L 237 -29.44 -0.28 -15.47
CA TYR L 237 -29.96 -0.51 -16.81
C TYR L 237 -28.90 -1.26 -17.58
N TRP L 238 -29.31 -2.27 -18.35
CA TRP L 238 -28.38 -3.07 -19.12
C TRP L 238 -28.87 -3.15 -20.55
N GLN L 239 -27.95 -3.02 -21.50
CA GLN L 239 -28.30 -3.12 -22.91
C GLN L 239 -27.20 -3.78 -23.71
N ARG L 240 -27.60 -4.66 -24.62
CA ARG L 240 -26.65 -5.35 -25.49
C ARG L 240 -26.30 -4.47 -26.69
N LEU L 241 -25.01 -4.33 -26.95
CA LEU L 241 -24.48 -3.53 -28.05
C LEU L 241 -23.88 -4.40 -29.16
N GLY L 242 -24.55 -5.48 -29.51
CA GLY L 242 -24.04 -6.40 -30.51
C GLY L 242 -23.69 -7.73 -29.88
N GLU L 243 -23.13 -8.61 -30.71
CA GLU L 243 -22.84 -9.96 -30.23
C GLU L 243 -21.68 -10.01 -29.25
N LYS L 244 -20.74 -9.07 -29.36
CA LYS L 244 -19.54 -9.12 -28.53
C LYS L 244 -19.44 -8.02 -27.48
N VAL L 245 -20.35 -7.06 -27.44
CA VAL L 245 -20.21 -5.93 -26.53
C VAL L 245 -21.51 -5.68 -25.81
N GLN L 246 -21.41 -5.40 -24.52
CA GLN L 246 -22.56 -5.05 -23.72
C GLN L 246 -22.10 -4.10 -22.62
N ALA L 247 -23.01 -3.22 -22.22
CA ALA L 247 -22.69 -2.20 -21.25
C ALA L 247 -23.90 -1.94 -20.38
N GLY L 248 -23.66 -1.35 -19.23
CA GLY L 248 -24.75 -1.04 -18.33
C GLY L 248 -24.36 0.09 -17.42
N VAL L 249 -25.37 0.68 -16.80
CA VAL L 249 -25.16 1.81 -15.90
C VAL L 249 -25.93 1.56 -14.62
N ASP L 250 -25.33 1.88 -13.49
CA ASP L 250 -25.92 1.65 -12.17
C ASP L 250 -25.89 2.91 -11.33
N MET L 251 -27.02 3.22 -10.72
CA MET L 251 -27.16 4.39 -9.87
C MET L 251 -27.58 3.94 -8.48
N THR L 252 -26.98 4.52 -7.46
CA THR L 252 -27.30 4.22 -6.08
C THR L 252 -27.50 5.52 -5.33
N LEU L 253 -28.60 5.62 -4.59
CA LEU L 253 -28.88 6.81 -3.80
C LEU L 253 -29.09 6.41 -2.35
N SER L 254 -28.56 7.23 -1.43
CA SER L 254 -28.68 6.96 0.00
C SER L 254 -29.07 8.24 0.72
N VAL L 255 -29.93 8.11 1.73
CA VAL L 255 -30.42 9.24 2.50
C VAL L 255 -30.37 8.88 3.98
N ASN L 256 -29.22 8.39 4.44
CA ASN L 256 -29.08 7.98 5.83
C ASN L 256 -28.97 9.18 6.76
N THR L 266 -27.44 12.20 6.06
CA THR L 266 -26.81 12.75 4.88
C THR L 266 -27.40 12.18 3.61
N LYS L 267 -27.23 12.91 2.50
CA LYS L 267 -27.70 12.50 1.19
C LYS L 267 -26.49 12.18 0.34
N GLU L 268 -26.46 10.97 -0.21
CA GLU L 268 -25.33 10.52 -1.00
C GLU L 268 -25.82 9.71 -2.19
N GLY L 269 -25.11 9.82 -3.30
CA GLY L 269 -25.45 9.11 -4.50
C GLY L 269 -24.26 8.94 -5.41
N ILE L 270 -24.19 7.81 -6.10
CA ILE L 270 -23.08 7.50 -6.98
C ILE L 270 -23.67 6.83 -8.21
N THR L 271 -23.12 7.16 -9.38
CA THR L 271 -23.59 6.58 -10.63
C THR L 271 -22.40 5.96 -11.34
N THR L 272 -22.55 4.69 -11.74
CA THR L 272 -21.47 3.94 -12.36
C THR L 272 -21.87 3.55 -13.77
N PHE L 273 -21.01 3.85 -14.75
CA PHE L 273 -21.22 3.48 -16.14
C PHE L 273 -20.10 2.55 -16.55
N GLY L 274 -20.43 1.45 -17.23
CA GLY L 274 -19.38 0.53 -17.63
C GLY L 274 -19.76 -0.31 -18.82
N ALA L 275 -18.74 -0.92 -19.43
CA ALA L 275 -18.95 -1.76 -20.60
C ALA L 275 -18.05 -2.99 -20.54
N LYS L 276 -18.45 -4.04 -21.25
CA LYS L 276 -17.76 -5.31 -21.30
C LYS L 276 -17.57 -5.76 -22.73
N TYR L 277 -16.36 -6.23 -23.07
CA TYR L 277 -16.04 -6.72 -24.40
C TYR L 277 -15.70 -8.19 -24.37
N ASP L 278 -16.31 -8.96 -25.27
CA ASP L 278 -16.10 -10.40 -25.34
C ASP L 278 -15.35 -10.77 -26.60
N PHE L 279 -14.03 -10.74 -26.52
CA PHE L 279 -13.22 -11.21 -27.63
C PHE L 279 -13.11 -12.73 -27.54
N ARG L 280 -12.46 -13.34 -28.53
CA ARG L 280 -12.35 -14.79 -28.53
C ARG L 280 -11.57 -15.30 -27.33
N MET L 281 -10.36 -14.77 -27.13
CA MET L 281 -9.50 -15.23 -26.06
C MET L 281 -9.43 -14.31 -24.85
N SER L 282 -10.25 -13.26 -24.80
CA SER L 282 -10.15 -12.39 -23.64
C SER L 282 -11.45 -11.63 -23.45
N THR L 283 -11.69 -11.23 -22.20
CA THR L 283 -12.85 -10.43 -21.83
C THR L 283 -12.35 -9.20 -21.11
N PHE L 284 -12.73 -8.03 -21.59
CA PHE L 284 -12.29 -6.76 -21.03
C PHE L 284 -13.47 -6.01 -20.44
N ARG L 285 -13.33 -5.56 -19.20
CA ARG L 285 -14.34 -4.80 -18.50
C ARG L 285 -13.78 -3.46 -18.08
N ALA L 286 -14.57 -2.41 -18.22
CA ALA L 286 -14.13 -1.09 -17.80
C ALA L 286 -15.32 -0.31 -17.29
N GLN L 287 -15.08 0.55 -16.31
CA GLN L 287 -16.16 1.34 -15.75
C GLN L 287 -15.59 2.62 -15.19
N ILE L 288 -16.47 3.60 -15.04
CA ILE L 288 -16.12 4.87 -14.43
C ILE L 288 -17.34 5.32 -13.65
N ASP L 289 -17.13 6.03 -12.56
CA ASP L 289 -18.26 6.46 -11.75
C ASP L 289 -18.13 7.92 -11.36
N THR L 290 -19.25 8.48 -10.91
CA THR L 290 -19.30 9.90 -10.59
C THR L 290 -18.37 10.30 -9.48
N LYS L 291 -17.79 9.36 -8.76
CA LYS L 291 -16.80 9.70 -7.74
C LYS L 291 -15.41 9.79 -8.32
N GLY L 292 -15.28 9.71 -9.64
CA GLY L 292 -13.98 9.84 -10.28
C GLY L 292 -13.16 8.58 -10.35
N LYS L 293 -13.69 7.45 -9.90
CA LYS L 293 -12.95 6.20 -9.98
C LYS L 293 -13.05 5.57 -11.35
N LEU L 294 -11.92 5.03 -11.81
CA LEU L 294 -11.82 4.33 -13.07
C LEU L 294 -11.22 2.97 -12.78
N SER L 295 -11.79 1.92 -13.36
CA SER L 295 -11.23 0.61 -13.15
C SER L 295 -11.41 -0.23 -14.41
N CYS L 296 -10.49 -1.16 -14.60
CA CYS L 296 -10.56 -2.05 -15.73
C CYS L 296 -10.04 -3.40 -15.29
N VAL L 297 -10.54 -4.45 -15.92
CA VAL L 297 -10.15 -5.81 -15.62
C VAL L 297 -9.96 -6.52 -16.94
N LEU L 298 -8.80 -7.15 -17.13
CA LEU L 298 -8.51 -7.87 -18.36
C LEU L 298 -8.23 -9.33 -18.02
N GLU L 299 -9.08 -10.22 -18.55
CA GLU L 299 -8.89 -11.65 -18.39
C GLU L 299 -8.47 -12.23 -19.74
N LYS L 300 -7.33 -12.91 -19.76
CA LYS L 300 -6.79 -13.38 -21.02
C LYS L 300 -6.36 -14.83 -20.89
N ARG L 301 -6.77 -15.66 -21.85
CA ARG L 301 -6.43 -17.09 -21.86
C ARG L 301 -5.07 -17.28 -22.52
N VAL L 302 -4.01 -17.08 -21.74
CA VAL L 302 -2.67 -17.21 -22.29
C VAL L 302 -2.35 -18.65 -22.64
N ALA L 303 -3.15 -19.60 -22.16
CA ALA L 303 -2.97 -21.01 -22.50
C ALA L 303 -4.29 -21.72 -22.27
N ALA L 304 -4.36 -22.97 -22.70
CA ALA L 304 -5.59 -23.73 -22.50
C ALA L 304 -5.98 -23.87 -21.04
N PRO L 305 -5.08 -24.16 -20.09
CA PRO L 305 -5.51 -24.27 -18.70
C PRO L 305 -5.32 -23.00 -17.89
N VAL L 306 -4.60 -22.02 -18.43
CA VAL L 306 -4.20 -20.83 -17.69
C VAL L 306 -5.02 -19.65 -18.15
N MET L 307 -5.51 -18.86 -17.19
CA MET L 307 -6.20 -17.62 -17.49
C MET L 307 -5.57 -16.53 -16.64
N MET L 308 -5.17 -15.44 -17.26
CA MET L 308 -4.58 -14.32 -16.55
C MET L 308 -5.64 -13.28 -16.24
N THR L 309 -5.40 -12.53 -15.18
CA THR L 309 -6.28 -11.42 -14.81
C THR L 309 -5.40 -10.26 -14.39
N PHE L 310 -5.66 -9.10 -14.97
CA PHE L 310 -4.99 -7.87 -14.58
C PHE L 310 -6.08 -6.88 -14.20
N ALA L 311 -5.98 -6.32 -13.00
CA ALA L 311 -7.00 -5.39 -12.54
C ALA L 311 -6.32 -4.12 -12.05
N ALA L 312 -6.88 -2.98 -12.44
CA ALA L 312 -6.34 -1.69 -12.05
C ALA L 312 -7.47 -0.75 -11.70
N ASP L 313 -7.33 -0.05 -10.59
CA ASP L 313 -8.32 0.91 -10.11
C ASP L 313 -7.62 2.22 -9.85
N VAL L 314 -8.02 3.27 -10.54
CA VAL L 314 -7.38 4.57 -10.44
C VAL L 314 -8.38 5.53 -9.82
N ASP L 315 -7.98 6.18 -8.74
CA ASP L 315 -8.80 7.19 -8.07
C ASP L 315 -8.26 8.55 -8.49
N HIS L 316 -8.95 9.19 -9.44
CA HIS L 316 -8.48 10.47 -9.96
C HIS L 316 -8.42 11.59 -8.93
N PHE L 317 -9.16 11.50 -7.84
CA PHE L 317 -9.06 12.56 -6.85
C PHE L 317 -7.83 12.42 -5.98
N THR L 318 -7.27 11.22 -5.85
CA THR L 318 -6.06 11.03 -5.08
C THR L 318 -4.88 10.56 -5.93
N GLN L 319 -5.11 10.21 -7.19
CA GLN L 319 -4.05 9.78 -8.10
C GLN L 319 -3.33 8.52 -7.59
N GLN L 320 -4.04 7.64 -6.92
CA GLN L 320 -3.50 6.37 -6.43
C GLN L 320 -4.13 5.22 -7.19
N ALA L 321 -3.34 4.18 -7.46
CA ALA L 321 -3.83 3.05 -8.22
C ALA L 321 -3.51 1.75 -7.51
N LYS L 322 -4.46 0.83 -7.56
CA LYS L 322 -4.31 -0.51 -7.01
C LYS L 322 -4.22 -1.51 -8.16
N VAL L 323 -3.13 -2.28 -8.19
CA VAL L 323 -2.87 -3.22 -9.27
C VAL L 323 -3.03 -4.64 -8.76
N GLY L 324 -3.76 -5.45 -9.51
CA GLY L 324 -3.96 -6.85 -9.18
C GLY L 324 -3.57 -7.74 -10.34
N VAL L 325 -2.76 -8.76 -10.10
CA VAL L 325 -2.35 -9.70 -11.14
C VAL L 325 -2.64 -11.09 -10.62
N GLY L 326 -3.27 -11.92 -11.44
CA GLY L 326 -3.63 -13.25 -10.97
C GLY L 326 -3.64 -14.29 -12.07
N ILE L 327 -3.80 -15.53 -11.64
CA ILE L 327 -3.74 -16.68 -12.52
C ILE L 327 -4.67 -17.76 -11.99
N SER L 328 -5.24 -18.55 -12.90
CA SER L 328 -6.09 -19.68 -12.55
C SER L 328 -5.62 -20.88 -13.37
N ILE L 329 -5.41 -22.01 -12.72
CA ILE L 329 -4.92 -23.18 -13.44
C ILE L 329 -5.83 -24.37 -13.17
N GLU L 330 -6.29 -25.00 -14.24
CA GLU L 330 -7.11 -26.21 -14.18
C GLU L 330 -6.39 -27.33 -14.90
N ALA L 331 -6.10 -28.42 -14.20
CA ALA L 331 -5.27 -29.47 -14.78
C ALA L 331 -5.94 -30.83 -14.91
N GLY L 332 -7.21 -30.96 -14.57
CA GLY L 332 -7.85 -32.26 -14.56
C GLY L 332 -8.64 -32.64 -15.80
N GLY L 333 -8.62 -31.80 -16.84
CA GLY L 333 -9.51 -32.00 -17.98
C GLY L 333 -9.28 -33.28 -18.77
N GLU L 334 -8.03 -33.72 -18.90
CA GLU L 334 -7.73 -34.82 -19.83
C GLU L 334 -8.55 -36.07 -19.56
N GLU L 335 -8.50 -36.60 -18.34
CA GLU L 335 -9.39 -37.69 -17.98
C GLU L 335 -10.85 -37.27 -18.04
N LEU L 336 -11.13 -36.03 -17.64
CA LEU L 336 -12.48 -35.51 -17.50
C LEU L 336 -13.19 -35.27 -18.82
N GLN L 337 -12.48 -35.34 -19.96
CA GLN L 337 -13.07 -34.95 -21.23
C GLN L 337 -14.30 -35.77 -21.57
N ASP L 338 -14.27 -37.07 -21.28
CA ASP L 338 -15.38 -37.95 -21.63
C ASP L 338 -16.68 -37.55 -20.91
N GLN L 339 -16.57 -37.19 -19.63
CA GLN L 339 -17.75 -36.92 -18.83
C GLN L 339 -18.41 -35.61 -19.23
N GLN L 340 -19.53 -35.29 -18.58
CA GLN L 340 -20.26 -34.06 -18.81
C GLN L 340 -20.78 -33.56 -17.46
N PRO L 341 -20.78 -32.25 -17.23
CA PRO L 341 -21.26 -31.72 -15.96
C PRO L 341 -22.68 -32.15 -15.66
N ALA L 342 -22.91 -32.56 -14.41
CA ALA L 342 -24.26 -32.96 -14.01
C ALA L 342 -25.20 -31.77 -14.17
N PRO L 343 -26.42 -32.00 -14.63
CA PRO L 343 -27.34 -30.87 -14.88
C PRO L 343 -27.97 -30.30 -13.63
N ASN L 344 -28.21 -28.99 -13.67
CA ASN L 344 -28.93 -28.24 -12.64
C ASN L 344 -28.34 -28.42 -11.25
N ILE L 345 -27.01 -28.52 -11.17
CA ILE L 345 -26.37 -28.57 -9.85
C ILE L 345 -26.79 -27.32 -9.07
N PRO L 346 -27.28 -27.44 -7.86
CA PRO L 346 -27.73 -26.24 -7.13
C PRO L 346 -26.59 -25.42 -6.56
N PHE L 347 -25.85 -24.75 -7.46
CA PHE L 347 -24.74 -23.89 -7.04
C PHE L 347 -25.27 -22.76 -6.17
O12 PC1 M . 14.96 -28.81 -19.97
P PC1 M . 14.69 -28.45 -21.40
O14 PC1 M . 15.31 -27.28 -22.06
O13 PC1 M . 14.99 -29.77 -22.35
C11 PC1 M . 14.40 -29.84 -23.63
C12 PC1 M . 15.28 -29.02 -24.57
N PC1 M . 14.90 -29.09 -26.02
C13 PC1 M . 15.04 -30.48 -26.55
C14 PC1 M . 13.47 -28.68 -26.12
C15 PC1 M . 15.74 -28.17 -26.83
O11 PC1 M . 13.06 -28.41 -21.51
C1 PC1 M . 12.32 -27.82 -20.47
C2 PC1 M . 12.81 -26.40 -20.27
O21 PC1 M . 13.71 -26.32 -19.16
C21 PC1 M . 14.51 -25.27 -19.04
O22 PC1 M . 15.05 -24.72 -19.97
C22 PC1 M . 14.67 -24.89 -17.60
C23 PC1 M . 15.68 -23.81 -17.29
C24 PC1 M . 15.53 -23.35 -15.84
C25 PC1 M . 14.41 -22.37 -15.62
C26 PC1 M . 14.00 -22.24 -14.17
C27 PC1 M . 13.26 -20.97 -13.78
C28 PC1 M . 14.09 -19.70 -13.68
C29 PC1 M . 15.28 -19.91 -12.76
C2A PC1 M . 16.00 -18.63 -12.36
C2B PC1 M . 17.19 -18.95 -11.47
C2C PC1 M . 17.76 -17.76 -10.71
C2D PC1 M . 17.41 -17.71 -9.24
C2E PC1 M . 15.93 -17.95 -8.95
C2F PC1 M . 15.69 -17.98 -7.46
C2G PC1 M . 14.33 -18.60 -7.15
C2H PC1 M . 14.36 -20.05 -7.56
C2I PC1 M . 15.36 -20.84 -6.72
C3 PC1 M . 11.66 -25.47 -19.99
O31 PC1 M . 10.93 -25.97 -18.88
C31 PC1 M . 9.71 -25.50 -18.73
O32 PC1 M . 9.09 -24.95 -19.61
C32 PC1 M . 9.21 -25.67 -17.33
C33 PC1 M . 10.06 -24.86 -16.37
C34 PC1 M . 9.63 -25.08 -14.94
C35 PC1 M . 10.22 -24.04 -13.99
C36 PC1 M . 9.83 -24.41 -12.57
C37 PC1 M . 9.80 -23.23 -11.62
C38 PC1 M . 11.20 -22.69 -11.45
C39 PC1 M . 11.87 -23.48 -10.33
C3A PC1 M . 13.13 -22.82 -9.78
C3B PC1 M . 13.50 -23.40 -8.43
C13 DU0 N . 4.43 -27.22 -7.75
C15 DU0 N . 3.08 -26.47 -10.32
C17 DU0 N . 3.43 -24.99 -16.23
C20 DU0 N . 3.19 -24.89 -19.09
C21 DU0 N . 2.95 -24.98 -20.56
C22 DU0 N . 2.81 -23.56 -21.07
C24 DU0 N . 1.50 -23.64 -23.13
C26 DU0 N . 0.53 -23.81 -25.46
C01 DU0 N . 1.82 -25.12 -13.76
C02 DU0 N . 2.86 -24.05 -13.95
C03 DU0 N . 3.99 -24.53 -14.89
C04 DU0 N . 4.79 -25.47 -14.02
C05 DU0 N . 4.89 -24.68 -12.71
C06 DU0 N . 3.65 -23.76 -12.65
C07 DU0 N . 2.97 -24.07 -11.31
C08 DU0 N . 2.71 -22.79 -10.53
C09 DU0 N . 3.85 -25.19 -10.64
C11 DU0 N . 3.99 -24.81 -8.22
C12 DU0 N . 3.38 -26.15 -7.87
C14 DU0 N . 2.40 -26.48 -8.97
C18 DU0 N . 4.54 -25.54 -17.10
C19 DU0 N . 4.27 -25.44 -18.55
C25 DU0 N . 1.78 -23.59 -24.62
C27 DU0 N . -0.24 -25.07 -25.05
C51 DU0 N . 0.95 -23.93 -26.92
C75 DU0 N . 1.53 -22.98 -20.47
C76 DU0 N . 1.73 -22.84 -18.97
C77 DU0 N . 2.14 -24.16 -18.28
C78 DU0 N . 0.92 -25.06 -18.13
C79 DU0 N . 2.73 -23.79 -16.90
C80 DU0 N . 1.68 -23.20 -15.97
C81 DU0 N . 2.24 -22.84 -14.62
O10 DU0 N . 4.60 -24.74 -9.50
O16 DU0 N . 4.86 -25.56 -11.57
O23 DU0 N . 2.77 -23.48 -22.50
O28 DU0 N . 0.64 -26.18 -25.20
O52 DU0 N . -0.23 -24.15 -27.69
O12 PC1 O . 1.10 -18.42 9.93
P PC1 O . 0.82 -19.60 10.78
O14 PC1 O . 1.68 -20.03 11.93
O13 PC1 O . -0.71 -19.48 11.39
C11 PC1 O . -1.24 -20.48 12.24
C12 PC1 O . -0.91 -20.08 13.67
N PC1 O . -1.49 -21.00 14.71
C13 PC1 O . -1.10 -20.58 16.09
C14 PC1 O . -2.98 -20.94 14.60
C15 PC1 O . -1.07 -22.41 14.48
O11 PC1 O . 0.61 -20.84 9.74
C1 PC1 O . -0.16 -20.68 8.56
C2 PC1 O . -0.24 -22.04 7.89
O21 PC1 O . -0.53 -21.97 6.50
C21 PC1 O . 0.48 -22.10 5.65
O22 PC1 O . 1.62 -21.85 5.96
C22 PC1 O . 0.04 -22.60 4.30
C23 PC1 O . -0.68 -23.94 4.36
C24 PC1 O . -0.87 -24.53 2.97
C25 PC1 O . 0.46 -24.87 2.33
C26 PC1 O . 0.36 -25.22 0.87
C27 PC1 O . -0.67 -26.30 0.56
C28 PC1 O . -0.83 -26.56 -0.92
C29 PC1 O . 0.41 -27.07 -1.65
C2A PC1 O . 0.91 -28.42 -1.15
C3 PC1 O . -1.33 -22.89 8.51
O31 PC1 O . -0.85 -24.23 8.41
C31 PC1 O . -0.76 -24.97 9.51
O32 PC1 O . -1.20 -24.63 10.58
C32 PC1 O . -0.01 -26.23 9.22
C33 PC1 O . -0.59 -27.06 8.09
C34 PC1 O . 0.43 -28.03 7.51
C35 PC1 O . -0.08 -28.72 6.27
C36 PC1 O . 0.97 -29.52 5.51
C37 PC1 O . 2.19 -28.71 5.10
C38 PC1 O . 3.28 -29.55 4.47
C39 PC1 O . 2.78 -30.31 3.25
C13 DU0 P . 36.95 -16.09 -0.68
C15 DU0 P . 35.52 -19.57 -0.68
C17 DU0 P . 36.56 -23.39 -6.37
C20 DU0 P . 36.98 -25.04 -8.64
C21 DU0 P . 37.18 -26.10 -9.67
C22 DU0 P . 36.36 -25.87 -10.93
C24 DU0 P . 37.07 -26.95 -12.97
C26 DU0 P . 39.33 -27.76 -13.78
C01 DU0 P . 34.73 -23.02 -3.93
C02 DU0 P . 34.99 -21.95 -4.97
C03 DU0 P . 36.38 -22.10 -5.62
C04 DU0 P . 37.30 -21.76 -4.45
C05 DU0 P . 36.68 -20.43 -4.02
C06 DU0 P . 35.16 -20.57 -4.30
C07 DU0 P . 34.52 -20.37 -2.93
C08 DU0 P . 33.17 -19.73 -3.05
C09 DU0 P . 35.62 -19.56 -2.20
C11 DU0 P . 35.14 -17.20 -1.96
C12 DU0 P . 35.80 -17.05 -0.59
C14 DU0 P . 36.25 -18.41 -0.06
C18 DU0 P . 37.93 -23.40 -7.03
C19 DU0 P . 38.01 -24.33 -8.18
C25 DU0 P . 38.54 -27.18 -12.62
C27 DU0 P . 40.80 -27.93 -13.41
C51 DU0 P . 38.73 -29.12 -14.12
C75 DU0 P . 34.89 -25.65 -10.56
C76 DU0 P . 34.75 -24.55 -9.54
C77 DU0 P . 35.56 -24.76 -8.26
C78 DU0 P . 35.01 -25.95 -7.49
C79 DU0 P . 35.48 -23.46 -7.45
C80 DU0 P . 34.08 -23.26 -6.87
C81 DU0 P . 33.96 -21.98 -6.07
O10 DU0 P . 35.72 -18.24 -2.74
O16 DU0 P . 36.84 -20.16 -2.63
O23 DU0 P . 36.34 -27.04 -11.75
O28 DU0 P . 41.48 -28.49 -14.54
O52 DU0 P . 38.83 -29.93 -12.96
O12 PC1 Q . 4.93 28.77 -5.92
P PC1 Q . 5.68 28.31 -7.12
O14 PC1 Q . 5.53 28.95 -8.46
O13 PC1 Q . 7.31 28.35 -6.81
C11 PC1 Q . 8.17 28.95 -7.75
C12 PC1 Q . 9.56 28.88 -7.11
N PC1 Q . 10.64 29.60 -7.87
C13 PC1 Q . 11.93 29.55 -7.15
C14 PC1 Q . 10.81 28.91 -9.18
C15 PC1 Q . 10.25 31.02 -8.12
O11 PC1 Q . 5.38 26.69 -7.20
C1 PC1 Q . 6.27 25.81 -7.84
C2 PC1 Q . 6.07 25.86 -9.34
O21 PC1 Q . 5.60 24.60 -9.85
C21 PC1 Q . 4.66 24.60 -10.78
O22 PC1 Q . 4.20 25.59 -11.27
C22 PC1 Q . 4.23 23.19 -11.11
C23 PC1 Q . 4.39 22.76 -12.56
C24 PC1 Q . 5.85 22.74 -13.01
C25 PC1 Q . 6.02 22.33 -14.47
C26 PC1 Q . 5.34 21.00 -14.77
C27 PC1 Q . 5.79 20.35 -16.07
C28 PC1 Q . 5.72 21.29 -17.27
C29 PC1 Q . 4.31 21.49 -17.76
C2A PC1 Q . 3.74 20.24 -18.42
C2B PC1 Q . 4.59 19.75 -19.58
C2C PC1 Q . 4.59 20.71 -20.75
C2D PC1 Q . 3.33 20.65 -21.62
C2E PC1 Q . 3.12 19.28 -22.24
C2F PC1 Q . 1.90 19.24 -23.15
C3 PC1 Q . 7.36 26.18 -10.05
O31 PC1 Q . 7.32 25.61 -11.35
C31 PC1 Q . 7.76 26.38 -12.32
O32 PC1 Q . 8.23 27.47 -12.10
C32 PC1 Q . 7.66 25.74 -13.67
C33 PC1 Q . 8.15 26.67 -14.77
C34 PC1 Q . 8.30 26.00 -16.13
C35 PC1 Q . 9.24 24.80 -16.10
C36 PC1 Q . 9.58 24.31 -17.49
C37 PC1 Q . 8.39 24.23 -18.43
C38 PC1 Q . 8.77 23.73 -19.81
C39 PC1 Q . 7.63 23.84 -20.80
C3A PC1 Q . 7.98 23.27 -22.17
C3B PC1 Q . 6.93 23.62 -23.22
C3C PC1 Q . 6.93 25.11 -23.54
C3D PC1 Q . 8.24 25.65 -24.11
O12 PC1 R . 24.06 28.13 -1.53
P PC1 R . 24.76 26.81 -1.55
O14 PC1 R . 26.23 26.65 -1.31
O13 PC1 R . 24.05 25.80 -0.48
C11 PC1 R . 22.68 25.55 -0.62
C12 PC1 R . 22.57 24.08 -1.04
N PC1 R . 22.89 23.03 -0.01
C13 PC1 R . 24.34 22.93 0.32
C14 PC1 R . 22.13 23.37 1.22
C15 PC1 R . 22.43 21.70 -0.50
O11 PC1 R . 24.31 26.07 -2.93
C1 PC1 R . 25.24 25.34 -3.69
C2 PC1 R . 24.74 25.26 -5.12
O21 PC1 R . 25.47 26.11 -6.02
C21 PC1 R . 26.77 25.93 -6.16
O22 PC1 R . 27.31 24.86 -6.13
C22 PC1 R . 27.47 27.25 -6.34
C23 PC1 R . 28.98 27.14 -6.41
C24 PC1 R . 29.49 26.63 -7.75
C25 PC1 R . 29.69 27.76 -8.75
C26 PC1 R . 30.46 27.33 -10.00
C3 PC1 R . 23.28 25.66 -5.24
O31 PC1 R . 22.62 24.54 -5.83
C31 PC1 R . 22.11 24.63 -7.07
O32 PC1 R . 21.60 23.69 -7.60
C32 PC1 R . 22.20 26.01 -7.65
C33 PC1 R . 23.01 26.09 -8.93
C34 PC1 R . 23.22 27.54 -9.30
C35 PC1 R . 24.15 27.78 -10.49
C36 PC1 R . 25.49 27.09 -10.29
C37 PC1 R . 26.63 27.69 -11.11
C38 PC1 R . 26.31 27.86 -12.58
C39 PC1 R . 26.43 26.59 -13.39
C13 DU0 S . 37.80 -11.16 -2.40
C15 DU0 S . 35.20 -13.61 -3.01
C17 DU0 S . 37.70 -17.95 -7.59
C20 DU0 S . 38.75 -19.81 -9.53
C21 DU0 S . 39.20 -20.92 -10.41
C22 DU0 S . 39.01 -20.51 -11.87
C24 DU0 S . 39.86 -21.13 -14.01
C26 DU0 S . 42.07 -22.31 -14.22
C01 DU0 S . 35.29 -17.01 -6.00
C02 DU0 S . 36.00 -16.15 -7.01
C03 DU0 S . 37.49 -16.54 -7.12
C04 DU0 S . 38.02 -16.08 -5.76
C05 DU0 S . 37.41 -14.66 -5.69
C06 DU0 S . 36.09 -14.69 -6.51
C07 DU0 S . 35.02 -14.20 -5.53
C08 DU0 S . 34.06 -13.24 -6.18
C09 DU0 S . 35.85 -13.56 -4.39
C11 DU0 S . 35.80 -11.21 -3.89
C12 DU0 S . 36.32 -11.43 -2.47
C14 DU0 S . 35.99 -12.84 -2.00
C18 DU0 S . 39.18 -18.26 -7.62
C19 DU0 S . 39.59 -19.26 -8.64
C25 DU0 S . 40.60 -22.31 -14.60
C27 DU0 S . 42.30 -22.41 -12.70
C51 DU0 S . 42.77 -23.46 -14.93
C75 DU0 S . 37.54 -20.22 -12.11
C76 DU0 S . 37.10 -19.09 -11.22
C77 DU0 S . 37.34 -19.34 -9.73
C78 DU0 S . 36.41 -20.44 -9.23
C79 DU0 S . 37.09 -18.01 -8.99
C80 DU0 S . 35.62 -17.67 -8.96
C81 DU0 S . 35.38 -16.28 -8.40
O10 DU0 S . 36.21 -12.24 -4.78
O16 DU0 S . 37.08 -14.29 -4.35
O23 DU0 S . 39.33 -21.59 -12.76
O28 DU0 S . 41.63 -23.56 -12.23
O52 DU0 S . 42.62 -23.26 -16.32
C13 DU0 T . 41.06 -5.72 -4.52
C15 DU0 T . 41.55 -9.42 -5.24
C17 DU0 T . 42.81 -13.66 -8.92
C20 DU0 T . 43.86 -15.56 -10.81
C21 DU0 T . 44.49 -16.61 -11.69
C22 DU0 T . 43.45 -17.21 -12.63
C24 DU0 T . 43.18 -18.68 -14.49
C26 DU0 T . 44.88 -18.26 -16.34
C01 DU0 T . 41.33 -13.02 -6.27
C02 DU0 T . 40.77 -12.72 -7.65
C03 DU0 T . 41.90 -12.48 -8.68
C04 DU0 T . 42.44 -11.13 -8.26
C05 DU0 T . 41.11 -10.38 -8.33
C06 DU0 T . 40.05 -11.34 -7.71
C07 DU0 T . 39.60 -10.64 -6.43
C08 DU0 T . 38.13 -10.34 -6.51
C09 DU0 T . 40.48 -9.36 -6.33
C11 DU0 T . 39.53 -7.68 -4.86
C12 DU0 T . 40.86 -7.20 -4.28
C14 DU0 T . 42.01 -8.02 -4.85
C18 DU0 T . 43.91 -13.24 -9.89
C19 DU0 T . 44.36 -14.32 -10.80
C25 DU0 T . 44.06 -19.28 -15.58
C27 DU0 T . 46.15 -17.83 -15.62
C51 DU0 T . 45.24 -18.82 -17.72
C75 DU0 T . 42.32 -17.81 -11.80
C76 DU0 T . 41.67 -16.75 -10.93
C77 DU0 T . 42.65 -15.98 -10.02
C78 DU0 T . 43.09 -16.89 -8.88
C79 DU0 T . 41.91 -14.74 -9.50
C80 DU0 T . 40.83 -15.08 -8.48
C81 DU0 T . 39.95 -13.89 -8.16
O10 DU0 T . 39.66 -8.19 -6.19
O16 DU0 T . 41.13 -9.16 -7.57
O23 DU0 T . 44.00 -18.29 -13.38
O28 DU0 T . 46.91 -19.00 -15.33
O52 DU0 T . 44.04 -19.07 -18.42
C1 PLC U . 0.26 -12.16 -22.66
C2 PLC U . 0.28 -10.92 -21.79
C3 PLC U . -1.03 -10.15 -21.73
C4 PLC U . 1.73 -12.02 -26.76
C5 PLC U . 2.52 -11.19 -27.75
C6 PLC U . 4.42 -10.92 -29.31
C7 PLC U . 2.91 -12.82 -29.46
C8 PLC U . 4.50 -12.68 -27.65
C' PLC U . 1.84 -11.63 -20.12
C1' PLC U . 1.93 -12.22 -18.74
C2' PLC U . 2.67 -11.35 -17.75
C3' PLC U . 3.18 -12.11 -16.53
C4' PLC U . 2.16 -12.34 -15.41
C5' PLC U . 2.72 -13.22 -14.31
C6' PLC U . 1.81 -13.41 -13.11
C7' PLC U . 2.30 -14.39 -12.06
C8' PLC U . 1.47 -14.33 -10.79
C9' PLC U . 1.87 -15.31 -9.69
CA' PLC U . 1.28 -14.91 -8.34
CB' PLC U . 1.60 -15.85 -7.19
CB PLC U . -1.74 -8.02 -21.01
C1B PLC U . -1.71 -7.06 -19.85
C2B PLC U . -1.96 -5.63 -20.28
C3B PLC U . -1.98 -4.63 -19.13
C4B PLC U . -1.52 -3.24 -19.56
C5B PLC U . -1.76 -2.19 -18.50
C6B PLC U . -1.21 -0.82 -18.86
C7B PLC U . -1.32 0.17 -17.71
C8B PLC U . -0.98 1.59 -18.08
C9B PLC U . -1.05 2.51 -16.87
CAA PLC U . -1.01 3.99 -17.20
CBA PLC U . -0.87 4.85 -15.96
O' PLC U . 2.79 -11.43 -20.85
OB PLC U . -2.40 -7.85 -22.00
O2 PLC U . 0.58 -11.35 -20.46
O3 PLC U . -0.96 -9.08 -20.80
O1P PLC U . 2.28 -10.66 -24.39
O2P PLC U . 0.01 -9.41 -24.64
O3P PLC U . 0.07 -11.93 -24.03
O4P PLC U . 0.64 -11.30 -26.25
N PLC U . 3.59 -11.88 -28.53
P PLC U . 0.82 -10.67 -24.74
O12 PC1 V . 9.34 -17.12 9.62
P PC1 V . 10.09 -18.32 9.17
O14 PC1 V . 11.57 -18.41 9.19
O13 PC1 V . 9.60 -19.64 10.02
C11 PC1 V . 8.23 -19.97 10.15
C12 PC1 V . 7.73 -19.17 11.35
N PC1 V . 6.41 -19.64 11.89
C13 PC1 V . 5.94 -18.76 12.99
C14 PC1 V . 5.41 -19.60 10.79
C15 PC1 V . 6.53 -21.04 12.38
O11 PC1 V . 9.48 -18.69 7.68
C1 PC1 V . 10.09 -18.26 6.48
C2 PC1 V . 11.32 -19.08 6.14
O21 PC1 V . 11.63 -19.01 4.74
C21 PC1 V . 12.44 -18.09 4.28
O22 PC1 V . 12.15 -16.92 4.24
C22 PC1 V . 13.75 -18.67 3.84
C23 PC1 V . 14.57 -17.79 2.90
C24 PC1 V . 14.23 -18.06 1.44
C3 PC1 V . 11.14 -20.56 6.45
O31 PC1 V . 11.00 -21.23 5.20
C31 PC1 V . 12.04 -21.89 4.69
O32 PC1 V . 12.84 -22.48 5.38
C32 PC1 V . 12.09 -21.77 3.20
C33 PC1 V . 13.23 -22.53 2.52
C34 PC1 V . 13.04 -24.03 2.61
O12 PC1 W . -1.13 19.10 -8.53
P PC1 W . -0.86 20.50 -8.94
O14 PC1 W . -1.75 21.65 -8.61
O13 PC1 W . 0.64 20.94 -8.42
C11 PC1 W . 1.16 22.23 -8.67
C12 PC1 W . 0.77 23.11 -7.50
N PC1 W . 1.33 24.51 -7.57
C13 PC1 W . 0.90 25.34 -6.40
C14 PC1 W . 2.82 24.40 -7.52
C15 PC1 W . 0.94 25.19 -8.83
O11 PC1 W . -0.60 20.44 -10.55
C1 PC1 W . 0.21 19.43 -11.12
C2 PC1 W . 0.35 19.73 -12.60
O21 PC1 W . 0.69 18.59 -13.38
C21 PC1 W . -0.30 17.98 -14.04
O22 PC1 W . -1.45 18.06 -13.69
C22 PC1 W . 0.20 17.23 -15.24
C23 PC1 W . 0.94 18.10 -16.24
C24 PC1 W . 1.19 17.38 -17.55
C25 PC1 W . -0.11 17.06 -18.26
C26 PC1 W . 0.05 16.11 -19.43
C27 PC1 W . 1.10 16.56 -20.44
C28 PC1 W . 1.33 15.53 -21.54
C29 PC1 W . 0.12 15.25 -22.43
C2A PC1 W . -0.37 16.46 -23.21
C3 PC1 W . 1.43 20.75 -12.85
O31 PC1 W . 0.98 21.49 -13.99
C31 PC1 W . 0.85 22.81 -13.91
O32 PC1 W . 1.25 23.46 -12.97
C32 PC1 W . 0.14 23.33 -15.11
C33 PC1 W . 0.78 22.97 -16.44
C34 PC1 W . -0.21 23.08 -17.59
C35 PC1 W . 0.36 22.53 -18.87
C36 PC1 W . -0.65 22.40 -20.01
C37 PC1 W . -1.86 21.56 -19.66
C38 PC1 W . -2.92 21.56 -20.75
C39 PC1 W . -2.37 21.07 -22.08
O12 PC1 X . -13.73 1.57 -35.52
P PC1 X . -13.42 0.23 -36.10
O14 PC1 X . -14.03 -1.02 -35.60
O13 PC1 X . -13.66 0.27 -37.73
C11 PC1 X . -13.03 -0.68 -38.55
C12 PC1 X . -13.88 -1.94 -38.51
N PC1 X . -13.45 -3.03 -39.44
C13 PC1 X . -13.55 -2.60 -40.86
C14 PC1 X . -12.03 -3.34 -39.12
C15 PC1 X . -14.27 -4.26 -39.23
O11 PC1 X . -11.78 0.14 -36.08
C1 PC1 X . -11.10 0.62 -34.95
C2 PC1 X . -11.61 -0.10 -33.72
O21 PC1 X . -12.55 0.71 -33.01
C21 PC1 X . -13.38 0.15 -32.14
O22 PC1 X . -13.90 -0.93 -32.29
C22 PC1 X . -13.59 1.06 -30.96
C23 PC1 X . -14.63 0.62 -29.95
C24 PC1 X . -14.55 1.50 -28.70
C25 PC1 X . -13.45 1.08 -27.75
C26 PC1 X . -13.10 2.16 -26.75
C27 PC1 X . -12.39 1.70 -25.48
C28 PC1 X . -13.25 0.99 -24.44
C29 PC1 X . -14.47 1.83 -24.08
C2A PC1 X . -15.22 1.34 -22.86
C2B PC1 X . -16.43 2.23 -22.61
C2C PC1 X . -17.06 2.08 -21.22
C2D PC1 X . -16.76 3.22 -20.27
C2E PC1 X . -15.29 3.63 -20.23
C2F PC1 X . -15.08 4.84 -19.34
C2G PC1 X . -13.74 5.48 -19.58
C2H PC1 X . -13.73 6.04 -20.99
C2I PC1 X . -14.74 7.17 -21.13
C3 PC1 X . -10.49 -0.43 -32.77
O31 PC1 X . -9.80 0.77 -32.46
C31 PC1 X . -8.59 0.62 -31.95
O32 PC1 X . -7.94 -0.40 -32.04
C32 PC1 X . -8.13 1.84 -31.21
C33 PC1 X . -9.04 2.09 -30.02
C34 PC1 X . -8.65 3.36 -29.31
C35 PC1 X . -9.29 3.47 -27.93
C36 PC1 X . -8.94 4.81 -27.33
C37 PC1 X . -8.97 4.85 -25.83
C38 PC1 X . -10.39 4.64 -25.34
C39 PC1 X . -11.08 5.99 -25.30
C3A PC1 X . -12.37 6.00 -24.49
C3B PC1 X . -12.78 7.42 -24.14
C13 DU0 Y . -3.68 10.45 -26.42
C15 DU0 Y . -2.24 7.98 -27.35
C17 DU0 Y . -2.41 2.40 -29.80
C20 DU0 Y . -2.07 0.07 -31.46
C21 DU0 Y . -1.78 -1.02 -32.42
C22 DU0 Y . -1.64 -2.29 -31.60
C24 DU0 Y . -0.26 -3.85 -32.88
C26 DU0 Y . 0.79 -5.57 -34.41
C01 DU0 Y . -0.89 4.46 -28.34
C02 DU0 Y . -1.95 3.63 -27.65
C03 DU0 Y . -3.03 3.16 -28.64
C04 DU0 Y . -3.86 4.41 -28.88
C05 DU0 Y . -4.01 4.97 -27.45
C06 DU0 Y . -2.78 4.47 -26.65
C07 DU0 Y . -2.14 5.74 -26.06
C08 DU0 Y . -1.93 5.58 -24.55
C09 DU0 Y . -3.02 6.94 -26.56
C11 DU0 Y . -3.26 8.61 -24.78
C12 DU0 Y . -2.64 9.72 -25.61
C14 DU0 Y . -1.61 9.07 -26.51
C18 DU0 Y . -3.48 2.02 -30.81
C19 DU0 Y . -3.16 0.82 -31.60
C25 DU0 Y . -0.49 -5.06 -33.76
C27 DU0 Y . 1.57 -4.47 -35.12
C51 DU0 Y . 0.43 -6.66 -35.41
C75 DU0 Y . -0.40 -2.15 -30.73
C76 DU0 Y . -0.66 -1.05 -29.72
C77 DU0 Y . -1.07 0.29 -30.35
C78 DU0 Y . 0.16 0.98 -30.93
C79 DU0 Y . -1.71 1.15 -29.24
C80 DU0 Y . -0.71 1.54 -28.17
C81 DU0 Y . -1.31 2.37 -27.07
O10 DU0 Y . -3.82 7.54 -25.54
O16 DU0 Y . -4.00 6.40 -27.46
O23 DU0 Y . -1.55 -3.47 -32.42
O28 DU0 Y . 0.72 -3.92 -36.12
O52 DU0 Y . 1.63 -7.11 -36.01
C13 DU0 Z . -36.62 8.66 -14.46
C15 DU0 Z . -35.12 10.81 -17.16
C17 DU0 Z . -35.90 8.63 -23.70
C20 DU0 Z . -36.21 7.84 -26.40
C21 DU0 Z . -36.35 7.67 -27.87
C22 DU0 Z . -35.48 6.54 -28.43
C24 DU0 Z . -36.11 5.58 -30.56
C26 DU0 Z . -38.32 5.40 -31.78
C01 DU0 Z . -34.16 10.37 -21.85
C02 DU0 Z . -34.40 8.89 -21.64
C03 DU0 Z . -35.77 8.44 -22.21
C04 DU0 Z . -36.74 9.14 -21.26
C05 DU0 Z . -36.15 8.68 -19.93
C06 DU0 Z . -34.62 8.57 -20.15
C07 DU0 Z . -34.03 9.54 -19.13
C08 DU0 Z . -32.69 9.08 -18.65
C09 DU0 Z . -35.17 9.60 -18.08
C11 DU0 Z . -34.74 8.36 -16.05
C12 DU0 Z . -35.45 9.34 -15.12
C14 DU0 Z . -35.90 10.59 -15.89
C18 DU0 Z . -37.24 8.09 -24.15
C19 DU0 Z . -37.26 7.76 -25.59
C25 DU0 Z . -37.58 5.97 -30.58
C27 DU0 Z . -39.81 5.77 -31.74
C51 DU0 Z . -37.69 5.97 -33.04
C75 DU0 Z . -34.04 6.74 -27.99
C76 DU0 Z . -33.95 6.87 -26.49
C77 DU0 Z . -34.80 7.99 -25.90
C78 DU0 Z . -34.26 9.34 -26.35
C79 DU0 Z . -34.78 7.84 -24.37
C80 DU0 Z . -33.41 8.20 -23.81
C81 DU0 Z . -33.33 8.06 -22.30
O10 DU0 Z . -35.27 8.37 -17.37
O16 DU0 Z . -36.36 9.62 -18.86
O23 DU0 Z . -35.42 6.61 -29.86
O28 DU0 Z . -40.43 5.21 -32.89
O52 DU0 Z . -37.82 7.38 -32.98
O12 PC1 AA . -5.22 -22.37 18.96
P PC1 AA . -5.92 -23.05 17.83
O14 PC1 AA . -5.73 -24.50 17.52
O13 PC1 AA . -7.55 -22.86 17.99
C11 PC1 AA . -8.40 -23.98 17.86
C12 PC1 AA . -9.80 -23.46 18.15
N PC1 AA . -10.87 -24.52 18.22
C13 PC1 AA . -12.19 -23.94 18.58
C14 PC1 AA . -10.98 -25.14 16.87
C15 PC1 AA . -10.50 -25.58 19.20
O11 PC1 AA . -5.58 -22.12 16.51
C1 PC1 AA . -6.44 -22.10 15.39
C2 PC1 AA . -6.17 -23.32 14.52
O21 PC1 AA . -5.68 -22.94 13.23
C21 PC1 AA . -4.70 -23.65 12.70
O22 PC1 AA . -4.24 -24.64 13.20
C22 PC1 AA . -4.24 -23.05 11.39
C23 PC1 AA . -4.34 -23.93 10.17
C24 PC1 AA . -5.78 -24.30 9.83
C25 PC1 AA . -5.89 -25.21 8.60
C26 PC1 AA . -5.18 -24.63 7.39
C27 PC1 AA . -5.57 -25.26 6.07
C28 PC1 AA . -5.48 -26.78 6.08
C29 PC1 AA . -4.04 -27.27 5.99
C2A PC1 AA . -3.43 -27.01 4.61
C2B PC1 AA . -4.23 -27.65 3.49
C2C PC1 AA . -4.21 -29.16 3.53
C2D PC1 AA . -2.92 -29.79 3.00
C2E PC1 AA . -2.66 -29.44 1.54
C2F PC1 AA . -1.41 -30.11 1.00
C3 PC1 AA . -7.45 -24.10 14.30
O31 PC1 AA . -7.35 -24.77 13.05
C31 PC1 AA . -7.78 -26.03 13.06
O32 PC1 AA . -8.26 -26.52 14.04
C32 PC1 AA . -7.62 -26.69 11.73
C33 PC1 AA . -8.08 -28.14 11.77
C34 PC1 AA . -8.17 -28.81 10.40
C35 PC1 AA . -9.09 -28.07 9.44
C36 PC1 AA . -9.38 -28.88 8.19
C37 PC1 AA . -8.15 -29.54 7.60
C38 PC1 AA . -8.47 -30.34 6.34
C39 PC1 AA . -7.30 -31.17 5.86
C3A PC1 AA . -7.59 -31.91 4.57
C3B PC1 AA . -6.51 -32.94 4.24
C3C PC1 AA . -6.53 -34.10 5.23
C3D PC1 AA . -7.82 -34.90 5.26
O12 PC1 BA . -24.48 -18.84 20.45
P PC1 BA . -25.17 -18.07 19.37
O14 PC1 BA . -26.63 -17.80 19.33
O13 PC1 BA . -24.46 -16.58 19.25
C11 PC1 BA . -23.09 -16.52 19.02
C12 PC1 BA . -22.94 -15.95 17.60
N PC1 BA . -23.27 -14.50 17.39
C13 PC1 BA . -24.74 -14.20 17.46
C14 PC1 BA . -22.57 -13.73 18.44
C15 PC1 BA . -22.78 -14.06 16.06
O11 PC1 BA . -24.64 -18.69 17.95
C1 PC1 BA . -25.53 -18.87 16.88
C2 PC1 BA . -24.98 -19.94 15.96
O21 PC1 BA . -25.69 -21.18 16.06
C21 PC1 BA . -26.99 -21.20 15.79
O22 PC1 BA . -27.51 -20.54 14.94
C22 PC1 BA . -27.71 -22.17 16.69
C23 PC1 BA . -29.21 -22.18 16.51
C24 PC1 BA . -29.65 -22.94 15.27
C25 PC1 BA . -29.84 -24.42 15.55
C26 PC1 BA . -30.56 -25.16 14.41
C3 PC1 BA . -23.52 -20.25 16.26
O31 PC1 BA . -22.83 -20.03 15.04
C31 PC1 BA . -22.28 -21.05 14.37
O32 PC1 BA . -21.73 -20.88 13.32
C32 PC1 BA . -22.36 -22.35 15.10
C33 PC1 BA . -23.13 -23.43 14.35
C34 PC1 BA . -23.35 -24.62 15.28
C35 PC1 BA . -24.25 -25.72 14.70
C36 PC1 BA . -25.58 -25.16 14.22
C37 PC1 BA . -26.70 -26.19 14.16
C38 PC1 BA . -26.33 -27.46 13.40
C39 PC1 BA . -26.40 -27.32 11.90
C13 DU0 CA . -37.49 4.27 -11.64
C15 DU0 CA . -34.82 5.34 -13.87
C17 DU0 CA . -37.08 4.32 -20.18
C20 DU0 CA . -38.04 3.91 -22.87
C21 DU0 CA . -38.44 3.88 -24.31
C22 DU0 CA . -38.20 2.48 -24.86
C24 DU0 CA . -38.96 1.16 -26.69
C26 DU0 CA . -41.14 1.67 -27.83
C01 DU0 CA . -34.75 5.04 -18.38
C02 DU0 CA . -35.44 3.70 -18.34
C03 DU0 CA . -36.92 3.83 -18.77
C04 DU0 CA . -37.50 4.62 -17.59
C05 DU0 CA . -36.92 3.82 -16.41
C06 DU0 CA . -35.57 3.21 -16.88
C07 DU0 CA . -34.54 3.71 -15.86
C08 DU0 CA . -33.58 2.62 -15.46
C09 DU0 CA . -35.43 4.20 -14.69
C11 DU0 CA . -35.44 3.16 -12.52
C12 DU0 CA . -36.00 4.40 -11.84
C14 DU0 CA . -35.67 5.65 -12.66
C18 DU0 CA . -38.56 4.47 -20.50
C19 DU0 CA . -38.91 4.26 -21.92
C25 DU0 CA . -39.66 1.39 -28.01
C27 DU0 CA . -41.43 2.93 -26.99
C51 DU0 CA . -41.80 1.80 -29.20
C75 DU0 CA . -36.72 2.13 -24.73
C76 DU0 CA . -36.33 2.16 -23.27
C77 DU0 CA . -36.63 3.49 -22.57
C78 DU0 CA . -35.69 4.57 -23.10
C79 DU0 CA . -36.42 3.26 -21.06
C80 DU0 CA . -34.96 3.10 -20.72
C81 DU0 CA . -34.77 2.70 -19.27
O10 DU0 CA . -35.80 3.08 -13.89
O16 DU0 CA . -36.65 4.65 -15.28
O23 DU0 CA . -38.47 2.43 -26.27
O28 DU0 CA . -40.75 4.01 -27.59
O52 DU0 CA . -41.60 0.58 -29.89
C13 DU0 DA . -40.76 -0.79 -8.75
C15 DU0 DA . -41.16 0.89 -12.14
C17 DU0 DA . -42.23 0.55 -17.78
C20 DU0 DA . -43.17 0.20 -20.48
C21 DU0 DA . -43.74 0.14 -21.86
C22 DU0 DA . -42.66 -0.22 -22.88
C24 DU0 DA . -42.30 -0.79 -25.16
C26 DU0 DA . -43.95 -2.54 -26.02
C01 DU0 DA . -40.85 2.28 -15.60
C02 DU0 DA . -40.25 1.01 -16.19
C03 DU0 DA . -41.34 0.03 -16.67
C04 DU0 DA . -41.92 -0.47 -15.36
C05 DU0 DA . -40.60 -0.96 -14.76
C06 DU0 DA . -39.55 0.14 -15.11
C07 DU0 DA . -39.15 0.74 -13.75
C08 DU0 DA . -37.68 0.52 -13.51
C09 DU0 DA . -40.05 0.01 -12.71
C11 DU0 DA . -39.20 0.16 -10.45
C12 DU0 DA . -40.55 0.31 -9.76
C14 DU0 DA . -41.66 0.34 -10.81
C18 DU0 DA . -43.29 -0.49 -18.08
C19 DU0 DA . -43.69 -0.55 -19.51
C25 DU0 DA . -43.13 -1.30 -26.34
C27 DU0 DA . -45.25 -2.25 -25.29
C51 DU0 DA . -44.24 -3.29 -27.32
C75 DU0 DA . -41.55 0.83 -22.80
C76 DU0 DA . -40.97 0.88 -21.41
C77 DU0 DA . -41.98 1.11 -20.28
C78 DU0 DA . -42.45 2.56 -20.31
C79 DU0 DA . -41.27 0.78 -18.96
C80 DU0 DA . -40.24 1.81 -18.56
C81 DU0 DA . -39.39 1.35 -17.39
O10 DU0 DA . -39.27 -0.57 -11.68
O16 DU0 DA . -40.66 -1.10 -13.34
O23 DU0 DA . -43.17 -0.16 -24.21
O28 DU0 DA . -46.00 -1.32 -26.07
O52 DU0 DA . -43.01 -3.67 -27.91
O12 PC1 EA . -9.37 17.92 -7.99
P PC1 EA . -10.09 18.28 -9.24
O14 PC1 EA . -11.57 18.33 -9.35
O13 PC1 EA . -9.61 19.77 -9.75
C11 PC1 EA . -8.25 20.08 -9.88
C12 PC1 EA . -7.79 20.57 -8.50
N PC1 EA . -6.49 21.31 -8.50
C13 PC1 EA . -6.07 21.64 -7.11
C14 PC1 EA . -5.45 20.43 -9.10
C15 PC1 EA . -6.60 22.55 -9.31
O11 PC1 EA . -9.42 17.34 -10.43
C1 PC1 EA . -10.00 16.12 -10.84
C2 PC1 EA . -11.20 16.33 -11.74
O21 PC1 EA . -11.46 15.19 -12.56
C21 PC1 EA . -12.26 14.23 -12.13
O22 PC1 EA . -12.01 13.49 -11.22
C22 PC1 EA . -13.55 14.22 -12.91
C23 PC1 EA . -14.35 12.92 -12.81
C24 PC1 EA . -13.96 11.94 -13.92
C3 PC1 EA . -11.00 17.47 -12.71
O31 PC1 EA . -10.80 16.91 -14.00
C31 PC1 EA . -11.81 16.89 -14.87
O32 PC1 EA . -12.63 17.79 -14.95
C32 PC1 EA . -11.81 15.64 -15.70
C33 PC1 EA . -12.91 15.54 -16.74
C34 PC1 EA . -12.70 16.54 -17.88
#